data_5CTB
#
_entry.id   5CTB
#
_cell.length_a   245.853
_cell.length_b   124.381
_cell.length_c   145.674
_cell.angle_alpha   90.000
_cell.angle_beta   94.390
_cell.angle_gamma   90.000
#
_symmetry.space_group_name_H-M   'C 1 2 1'
#
loop_
_entity.id
_entity.type
_entity.pdbx_description
1 polymer 'Acetyl-CoA carboxylase'
2 non-polymer "6,7-dimethyl-1'-[(7-methyl-1H-indazol-5-yl)carbonyl]spiro[chromene-2,4'-piperidin]-4(3H)-one"
3 non-polymer 'SULFATE ION'
4 water water
#
_entity_poly.entity_id   1
_entity_poly.type   'polypeptide(L)'
_entity_poly.pdbx_seq_one_letter_code
;MASGSMHLRPIATPYPVKEWLQPKRYKAHLMGTTYVYDFPELFRQASSSQWKNFSADVKLTDDFFISNELIEDENGELTE
VEREPGANAIGMVAFKITVKTPEYPRGRQFVVVANDITFKIGSFGPQEDEFFNKVTEYARKRGIPRIYLAANSGARIGMA
EEIVPLFQVAWNDAANPDKGFQYLYLTSEGMETLKKFDKENSVLTERTVINGEERFVIKTIIGSEDGLGVECLRGSGLIA
GATSRAYHDIFTITLVTCRSVGIGAYLVRLGQRAIQVEGQPIILTGASALNKVLGREVYTSNLQLGGTQIMYNNGVSHLT
AVDDLAGVEKIVEWMSYVPAKRNMPVPILETKDTWDRPVDFTPTNDETYDVRWMIEGRETESGFEYGLFDKGSFFETLSG
WAKGVVVGRARLGGIPLGVIGVETRTVENLIPADPANPNSAETLIQQAGQVWFPNSAFKTAQAINDFNNGEQLPMMILAN
WRGFSGGQRDMFNEVLKYGSFIVDALVDYKQPIIIYIPPTGELRGGSWVVVDPTINADQMEMYADVNARAGVLEPEGTVE
IKFRREKLLDTMNRLDDKYRELRSQLSNKSLAPEVHQQISKQLADRERELLPIYGQISLQFADLHDRSSRMVAKGVISKE
LEWTEARRFFFWRLRRRLNEEYLIKRLSHQVGEASRLEKIARIRSWYPASVDHEDDRQVATWIEENYKTLDDKLKGLKLE
SFAQDLAKKIRSDHDNAIDGLSEVIKMLSTDDKEKLLKTLKLEHHHHHH
;
_entity_poly.pdbx_strand_id   A,B,C
#
loop_
_chem_comp.id
_chem_comp.type
_chem_comp.name
_chem_comp.formula
57J non-polymer 6,7-dimethyl-1'-[(7-methyl-1H-indazol-5-yl)carbonyl]spiro[chromene-2,4'-piperidin]-4(3H)-one 'C24 H25 N3 O3'
SO4 non-polymer 'SULFATE ION' 'O4 S -2'
#
# COMPACT_ATOMS: atom_id res chain seq x y z
N LEU A 8 18.52 5.10 -80.16
CA LEU A 8 18.94 5.47 -78.81
C LEU A 8 19.44 6.90 -78.71
N ARG A 9 18.73 7.69 -77.91
CA ARG A 9 18.97 9.09 -77.64
C ARG A 9 18.66 9.33 -76.14
N PRO A 10 19.60 9.94 -75.37
CA PRO A 10 20.94 10.36 -75.78
C PRO A 10 21.95 9.23 -75.70
N ILE A 11 23.08 9.40 -76.38
CA ILE A 11 24.19 8.43 -76.38
C ILE A 11 25.18 8.85 -75.27
N ALA A 12 26.00 7.90 -74.79
CA ALA A 12 27.06 8.15 -73.80
C ALA A 12 26.57 8.68 -72.42
N THR A 13 25.50 8.07 -71.90
CA THR A 13 25.04 8.40 -70.54
C THR A 13 25.77 7.46 -69.58
N PRO A 14 26.08 7.88 -68.32
CA PRO A 14 26.75 6.96 -67.37
C PRO A 14 25.99 5.67 -67.13
N TYR A 15 24.64 5.74 -67.07
CA TYR A 15 23.77 4.58 -66.83
C TYR A 15 22.75 4.38 -67.94
N PRO A 16 22.08 3.20 -68.05
CA PRO A 16 21.10 3.01 -69.15
C PRO A 16 19.97 4.05 -69.21
N VAL A 17 19.55 4.40 -70.43
CA VAL A 17 18.46 5.35 -70.71
C VAL A 17 17.12 4.61 -70.51
N LYS A 18 16.52 4.78 -69.32
CA LYS A 18 15.26 4.18 -68.91
C LYS A 18 14.11 4.50 -69.88
N GLU A 19 14.11 5.73 -70.45
CA GLU A 19 13.11 6.15 -71.43
C GLU A 19 13.30 5.46 -72.79
N TRP A 20 14.44 4.83 -73.01
CA TRP A 20 14.71 4.09 -74.22
C TRP A 20 14.43 2.58 -73.99
N LEU A 21 14.82 2.06 -72.80
CA LEU A 21 14.59 0.67 -72.39
C LEU A 21 13.06 0.39 -72.43
N GLN A 22 12.27 1.38 -71.98
CA GLN A 22 10.84 1.42 -71.99
C GLN A 22 10.36 2.74 -72.64
N PRO A 23 10.09 2.76 -73.96
CA PRO A 23 9.57 3.99 -74.60
C PRO A 23 8.28 4.55 -73.97
N LYS A 24 7.47 3.68 -73.31
CA LYS A 24 6.24 4.09 -72.62
C LYS A 24 6.53 5.11 -71.50
N ARG A 25 7.67 4.97 -70.79
CA ARG A 25 8.13 5.92 -69.76
C ARG A 25 8.29 7.30 -70.36
N TYR A 26 8.84 7.37 -71.59
CA TYR A 26 9.03 8.64 -72.31
C TYR A 26 7.70 9.26 -72.74
N LYS A 27 6.75 8.43 -73.23
CA LYS A 27 5.38 8.87 -73.57
C LYS A 27 4.70 9.51 -72.34
N ALA A 28 4.81 8.85 -71.14
CA ALA A 28 4.24 9.40 -69.89
C ALA A 28 4.83 10.77 -69.59
N HIS A 29 6.17 10.91 -69.70
CA HIS A 29 6.85 12.18 -69.45
C HIS A 29 6.42 13.24 -70.42
N LEU A 30 6.25 12.89 -71.73
CA LEU A 30 5.77 13.87 -72.72
C LEU A 30 4.40 14.43 -72.36
N MET A 31 3.57 13.61 -71.70
CA MET A 31 2.23 14.02 -71.23
C MET A 31 2.20 14.66 -69.83
N GLY A 32 3.37 14.98 -69.29
CA GLY A 32 3.52 15.70 -68.04
C GLY A 32 3.23 14.97 -66.76
N THR A 33 3.43 13.64 -66.73
CA THR A 33 3.19 12.82 -65.54
C THR A 33 4.31 11.76 -65.39
N THR A 34 4.35 11.10 -64.22
CA THR A 34 5.25 10.02 -63.88
C THR A 34 4.72 8.78 -64.56
N TYR A 35 5.62 7.97 -65.06
CA TYR A 35 5.31 6.68 -65.66
C TYR A 35 4.81 5.79 -64.52
N VAL A 36 3.63 5.16 -64.73
CA VAL A 36 2.93 4.35 -63.74
C VAL A 36 3.90 3.39 -62.96
N TYR A 37 4.81 2.70 -63.65
CA TYR A 37 5.75 1.79 -62.97
C TYR A 37 6.83 2.49 -62.14
N ASP A 38 6.91 3.83 -62.19
CA ASP A 38 7.84 4.59 -61.37
C ASP A 38 7.21 5.16 -60.08
N PHE A 39 5.89 4.96 -59.89
CA PHE A 39 5.17 5.46 -58.70
C PHE A 39 5.57 4.71 -57.42
N PRO A 40 5.79 3.38 -57.41
CA PRO A 40 6.28 2.73 -56.19
C PRO A 40 7.58 3.35 -55.65
N GLU A 41 8.50 3.79 -56.56
CA GLU A 41 9.74 4.49 -56.20
C GLU A 41 9.44 5.81 -55.49
N LEU A 42 8.42 6.57 -55.96
CA LEU A 42 7.97 7.81 -55.30
C LEU A 42 7.46 7.55 -53.87
N PHE A 43 6.76 6.41 -53.65
CA PHE A 43 6.26 6.00 -52.34
C PHE A 43 7.42 5.61 -51.44
N ARG A 44 8.45 4.94 -52.00
CA ARG A 44 9.69 4.60 -51.27
C ARG A 44 10.42 5.91 -50.81
N GLN A 45 10.63 6.86 -51.73
CA GLN A 45 11.19 8.18 -51.43
C GLN A 45 10.44 8.93 -50.35
N ALA A 46 9.08 8.98 -50.46
CA ALA A 46 8.20 9.68 -49.51
C ALA A 46 8.21 9.01 -48.14
N SER A 47 8.25 7.66 -48.11
CA SER A 47 8.29 6.88 -46.87
C SER A 47 9.65 7.06 -46.17
N SER A 48 10.75 7.09 -46.96
CA SER A 48 12.09 7.33 -46.47
C SER A 48 12.15 8.73 -45.82
N SER A 49 11.56 9.76 -46.47
CA SER A 49 11.49 11.12 -45.92
C SER A 49 10.73 11.19 -44.60
N GLN A 50 9.67 10.37 -44.44
CA GLN A 50 8.84 10.30 -43.23
C GLN A 50 9.74 9.94 -42.05
N TRP A 51 10.64 8.97 -42.25
CA TRP A 51 11.59 8.52 -41.24
C TRP A 51 12.59 9.62 -40.91
N LYS A 52 13.11 10.32 -41.93
CA LYS A 52 14.04 11.45 -41.80
C LYS A 52 13.47 12.56 -40.92
N ASN A 53 12.22 13.00 -41.20
CA ASN A 53 11.59 14.05 -40.40
C ASN A 53 11.16 13.55 -39.02
N PHE A 54 11.06 12.23 -38.82
CA PHE A 54 10.69 11.68 -37.52
C PHE A 54 11.94 11.52 -36.62
N SER A 55 12.92 10.73 -37.07
CA SER A 55 14.16 10.47 -36.36
C SER A 55 15.28 10.41 -37.40
N ALA A 56 15.99 11.53 -37.55
CA ALA A 56 17.08 11.72 -38.51
C ALA A 56 18.18 10.63 -38.42
N ASP A 57 18.39 10.10 -37.20
CA ASP A 57 19.39 9.09 -36.90
C ASP A 57 19.03 7.64 -37.30
N VAL A 58 17.75 7.32 -37.58
CA VAL A 58 17.40 5.93 -37.94
C VAL A 58 18.02 5.54 -39.29
N LYS A 59 18.52 4.30 -39.33
CA LYS A 59 19.16 3.73 -40.49
C LYS A 59 18.19 2.81 -41.19
N LEU A 60 17.82 3.19 -42.40
CA LEU A 60 16.87 2.46 -43.21
C LEU A 60 17.55 1.60 -44.25
N THR A 61 17.09 0.36 -44.38
CA THR A 61 17.53 -0.57 -45.42
C THR A 61 16.36 -0.73 -46.39
N ASP A 62 16.62 -1.20 -47.62
CA ASP A 62 15.58 -1.34 -48.65
C ASP A 62 14.44 -2.31 -48.28
N ASP A 63 14.61 -3.18 -47.27
CA ASP A 63 13.53 -4.08 -46.83
C ASP A 63 12.45 -3.37 -45.96
N PHE A 64 12.60 -2.06 -45.70
CA PHE A 64 11.60 -1.28 -44.97
C PHE A 64 10.37 -1.03 -45.93
N PHE A 65 10.58 -1.16 -47.24
CA PHE A 65 9.57 -0.92 -48.24
C PHE A 65 9.56 -2.04 -49.28
N ILE A 66 8.40 -2.68 -49.47
CA ILE A 66 8.17 -3.71 -50.48
C ILE A 66 6.99 -3.29 -51.36
N SER A 67 7.15 -3.40 -52.68
CA SER A 67 6.10 -3.10 -53.64
C SER A 67 5.99 -4.27 -54.58
N ASN A 68 4.81 -4.90 -54.63
CA ASN A 68 4.53 -6.03 -55.50
C ASN A 68 3.38 -5.71 -56.40
N GLU A 69 3.56 -5.85 -57.73
CA GLU A 69 2.47 -5.60 -58.66
C GLU A 69 1.38 -6.68 -58.51
N LEU A 70 0.11 -6.27 -58.64
CA LEU A 70 -1.03 -7.16 -58.58
C LEU A 70 -1.58 -7.32 -59.98
N ILE A 71 -1.77 -8.56 -60.41
CA ILE A 71 -2.37 -8.85 -61.72
C ILE A 71 -3.39 -9.98 -61.51
N GLU A 72 -4.33 -10.16 -62.43
CA GLU A 72 -5.29 -11.25 -62.29
C GLU A 72 -4.72 -12.55 -62.86
N ASP A 73 -4.90 -13.67 -62.14
CA ASP A 73 -4.50 -14.99 -62.62
C ASP A 73 -5.50 -15.49 -63.71
N GLU A 74 -5.46 -16.82 -64.04
CA GLU A 74 -6.34 -17.42 -65.08
C GLU A 74 -7.81 -17.39 -64.67
N ASN A 75 -8.07 -17.56 -63.37
CA ASN A 75 -9.40 -17.56 -62.74
C ASN A 75 -9.90 -16.13 -62.38
N GLY A 76 -9.13 -15.09 -62.77
CA GLY A 76 -9.44 -13.69 -62.49
C GLY A 76 -9.13 -13.27 -61.06
N GLU A 77 -8.39 -14.10 -60.33
CA GLU A 77 -8.02 -13.79 -58.95
C GLU A 77 -6.71 -13.03 -58.90
N LEU A 78 -6.65 -11.95 -58.09
CA LEU A 78 -5.43 -11.15 -58.01
C LEU A 78 -4.29 -11.87 -57.35
N THR A 79 -3.09 -11.83 -57.97
CA THR A 79 -1.86 -12.42 -57.45
C THR A 79 -0.71 -11.45 -57.61
N GLU A 80 0.27 -11.55 -56.71
CA GLU A 80 1.48 -10.72 -56.73
C GLU A 80 2.45 -11.25 -57.79
N VAL A 81 3.01 -10.34 -58.60
CA VAL A 81 3.97 -10.67 -59.64
C VAL A 81 5.19 -9.77 -59.61
N GLU A 82 6.29 -10.27 -60.20
CA GLU A 82 7.55 -9.56 -60.38
C GLU A 82 7.82 -9.68 -61.87
N ARG A 83 7.62 -8.58 -62.58
CA ARG A 83 7.79 -8.58 -64.03
C ARG A 83 8.40 -7.24 -64.49
N GLU A 84 8.71 -7.12 -65.77
CA GLU A 84 9.29 -5.90 -66.31
C GLU A 84 8.23 -4.85 -66.56
N PRO A 85 8.53 -3.55 -66.30
CA PRO A 85 7.54 -2.49 -66.62
C PRO A 85 7.10 -2.49 -68.08
N GLY A 86 5.85 -2.12 -68.33
CA GLY A 86 5.32 -2.06 -69.68
C GLY A 86 4.74 -3.36 -70.23
N ALA A 87 4.75 -4.42 -69.42
CA ALA A 87 4.18 -5.73 -69.81
C ALA A 87 2.65 -5.77 -69.59
N ASN A 88 2.05 -4.67 -69.07
CA ASN A 88 0.60 -4.61 -68.81
C ASN A 88 -0.22 -4.74 -70.07
N ALA A 89 -1.10 -5.76 -70.11
CA ALA A 89 -2.01 -5.99 -71.23
C ALA A 89 -3.28 -5.13 -71.11
N ILE A 90 -3.50 -4.46 -69.95
CA ILE A 90 -4.61 -3.52 -69.73
C ILE A 90 -4.08 -2.17 -69.27
N GLY A 91 -4.89 -1.13 -69.40
CA GLY A 91 -4.53 0.25 -69.01
C GLY A 91 -4.70 0.65 -67.56
N MET A 92 -4.74 -0.35 -66.65
CA MET A 92 -4.89 -0.16 -65.22
C MET A 92 -3.89 -1.08 -64.57
N VAL A 93 -3.14 -0.54 -63.60
CA VAL A 93 -2.07 -1.25 -62.90
C VAL A 93 -2.29 -1.11 -61.39
N ALA A 94 -1.83 -2.09 -60.62
CA ALA A 94 -1.98 -2.00 -59.16
C ALA A 94 -0.76 -2.58 -58.49
N PHE A 95 -0.48 -2.11 -57.28
CA PHE A 95 0.63 -2.53 -56.44
C PHE A 95 0.16 -2.72 -55.04
N LYS A 96 0.69 -3.72 -54.36
CA LYS A 96 0.45 -3.90 -52.93
C LYS A 96 1.77 -3.47 -52.29
N ILE A 97 1.69 -2.45 -51.43
CA ILE A 97 2.83 -1.88 -50.74
C ILE A 97 2.84 -2.30 -49.27
N THR A 98 4.02 -2.76 -48.78
CA THR A 98 4.25 -3.10 -47.38
C THR A 98 5.40 -2.19 -46.94
N VAL A 99 5.11 -1.27 -46.00
CA VAL A 99 6.06 -0.29 -45.52
C VAL A 99 6.14 -0.25 -44.02
N LYS A 100 7.37 -0.15 -43.50
CA LYS A 100 7.60 0.10 -42.07
C LYS A 100 7.62 1.62 -41.97
N THR A 101 6.79 2.17 -41.10
CA THR A 101 6.67 3.64 -40.97
C THR A 101 6.84 4.00 -39.50
N PRO A 102 7.10 5.29 -39.12
CA PRO A 102 7.18 5.62 -37.69
C PRO A 102 5.98 5.15 -36.84
N GLU A 103 4.73 5.24 -37.37
CA GLU A 103 3.49 4.80 -36.66
C GLU A 103 3.40 3.27 -36.66
N TYR A 104 3.88 2.62 -37.72
CA TYR A 104 3.86 1.15 -37.86
C TYR A 104 5.25 0.60 -38.19
N PRO A 105 6.18 0.60 -37.21
CA PRO A 105 7.57 0.17 -37.50
C PRO A 105 7.71 -1.29 -37.93
N ARG A 106 6.72 -2.14 -37.66
CA ARG A 106 6.71 -3.55 -38.07
C ARG A 106 6.02 -3.70 -39.43
N GLY A 107 5.41 -2.61 -39.94
CA GLY A 107 4.78 -2.64 -41.26
C GLY A 107 3.28 -2.36 -41.33
N ARG A 108 2.87 -1.65 -42.38
CA ARG A 108 1.49 -1.35 -42.74
C ARG A 108 1.36 -1.59 -44.23
N GLN A 109 0.17 -1.99 -44.68
CA GLN A 109 -0.06 -2.26 -46.10
C GLN A 109 -1.14 -1.38 -46.70
N PHE A 110 -1.07 -1.20 -48.01
CA PHE A 110 -2.06 -0.46 -48.79
C PHE A 110 -1.96 -0.89 -50.22
N VAL A 111 -2.98 -0.55 -51.01
CA VAL A 111 -2.97 -0.88 -52.43
C VAL A 111 -2.91 0.43 -53.20
N VAL A 112 -2.18 0.42 -54.30
CA VAL A 112 -2.14 1.59 -55.16
C VAL A 112 -2.70 1.09 -56.47
N VAL A 113 -3.76 1.75 -56.99
CA VAL A 113 -4.36 1.46 -58.29
C VAL A 113 -4.05 2.67 -59.12
N ALA A 114 -3.72 2.49 -60.39
CA ALA A 114 -3.38 3.61 -61.22
C ALA A 114 -3.73 3.36 -62.66
N ASN A 115 -4.14 4.42 -63.35
CA ASN A 115 -4.34 4.30 -64.80
C ASN A 115 -2.97 4.37 -65.44
N ASP A 116 -2.80 3.76 -66.61
CA ASP A 116 -1.59 3.89 -67.40
C ASP A 116 -1.95 4.82 -68.54
N ILE A 117 -1.55 6.11 -68.44
CA ILE A 117 -1.85 7.14 -69.46
C ILE A 117 -1.24 6.78 -70.86
N THR A 118 -0.26 5.86 -70.90
CA THR A 118 0.43 5.41 -72.13
C THR A 118 -0.38 4.30 -72.83
N PHE A 119 -1.32 3.67 -72.11
CA PHE A 119 -2.16 2.60 -72.66
C PHE A 119 -3.49 3.22 -73.08
N LYS A 120 -3.67 3.36 -74.40
CA LYS A 120 -4.90 3.91 -74.99
C LYS A 120 -5.38 5.18 -74.27
N ILE A 121 -4.46 6.14 -74.08
CA ILE A 121 -4.61 7.47 -73.46
C ILE A 121 -5.28 7.38 -72.03
N GLY A 122 -5.01 6.28 -71.34
CA GLY A 122 -5.53 6.02 -70.01
C GLY A 122 -7.04 5.88 -69.96
N SER A 123 -7.68 5.51 -71.08
CA SER A 123 -9.13 5.36 -71.19
C SER A 123 -9.59 4.14 -70.38
N PHE A 124 -10.83 4.18 -69.91
CA PHE A 124 -11.41 3.07 -69.15
C PHE A 124 -12.24 2.19 -70.07
N GLY A 125 -11.73 1.01 -70.35
CA GLY A 125 -12.47 0.00 -71.10
C GLY A 125 -13.03 -0.98 -70.10
N PRO A 126 -13.84 -1.96 -70.54
CA PRO A 126 -14.42 -2.94 -69.57
C PRO A 126 -13.42 -3.72 -68.71
N GLN A 127 -12.24 -4.02 -69.25
CA GLN A 127 -11.21 -4.79 -68.53
C GLN A 127 -10.53 -3.95 -67.45
N GLU A 128 -10.35 -2.65 -67.71
CA GLU A 128 -9.81 -1.69 -66.75
C GLU A 128 -10.82 -1.50 -65.59
N ASP A 129 -12.12 -1.43 -65.92
CA ASP A 129 -13.21 -1.28 -64.94
C ASP A 129 -13.30 -2.51 -64.05
N GLU A 130 -13.21 -3.69 -64.65
CA GLU A 130 -13.25 -4.96 -63.94
C GLU A 130 -12.07 -5.09 -62.99
N PHE A 131 -10.86 -4.71 -63.45
CA PHE A 131 -9.65 -4.81 -62.63
C PHE A 131 -9.67 -3.81 -61.48
N PHE A 132 -10.08 -2.55 -61.75
CA PHE A 132 -10.21 -1.51 -60.73
C PHE A 132 -11.15 -1.98 -59.62
N ASN A 133 -12.30 -2.58 -60.00
CA ASN A 133 -13.30 -3.10 -59.09
C ASN A 133 -12.75 -4.26 -58.25
N LYS A 134 -12.02 -5.20 -58.89
CA LYS A 134 -11.40 -6.34 -58.21
C LYS A 134 -10.37 -5.86 -57.16
N VAL A 135 -9.56 -4.84 -57.50
CA VAL A 135 -8.55 -4.25 -56.60
C VAL A 135 -9.23 -3.54 -55.43
N THR A 136 -10.34 -2.84 -55.69
CA THR A 136 -11.10 -2.16 -54.64
C THR A 136 -11.67 -3.19 -53.67
N GLU A 137 -12.21 -4.31 -54.18
CA GLU A 137 -12.76 -5.38 -53.34
C GLU A 137 -11.67 -6.08 -52.53
N TYR A 138 -10.49 -6.24 -53.14
CA TYR A 138 -9.29 -6.80 -52.52
C TYR A 138 -8.91 -6.00 -51.26
N ALA A 139 -8.87 -4.65 -51.39
CA ALA A 139 -8.53 -3.74 -50.29
C ALA A 139 -9.63 -3.72 -49.24
N ARG A 140 -10.89 -3.71 -49.68
CA ARG A 140 -12.05 -3.72 -48.77
C ARG A 140 -12.12 -4.95 -47.90
N LYS A 141 -11.84 -6.13 -48.48
CA LYS A 141 -11.84 -7.41 -47.76
C LYS A 141 -10.75 -7.41 -46.69
N ARG A 142 -9.58 -6.87 -47.01
CA ARG A 142 -8.45 -6.83 -46.09
C ARG A 142 -8.49 -5.64 -45.12
N GLY A 143 -9.37 -4.66 -45.36
CA GLY A 143 -9.51 -3.44 -44.57
C GLY A 143 -8.41 -2.40 -44.80
N ILE A 144 -7.60 -2.58 -45.84
CA ILE A 144 -6.44 -1.74 -46.08
C ILE A 144 -6.73 -0.54 -47.00
N PRO A 145 -5.99 0.59 -46.84
CA PRO A 145 -6.25 1.76 -47.69
C PRO A 145 -6.12 1.53 -49.20
N ARG A 146 -6.92 2.26 -49.98
CA ARG A 146 -6.86 2.18 -51.44
C ARG A 146 -6.49 3.54 -51.95
N ILE A 147 -5.33 3.65 -52.56
CA ILE A 147 -4.83 4.88 -53.14
C ILE A 147 -5.11 4.77 -54.60
N TYR A 148 -5.70 5.79 -55.20
CA TYR A 148 -5.90 5.79 -56.64
C TYR A 148 -5.10 6.93 -57.28
N LEU A 149 -4.34 6.62 -58.32
CA LEU A 149 -3.57 7.62 -59.06
C LEU A 149 -4.24 7.84 -60.39
N ALA A 150 -4.93 8.94 -60.52
CA ALA A 150 -5.73 9.34 -61.67
C ALA A 150 -4.94 10.01 -62.81
N ALA A 151 -4.91 9.38 -64.00
CA ALA A 151 -4.27 9.87 -65.26
C ALA A 151 -5.06 9.21 -66.38
N ASN A 152 -6.15 9.85 -66.82
CA ASN A 152 -7.04 9.17 -67.76
C ASN A 152 -7.77 10.07 -68.73
N SER A 153 -8.51 9.43 -69.65
CA SER A 153 -9.32 10.11 -70.67
C SER A 153 -10.80 9.75 -70.60
N GLY A 154 -11.24 9.19 -69.47
CA GLY A 154 -12.63 8.78 -69.28
C GLY A 154 -12.88 7.45 -69.93
N ALA A 155 -14.18 7.11 -70.15
CA ALA A 155 -14.60 5.85 -70.79
C ALA A 155 -14.06 5.76 -72.21
N ARG A 156 -13.66 4.56 -72.61
CA ARG A 156 -13.12 4.33 -73.94
C ARG A 156 -14.19 4.51 -75.01
N ILE A 157 -13.84 5.23 -76.09
CA ILE A 157 -14.75 5.48 -77.20
C ILE A 157 -14.20 4.78 -78.46
N GLY A 158 -15.10 4.31 -79.31
CA GLY A 158 -14.75 3.62 -80.54
C GLY A 158 -15.91 3.37 -81.48
N MET A 159 -15.58 2.91 -82.69
CA MET A 159 -16.54 2.52 -83.72
C MET A 159 -16.17 1.13 -84.24
N ALA A 160 -17.09 0.49 -84.96
CA ALA A 160 -16.83 -0.80 -85.58
C ALA A 160 -16.00 -0.46 -86.85
N GLU A 161 -14.67 -0.61 -86.73
CA GLU A 161 -13.72 -0.24 -87.78
C GLU A 161 -13.83 -1.14 -89.02
N GLU A 162 -14.22 -2.42 -88.81
CA GLU A 162 -14.45 -3.42 -89.86
C GLU A 162 -15.64 -3.06 -90.80
N ILE A 163 -16.58 -2.20 -90.35
CA ILE A 163 -17.76 -1.78 -91.13
C ILE A 163 -17.47 -0.49 -91.91
N VAL A 164 -16.40 0.25 -91.52
CA VAL A 164 -15.96 1.48 -92.19
C VAL A 164 -15.61 1.23 -93.70
N PRO A 165 -14.83 0.17 -94.09
CA PRO A 165 -14.54 -0.01 -95.53
C PRO A 165 -15.58 -0.83 -96.31
N LEU A 166 -16.62 -1.36 -95.63
CA LEU A 166 -17.64 -2.20 -96.26
C LEU A 166 -18.97 -1.54 -96.53
N PHE A 167 -19.38 -0.58 -95.70
CA PHE A 167 -20.72 0.03 -95.81
C PHE A 167 -20.93 0.82 -97.12
N GLN A 168 -22.18 0.77 -97.61
CA GLN A 168 -22.63 1.46 -98.82
C GLN A 168 -23.76 2.40 -98.47
N VAL A 169 -23.94 3.48 -99.24
CA VAL A 169 -25.04 4.40 -98.97
C VAL A 169 -26.08 4.33 -100.09
N ALA A 170 -27.36 4.25 -99.71
CA ALA A 170 -28.50 4.20 -100.63
C ALA A 170 -28.99 5.63 -100.91
N TRP A 171 -28.34 6.28 -101.88
CA TRP A 171 -28.59 7.66 -102.33
C TRP A 171 -29.99 7.86 -102.86
N ASN A 172 -30.54 9.08 -102.67
CA ASN A 172 -31.87 9.43 -103.18
C ASN A 172 -31.78 9.49 -104.72
N ASP A 173 -30.71 10.13 -105.23
CA ASP A 173 -30.37 10.28 -106.64
C ASP A 173 -28.87 10.02 -106.73
N ALA A 174 -28.47 8.87 -107.32
CA ALA A 174 -27.08 8.45 -107.46
C ALA A 174 -26.17 9.51 -108.12
N ALA A 175 -26.73 10.31 -109.05
CA ALA A 175 -26.02 11.37 -109.77
C ALA A 175 -25.75 12.59 -108.88
N ASN A 176 -26.73 12.96 -108.02
CA ASN A 176 -26.62 14.10 -107.09
C ASN A 176 -26.57 13.63 -105.61
N PRO A 177 -25.34 13.38 -105.07
CA PRO A 177 -25.22 12.92 -103.67
C PRO A 177 -25.72 13.95 -102.64
N ASP A 178 -25.57 15.24 -102.95
CA ASP A 178 -26.01 16.40 -102.15
C ASP A 178 -27.53 16.39 -101.87
N LYS A 179 -28.32 15.66 -102.69
CA LYS A 179 -29.77 15.54 -102.54
C LYS A 179 -30.19 14.65 -101.35
N GLY A 180 -29.21 13.95 -100.76
CA GLY A 180 -29.39 13.11 -99.60
C GLY A 180 -29.27 11.62 -99.82
N PHE A 181 -29.61 10.84 -98.78
CA PHE A 181 -29.57 9.38 -98.76
C PHE A 181 -30.68 8.81 -97.87
N GLN A 182 -31.07 7.55 -98.12
CA GLN A 182 -32.16 6.87 -97.41
C GLN A 182 -31.69 6.00 -96.24
N TYR A 183 -30.57 5.28 -96.40
CA TYR A 183 -30.01 4.37 -95.40
C TYR A 183 -28.60 3.92 -95.76
N LEU A 184 -27.97 3.16 -94.86
CA LEU A 184 -26.66 2.56 -95.08
C LEU A 184 -26.90 1.06 -95.19
N TYR A 185 -26.16 0.39 -96.09
CA TYR A 185 -26.32 -1.04 -96.33
C TYR A 185 -25.02 -1.76 -96.66
N LEU A 186 -25.06 -3.09 -96.65
CA LEU A 186 -23.95 -3.95 -97.04
C LEU A 186 -24.37 -4.74 -98.30
N THR A 187 -23.39 -5.11 -99.14
CA THR A 187 -23.62 -5.94 -100.32
C THR A 187 -23.32 -7.39 -99.87
N SER A 188 -23.61 -8.39 -100.73
CA SER A 188 -23.33 -9.80 -100.40
C SER A 188 -21.82 -10.01 -100.25
N GLU A 189 -21.02 -9.12 -100.88
CA GLU A 189 -19.55 -9.10 -100.86
C GLU A 189 -19.07 -8.70 -99.45
N GLY A 190 -19.62 -7.60 -98.92
CA GLY A 190 -19.33 -7.10 -97.58
C GLY A 190 -19.76 -8.09 -96.51
N MET A 191 -20.96 -8.68 -96.69
CA MET A 191 -21.50 -9.72 -95.80
C MET A 191 -20.60 -10.95 -95.79
N GLU A 192 -19.98 -11.28 -96.96
CA GLU A 192 -19.07 -12.41 -97.10
C GLU A 192 -17.73 -12.12 -96.43
N THR A 193 -17.24 -10.85 -96.53
CA THR A 193 -15.99 -10.39 -95.90
C THR A 193 -16.13 -10.62 -94.37
N LEU A 194 -17.32 -10.26 -93.82
CA LEU A 194 -17.68 -10.42 -92.41
C LEU A 194 -17.71 -11.90 -92.03
N LYS A 195 -18.36 -12.75 -92.86
CA LYS A 195 -18.45 -14.20 -92.67
C LYS A 195 -17.06 -14.86 -92.68
N LYS A 196 -16.14 -14.34 -93.54
CA LYS A 196 -14.76 -14.78 -93.73
C LYS A 196 -13.91 -14.55 -92.46
N PHE A 197 -14.07 -13.37 -91.81
CA PHE A 197 -13.29 -13.05 -90.60
C PHE A 197 -14.05 -13.35 -89.29
N ASP A 198 -15.19 -14.07 -89.39
CA ASP A 198 -16.09 -14.49 -88.30
C ASP A 198 -16.65 -13.27 -87.49
N LYS A 199 -16.98 -12.20 -88.22
CA LYS A 199 -17.52 -10.95 -87.68
C LYS A 199 -18.95 -10.74 -88.21
N GLU A 200 -19.73 -11.84 -88.29
CA GLU A 200 -21.12 -11.86 -88.79
C GLU A 200 -22.06 -11.07 -87.86
N ASN A 201 -21.85 -11.21 -86.55
CA ASN A 201 -22.62 -10.56 -85.48
C ASN A 201 -22.27 -9.07 -85.28
N SER A 202 -21.29 -8.52 -86.06
CA SER A 202 -20.87 -7.10 -86.02
C SER A 202 -21.95 -6.13 -86.49
N VAL A 203 -22.95 -6.65 -87.22
CA VAL A 203 -24.06 -5.86 -87.74
C VAL A 203 -25.39 -6.62 -87.63
N LEU A 204 -26.46 -5.84 -87.55
CA LEU A 204 -27.84 -6.30 -87.52
C LEU A 204 -28.42 -5.79 -88.83
N THR A 205 -28.69 -6.73 -89.75
CA THR A 205 -29.16 -6.38 -91.10
C THR A 205 -30.52 -6.94 -91.43
N GLU A 206 -31.21 -6.21 -92.29
CA GLU A 206 -32.54 -6.54 -92.81
C GLU A 206 -32.38 -6.58 -94.36
N ARG A 207 -32.46 -7.79 -94.93
CA ARG A 207 -32.35 -8.13 -96.37
C ARG A 207 -33.43 -7.41 -97.22
N THR A 208 -33.02 -6.66 -98.27
CA THR A 208 -33.91 -5.92 -99.19
C THR A 208 -33.42 -6.06 -100.65
N VAL A 209 -34.34 -6.18 -101.62
CA VAL A 209 -33.96 -6.30 -103.04
C VAL A 209 -34.33 -5.01 -103.78
N ILE A 210 -33.31 -4.28 -104.29
CA ILE A 210 -33.48 -3.03 -105.04
C ILE A 210 -32.82 -3.16 -106.41
N ASN A 211 -33.67 -3.22 -107.47
CA ASN A 211 -33.31 -3.39 -108.89
C ASN A 211 -32.45 -4.66 -109.09
N GLY A 212 -33.01 -5.80 -108.64
CA GLY A 212 -32.36 -7.10 -108.71
C GLY A 212 -31.26 -7.33 -107.67
N GLU A 213 -30.58 -6.23 -107.26
CA GLU A 213 -29.47 -6.21 -106.29
C GLU A 213 -29.98 -6.41 -104.85
N GLU A 214 -29.37 -7.37 -104.11
CA GLU A 214 -29.75 -7.60 -102.73
C GLU A 214 -28.90 -6.75 -101.78
N ARG A 215 -29.57 -5.78 -101.11
CA ARG A 215 -29.00 -4.82 -100.15
C ARG A 215 -29.34 -5.28 -98.72
N PHE A 216 -28.32 -5.41 -97.87
CA PHE A 216 -28.50 -5.77 -96.46
C PHE A 216 -28.50 -4.47 -95.67
N VAL A 217 -29.71 -3.93 -95.39
CA VAL A 217 -29.88 -2.65 -94.68
C VAL A 217 -29.29 -2.76 -93.26
N ILE A 218 -28.40 -1.82 -92.91
CA ILE A 218 -27.78 -1.78 -91.59
C ILE A 218 -28.79 -1.20 -90.60
N LYS A 219 -29.29 -2.03 -89.71
CA LYS A 219 -30.27 -1.64 -88.70
C LYS A 219 -29.56 -1.23 -87.39
N THR A 220 -28.45 -1.92 -87.06
CA THR A 220 -27.61 -1.65 -85.90
C THR A 220 -26.17 -2.11 -86.16
N ILE A 221 -25.19 -1.25 -85.81
CA ILE A 221 -23.78 -1.60 -85.84
C ILE A 221 -23.44 -2.01 -84.38
N ILE A 222 -22.90 -3.22 -84.22
CA ILE A 222 -22.51 -3.76 -82.91
C ILE A 222 -20.99 -3.72 -82.72
N GLY A 223 -20.25 -4.14 -83.75
CA GLY A 223 -18.80 -4.21 -83.72
C GLY A 223 -18.34 -5.54 -83.14
N SER A 224 -17.11 -5.94 -83.47
CA SER A 224 -16.51 -7.21 -83.00
C SER A 224 -15.63 -6.95 -81.78
N GLU A 225 -15.06 -5.74 -81.72
CA GLU A 225 -14.19 -5.31 -80.63
C GLU A 225 -15.03 -4.82 -79.45
N ASP A 226 -14.76 -5.37 -78.26
CA ASP A 226 -15.40 -4.96 -77.02
C ASP A 226 -14.69 -3.66 -76.57
N GLY A 227 -15.46 -2.74 -76.02
CA GLY A 227 -14.94 -1.48 -75.51
C GLY A 227 -15.17 -0.29 -76.41
N LEU A 228 -16.35 -0.24 -77.01
CA LEU A 228 -16.74 0.80 -77.97
C LEU A 228 -17.66 1.86 -77.36
N GLY A 229 -18.65 1.42 -76.59
CA GLY A 229 -19.63 2.33 -76.01
C GLY A 229 -20.20 1.97 -74.66
N VAL A 230 -21.50 1.64 -74.65
CA VAL A 230 -22.31 1.38 -73.45
C VAL A 230 -21.68 0.36 -72.50
N GLU A 231 -20.92 -0.65 -73.01
CA GLU A 231 -20.19 -1.61 -72.16
C GLU A 231 -19.10 -0.93 -71.26
N CYS A 232 -18.55 0.20 -71.71
CA CYS A 232 -17.59 1.04 -70.97
C CYS A 232 -18.35 1.84 -69.95
N LEU A 233 -19.54 2.34 -70.34
CA LEU A 233 -20.44 3.09 -69.46
C LEU A 233 -20.92 2.20 -68.28
N ARG A 234 -21.24 0.91 -68.53
CA ARG A 234 -21.64 -0.06 -67.51
C ARG A 234 -20.50 -0.27 -66.50
N GLY A 235 -19.28 -0.45 -67.01
CA GLY A 235 -18.07 -0.60 -66.20
C GLY A 235 -17.78 0.64 -65.37
N SER A 236 -18.11 1.84 -65.90
CA SER A 236 -17.98 3.12 -65.20
C SER A 236 -18.89 3.17 -63.98
N GLY A 237 -20.16 2.78 -64.13
CA GLY A 237 -21.14 2.71 -63.06
C GLY A 237 -20.74 1.73 -61.98
N LEU A 238 -20.19 0.60 -62.39
CA LEU A 238 -19.67 -0.42 -61.49
C LEU A 238 -18.60 0.13 -60.55
N ILE A 239 -17.63 0.87 -61.10
CA ILE A 239 -16.51 1.40 -60.33
C ILE A 239 -16.92 2.62 -59.55
N ALA A 240 -17.93 3.34 -60.03
CA ALA A 240 -18.48 4.50 -59.29
C ALA A 240 -19.14 3.97 -57.99
N GLY A 241 -19.92 2.88 -58.10
CA GLY A 241 -20.59 2.24 -56.98
C GLY A 241 -19.63 1.62 -56.00
N ALA A 242 -18.58 0.97 -56.51
CA ALA A 242 -17.52 0.32 -55.73
C ALA A 242 -16.75 1.35 -54.89
N THR A 243 -16.49 2.55 -55.44
CA THR A 243 -15.76 3.64 -54.80
C THR A 243 -16.61 4.29 -53.72
N SER A 244 -17.93 4.46 -53.99
CA SER A 244 -18.93 4.93 -53.01
C SER A 244 -18.86 4.05 -51.76
N ARG A 245 -18.87 2.73 -51.97
CA ARG A 245 -18.83 1.73 -50.92
C ARG A 245 -17.49 1.71 -50.19
N ALA A 246 -16.38 1.74 -50.96
CA ALA A 246 -15.00 1.79 -50.42
C ALA A 246 -14.83 2.94 -49.43
N TYR A 247 -15.37 4.15 -49.75
CA TYR A 247 -15.31 5.30 -48.87
C TYR A 247 -15.91 5.06 -47.47
N HIS A 248 -16.96 4.24 -47.33
CA HIS A 248 -17.56 4.00 -46.01
C HIS A 248 -16.87 2.87 -45.27
N ASP A 249 -15.95 2.20 -45.93
CA ASP A 249 -15.32 0.98 -45.47
C ASP A 249 -13.83 1.08 -45.17
N ILE A 250 -13.06 1.70 -46.06
CA ILE A 250 -11.60 1.79 -45.95
C ILE A 250 -11.15 3.21 -46.17
N PHE A 251 -9.87 3.49 -45.91
CA PHE A 251 -9.33 4.82 -46.19
C PHE A 251 -9.13 4.93 -47.69
N THR A 252 -9.72 5.95 -48.31
CA THR A 252 -9.61 6.14 -49.77
C THR A 252 -9.01 7.53 -49.97
N ILE A 253 -8.16 7.64 -50.97
CA ILE A 253 -7.51 8.87 -51.36
C ILE A 253 -7.14 8.78 -52.83
N THR A 254 -7.17 9.91 -53.51
CA THR A 254 -6.81 10.00 -54.94
C THR A 254 -5.77 11.08 -55.17
N LEU A 255 -4.82 10.80 -56.05
CA LEU A 255 -3.88 11.80 -56.53
C LEU A 255 -4.17 12.00 -58.01
N VAL A 256 -4.61 13.21 -58.40
CA VAL A 256 -4.83 13.55 -59.82
C VAL A 256 -3.43 13.98 -60.35
N THR A 257 -2.80 13.06 -61.08
CA THR A 257 -1.41 13.16 -61.55
C THR A 257 -1.27 13.65 -63.02
N CYS A 258 -2.34 13.61 -63.77
CA CYS A 258 -2.44 14.09 -65.15
C CYS A 258 -3.92 14.42 -65.23
N ARG A 259 -4.49 14.67 -66.39
CA ARG A 259 -5.93 14.90 -66.45
C ARG A 259 -6.74 13.71 -65.86
N SER A 260 -7.92 14.00 -65.32
CA SER A 260 -8.91 13.01 -64.84
C SER A 260 -10.24 13.45 -65.47
N VAL A 261 -10.77 12.63 -66.42
CA VAL A 261 -11.95 12.93 -67.27
C VAL A 261 -13.15 11.98 -67.03
N GLY A 262 -14.36 12.54 -67.05
CA GLY A 262 -15.62 11.80 -66.95
C GLY A 262 -15.73 10.89 -65.73
N ILE A 263 -15.70 9.56 -65.95
CA ILE A 263 -15.70 8.61 -64.82
C ILE A 263 -14.49 8.90 -63.90
N GLY A 264 -13.35 9.31 -64.50
CA GLY A 264 -12.14 9.69 -63.78
C GLY A 264 -12.40 10.80 -62.79
N ALA A 265 -13.17 11.84 -63.21
CA ALA A 265 -13.54 12.98 -62.37
C ALA A 265 -14.47 12.54 -61.22
N TYR A 266 -15.44 11.64 -61.51
CA TYR A 266 -16.37 11.10 -60.52
C TYR A 266 -15.69 10.25 -59.48
N LEU A 267 -14.68 9.46 -59.89
CA LEU A 267 -13.89 8.63 -58.99
C LEU A 267 -13.12 9.47 -57.96
N VAL A 268 -12.67 10.67 -58.40
CA VAL A 268 -11.96 11.61 -57.55
C VAL A 268 -12.91 12.05 -56.43
N ARG A 269 -14.12 12.47 -56.80
CA ARG A 269 -15.11 12.91 -55.84
C ARG A 269 -15.66 11.74 -54.97
N LEU A 270 -15.95 10.57 -55.52
CA LEU A 270 -16.49 9.42 -54.77
C LEU A 270 -15.53 8.84 -53.70
N GLY A 271 -14.21 8.93 -53.94
CA GLY A 271 -13.22 8.52 -52.95
C GLY A 271 -13.05 9.60 -51.92
N GLN A 272 -13.66 10.78 -52.19
CA GLN A 272 -13.73 11.97 -51.33
C GLN A 272 -12.40 12.68 -51.14
N ARG A 273 -11.40 12.01 -50.55
CA ARG A 273 -10.08 12.58 -50.26
C ARG A 273 -9.29 12.69 -51.57
N ALA A 274 -8.98 13.94 -51.97
CA ALA A 274 -8.35 14.19 -53.27
C ALA A 274 -7.24 15.25 -53.22
N ILE A 275 -6.09 14.92 -53.83
CA ILE A 275 -4.90 15.78 -53.96
C ILE A 275 -4.72 16.02 -55.45
N GLN A 276 -4.78 17.29 -55.85
CA GLN A 276 -4.64 17.66 -57.26
C GLN A 276 -3.26 18.28 -57.54
N VAL A 277 -2.51 17.70 -58.48
CA VAL A 277 -1.24 18.26 -58.89
C VAL A 277 -1.55 19.53 -59.72
N GLU A 278 -0.84 20.65 -59.46
CA GLU A 278 -1.05 21.91 -60.20
C GLU A 278 -0.91 21.73 -61.71
N GLY A 279 -1.85 22.30 -62.46
CA GLY A 279 -1.91 22.19 -63.90
C GLY A 279 -2.52 20.88 -64.43
N GLN A 280 -3.05 20.00 -63.53
CA GLN A 280 -3.67 18.73 -63.95
C GLN A 280 -5.18 18.83 -63.77
N PRO A 281 -5.97 18.87 -64.86
CA PRO A 281 -7.41 19.16 -64.68
C PRO A 281 -8.33 17.96 -64.36
N ILE A 282 -9.35 18.24 -63.55
CA ILE A 282 -10.43 17.31 -63.19
C ILE A 282 -11.63 17.81 -64.01
N ILE A 283 -11.95 17.15 -65.12
CA ILE A 283 -13.04 17.66 -65.97
C ILE A 283 -14.12 16.62 -66.32
N LEU A 284 -15.29 17.12 -66.69
CA LEU A 284 -16.38 16.29 -67.17
C LEU A 284 -16.31 16.29 -68.69
N THR A 285 -16.55 17.44 -69.33
CA THR A 285 -16.43 17.61 -70.77
C THR A 285 -15.32 18.62 -71.01
N GLY A 286 -14.52 18.39 -72.04
CA GLY A 286 -13.43 19.28 -72.44
C GLY A 286 -13.95 20.58 -73.01
N ALA A 287 -13.12 21.63 -72.92
CA ALA A 287 -13.40 22.98 -73.42
C ALA A 287 -13.83 23.02 -74.88
N SER A 288 -13.10 22.32 -75.78
CA SER A 288 -13.44 22.34 -77.21
C SER A 288 -14.82 21.74 -77.50
N ALA A 289 -15.19 20.62 -76.82
CA ALA A 289 -16.53 20.03 -76.97
C ALA A 289 -17.61 20.96 -76.44
N LEU A 290 -17.33 21.69 -75.35
CA LEU A 290 -18.25 22.66 -74.76
C LEU A 290 -18.45 23.82 -75.74
N ASN A 291 -17.36 24.23 -76.43
CA ASN A 291 -17.37 25.29 -77.43
C ASN A 291 -18.25 24.91 -78.64
N LYS A 292 -18.16 23.64 -79.09
CA LYS A 292 -19.01 23.14 -80.19
C LYS A 292 -20.50 23.22 -79.82
N VAL A 293 -20.87 22.79 -78.59
CA VAL A 293 -22.23 22.80 -78.07
C VAL A 293 -22.75 24.23 -77.87
N LEU A 294 -21.88 25.15 -77.44
CA LEU A 294 -22.26 26.55 -77.19
C LEU A 294 -22.26 27.41 -78.47
N GLY A 295 -21.62 26.89 -79.53
CA GLY A 295 -21.51 27.54 -80.84
C GLY A 295 -20.72 28.83 -80.84
N ARG A 296 -19.76 28.95 -79.91
CA ARG A 296 -18.88 30.11 -79.69
C ARG A 296 -17.61 29.57 -79.06
N GLU A 297 -16.49 30.31 -79.18
CA GLU A 297 -15.25 29.91 -78.53
C GLU A 297 -15.24 30.57 -77.16
N VAL A 298 -15.99 29.94 -76.25
CA VAL A 298 -16.23 30.33 -74.86
C VAL A 298 -15.05 30.04 -73.93
N TYR A 299 -14.41 28.86 -74.08
CA TYR A 299 -13.30 28.41 -73.25
C TYR A 299 -12.01 28.23 -74.02
N THR A 300 -10.91 28.65 -73.41
CA THR A 300 -9.56 28.58 -73.98
C THR A 300 -8.83 27.30 -73.56
N SER A 301 -9.05 26.81 -72.31
CA SER A 301 -8.39 25.60 -71.81
C SER A 301 -9.26 24.76 -70.86
N ASN A 302 -8.84 23.50 -70.64
CA ASN A 302 -9.47 22.57 -69.70
C ASN A 302 -9.20 22.99 -68.26
N LEU A 303 -8.10 23.74 -68.01
CA LEU A 303 -7.76 24.29 -66.70
C LEU A 303 -8.72 25.34 -66.24
N GLN A 304 -9.41 26.03 -67.15
CA GLN A 304 -10.45 27.00 -66.78
C GLN A 304 -11.64 26.29 -66.15
N LEU A 305 -11.90 25.04 -66.58
CA LEU A 305 -13.00 24.19 -66.17
C LEU A 305 -12.70 23.36 -64.92
N GLY A 306 -11.51 22.74 -64.86
CA GLY A 306 -11.16 21.87 -63.75
C GLY A 306 -9.77 21.96 -63.16
N GLY A 307 -9.15 23.13 -63.22
CA GLY A 307 -7.86 23.35 -62.62
C GLY A 307 -8.03 23.58 -61.13
N THR A 308 -6.91 23.69 -60.39
CA THR A 308 -6.91 23.89 -58.93
C THR A 308 -7.64 25.15 -58.53
N GLN A 309 -7.69 26.16 -59.41
CA GLN A 309 -8.41 27.41 -59.09
C GLN A 309 -9.94 27.20 -59.09
N ILE A 310 -10.39 26.02 -59.59
CA ILE A 310 -11.80 25.61 -59.57
C ILE A 310 -11.97 24.60 -58.41
N MET A 311 -11.27 23.44 -58.51
CA MET A 311 -11.40 22.29 -57.65
C MET A 311 -10.84 22.46 -56.24
N TYR A 312 -9.75 23.19 -56.06
CA TYR A 312 -9.21 23.46 -54.73
C TYR A 312 -10.06 24.50 -54.05
N ASN A 313 -10.52 25.53 -54.79
CA ASN A 313 -11.39 26.59 -54.29
C ASN A 313 -12.81 26.14 -53.93
N ASN A 314 -13.34 25.06 -54.58
CA ASN A 314 -14.68 24.57 -54.27
C ASN A 314 -14.70 23.34 -53.34
N GLY A 315 -13.52 22.86 -52.92
CA GLY A 315 -13.42 21.77 -51.96
C GLY A 315 -13.41 20.39 -52.56
N VAL A 316 -13.37 20.26 -53.91
CA VAL A 316 -13.31 18.94 -54.54
C VAL A 316 -11.89 18.40 -54.28
N SER A 317 -10.88 19.31 -54.32
CA SER A 317 -9.49 18.96 -54.01
C SER A 317 -9.22 19.42 -52.62
N HIS A 318 -8.89 18.49 -51.76
CA HIS A 318 -8.58 18.77 -50.35
C HIS A 318 -7.24 19.49 -50.25
N LEU A 319 -6.31 19.13 -51.17
CA LEU A 319 -4.98 19.70 -51.25
C LEU A 319 -4.53 19.81 -52.68
N THR A 320 -3.53 20.66 -52.89
CA THR A 320 -2.82 20.75 -54.18
C THR A 320 -1.39 20.34 -53.90
N ALA A 321 -0.70 19.96 -54.93
CA ALA A 321 0.69 19.56 -54.91
C ALA A 321 1.41 20.16 -56.13
N VAL A 322 2.68 20.59 -55.96
CA VAL A 322 3.48 21.20 -57.04
C VAL A 322 3.87 20.19 -58.09
N ASP A 323 4.10 18.92 -57.68
CA ASP A 323 4.45 17.82 -58.58
C ASP A 323 3.99 16.46 -57.98
N ASP A 324 4.20 15.33 -58.71
CA ASP A 324 3.82 13.98 -58.28
C ASP A 324 4.41 13.56 -56.97
N LEU A 325 5.71 13.81 -56.75
CA LEU A 325 6.35 13.45 -55.49
C LEU A 325 5.77 14.25 -54.32
N ALA A 326 5.45 15.55 -54.53
CA ALA A 326 4.84 16.35 -53.46
C ALA A 326 3.44 15.76 -53.07
N GLY A 327 2.71 15.27 -54.07
CA GLY A 327 1.41 14.63 -53.95
C GLY A 327 1.49 13.33 -53.17
N VAL A 328 2.45 12.47 -53.53
CA VAL A 328 2.73 11.20 -52.87
C VAL A 328 3.15 11.42 -51.41
N GLU A 329 3.90 12.50 -51.14
CA GLU A 329 4.33 12.87 -49.79
C GLU A 329 3.14 13.23 -48.94
N LYS A 330 2.19 13.98 -49.53
CA LYS A 330 0.95 14.38 -48.85
C LYS A 330 0.05 13.15 -48.52
N ILE A 331 0.00 12.16 -49.42
CA ILE A 331 -0.74 10.90 -49.18
C ILE A 331 -0.18 10.18 -47.92
N VAL A 332 1.13 9.98 -47.93
CA VAL A 332 1.93 9.32 -46.89
C VAL A 332 1.77 10.05 -45.54
N GLU A 333 1.77 11.38 -45.58
CA GLU A 333 1.56 12.21 -44.40
C GLU A 333 0.10 12.09 -43.89
N TRP A 334 -0.89 12.09 -44.79
CA TRP A 334 -2.30 11.93 -44.44
C TRP A 334 -2.51 10.57 -43.79
N MET A 335 -1.93 9.52 -44.37
CA MET A 335 -2.00 8.15 -43.88
C MET A 335 -1.38 7.94 -42.50
N SER A 336 -0.45 8.81 -42.08
CA SER A 336 0.23 8.68 -40.79
C SER A 336 -0.72 8.86 -39.62
N TYR A 337 -1.93 9.44 -39.86
CA TYR A 337 -2.97 9.64 -38.84
C TYR A 337 -4.00 8.54 -38.83
N VAL A 338 -3.98 7.69 -39.86
CA VAL A 338 -4.99 6.66 -40.14
C VAL A 338 -4.56 5.25 -39.65
N PRO A 339 -5.49 4.45 -39.06
CA PRO A 339 -5.13 3.06 -38.70
C PRO A 339 -4.61 2.24 -39.86
N ALA A 340 -3.77 1.21 -39.59
CA ALA A 340 -3.15 0.34 -40.64
C ALA A 340 -4.20 -0.37 -41.50
N LYS A 341 -5.34 -0.70 -40.87
CA LYS A 341 -6.49 -1.34 -41.49
C LYS A 341 -7.75 -1.07 -40.71
N ARG A 342 -8.92 -1.32 -41.34
CA ARG A 342 -10.24 -1.09 -40.72
C ARG A 342 -10.35 -1.74 -39.32
N ASN A 343 -10.85 -0.96 -38.36
CA ASN A 343 -11.11 -1.33 -36.97
C ASN A 343 -9.84 -1.58 -36.16
N MET A 344 -8.67 -1.24 -36.69
CA MET A 344 -7.47 -1.29 -35.89
C MET A 344 -7.41 0.01 -35.07
N PRO A 345 -6.78 0.05 -33.90
CA PRO A 345 -6.78 1.33 -33.14
C PRO A 345 -6.04 2.46 -33.88
N VAL A 346 -6.37 3.71 -33.57
CA VAL A 346 -5.70 4.88 -34.16
C VAL A 346 -4.19 4.85 -33.83
N PRO A 347 -3.31 5.17 -34.80
CA PRO A 347 -1.87 5.02 -34.55
C PRO A 347 -1.25 6.06 -33.64
N ILE A 348 -0.87 5.66 -32.41
CA ILE A 348 -0.21 6.59 -31.50
C ILE A 348 1.22 6.89 -31.99
N LEU A 349 1.62 8.15 -31.97
CA LEU A 349 2.95 8.57 -32.35
C LEU A 349 3.40 9.72 -31.47
N GLU A 350 3.98 9.36 -30.33
CA GLU A 350 4.52 10.36 -29.42
C GLU A 350 5.79 10.96 -30.04
N THR A 351 5.92 12.28 -29.97
CA THR A 351 7.09 13.00 -30.45
C THR A 351 7.72 13.74 -29.26
N LYS A 352 8.61 14.72 -29.54
CA LYS A 352 9.35 15.52 -28.55
C LYS A 352 8.37 16.28 -27.64
N ASP A 353 7.26 16.78 -28.24
CA ASP A 353 6.18 17.50 -27.57
C ASP A 353 5.24 16.52 -26.84
N THR A 354 5.53 16.32 -25.55
CA THR A 354 4.84 15.43 -24.62
C THR A 354 3.57 16.09 -24.11
N TRP A 355 2.62 15.27 -23.61
CA TRP A 355 1.36 15.72 -23.04
C TRP A 355 1.50 16.68 -21.85
N ASP A 356 2.55 16.47 -21.01
CA ASP A 356 2.71 17.14 -19.72
C ASP A 356 3.36 18.50 -19.82
N ARG A 357 2.54 19.49 -20.16
CA ARG A 357 2.95 20.87 -20.32
C ARG A 357 1.70 21.74 -20.38
N PRO A 358 1.79 23.03 -20.00
CA PRO A 358 0.63 23.91 -20.16
C PRO A 358 0.48 24.36 -21.63
N VAL A 359 -0.66 25.01 -21.96
CA VAL A 359 -0.85 25.54 -23.32
C VAL A 359 -0.37 26.99 -23.21
N ASP A 360 0.54 27.42 -24.10
CA ASP A 360 1.13 28.77 -24.10
C ASP A 360 0.28 29.81 -24.79
N PHE A 361 0.05 29.70 -26.13
CA PHE A 361 -0.72 30.70 -26.86
C PHE A 361 -2.11 30.81 -26.30
N THR A 362 -2.51 32.02 -25.89
CA THR A 362 -3.85 32.27 -25.35
C THR A 362 -4.54 33.37 -26.13
N PRO A 363 -5.76 33.12 -26.67
CA PRO A 363 -6.46 34.21 -27.39
C PRO A 363 -6.96 35.27 -26.41
N THR A 364 -6.99 36.49 -26.91
CA THR A 364 -7.38 37.73 -26.20
C THR A 364 -8.59 38.32 -26.94
N ASN A 365 -9.52 38.94 -26.20
CA ASN A 365 -10.73 39.54 -26.76
C ASN A 365 -10.42 40.81 -27.55
N ASP A 366 -9.40 41.56 -27.10
CA ASP A 366 -8.96 42.82 -27.68
C ASP A 366 -7.94 42.65 -28.82
N GLU A 367 -7.50 41.41 -29.11
CA GLU A 367 -6.52 41.19 -30.17
C GLU A 367 -6.91 40.06 -31.15
N THR A 368 -6.73 40.34 -32.46
CA THR A 368 -7.00 39.42 -33.56
C THR A 368 -5.99 38.26 -33.53
N TYR A 369 -6.50 37.02 -33.66
CA TYR A 369 -5.64 35.84 -33.67
C TYR A 369 -6.00 34.89 -34.81
N ASP A 370 -5.04 34.04 -35.18
CA ASP A 370 -5.22 32.97 -36.17
C ASP A 370 -5.49 31.74 -35.31
N VAL A 371 -6.67 31.07 -35.50
CA VAL A 371 -7.07 29.84 -34.76
C VAL A 371 -5.98 28.77 -34.80
N ARG A 372 -5.18 28.74 -35.88
CA ARG A 372 -4.08 27.79 -36.03
C ARG A 372 -3.03 27.93 -34.92
N TRP A 373 -2.90 29.12 -34.32
CA TRP A 373 -1.98 29.34 -33.20
C TRP A 373 -2.48 28.60 -31.98
N MET A 374 -3.80 28.58 -31.75
CA MET A 374 -4.41 27.84 -30.64
C MET A 374 -4.23 26.33 -30.83
N ILE A 375 -4.29 25.88 -32.09
CA ILE A 375 -4.17 24.47 -32.45
C ILE A 375 -2.72 23.98 -32.39
N GLU A 376 -1.85 24.57 -33.19
CA GLU A 376 -0.48 24.12 -33.35
C GLU A 376 0.62 25.01 -32.71
N GLY A 377 0.21 26.16 -32.16
CA GLY A 377 1.13 27.13 -31.58
C GLY A 377 1.69 28.09 -32.60
N ARG A 378 2.52 29.04 -32.13
CA ARG A 378 3.17 30.00 -33.04
C ARG A 378 4.57 30.39 -32.64
N GLU A 379 5.38 30.72 -33.65
CA GLU A 379 6.72 31.22 -33.46
C GLU A 379 6.62 32.73 -33.17
N THR A 380 7.23 33.17 -32.07
CA THR A 380 7.30 34.58 -31.68
C THR A 380 8.81 34.94 -31.59
N GLU A 381 9.14 36.23 -31.35
CA GLU A 381 10.53 36.64 -31.21
C GLU A 381 11.18 36.07 -29.94
N SER A 382 10.37 35.89 -28.87
CA SER A 382 10.79 35.34 -27.58
C SER A 382 10.73 33.80 -27.48
N GLY A 383 10.62 33.11 -28.62
CA GLY A 383 10.52 31.66 -28.69
C GLY A 383 9.16 31.13 -29.15
N PHE A 384 9.01 29.80 -29.19
CA PHE A 384 7.77 29.15 -29.62
C PHE A 384 6.73 29.07 -28.51
N GLU A 385 5.51 29.57 -28.80
CA GLU A 385 4.35 29.47 -27.91
C GLU A 385 3.57 28.23 -28.36
N TYR A 386 3.57 27.18 -27.54
CA TYR A 386 2.86 25.93 -27.79
C TYR A 386 1.35 26.09 -27.77
N GLY A 387 0.70 25.40 -28.72
CA GLY A 387 -0.76 25.32 -28.84
C GLY A 387 -1.28 24.14 -28.03
N LEU A 388 -2.55 23.79 -28.27
CA LEU A 388 -3.23 22.68 -27.61
C LEU A 388 -2.67 21.33 -28.11
N PHE A 389 -2.31 21.26 -29.40
CA PHE A 389 -1.86 20.02 -30.00
C PHE A 389 -0.34 19.97 -30.14
N ASP A 390 0.20 18.79 -30.43
CA ASP A 390 1.63 18.56 -30.62
C ASP A 390 2.22 19.47 -31.66
N LYS A 391 3.40 20.05 -31.34
CA LYS A 391 4.14 20.94 -32.23
C LYS A 391 4.44 20.17 -33.55
N GLY A 392 4.11 20.80 -34.68
CA GLY A 392 4.30 20.25 -36.02
C GLY A 392 3.31 19.16 -36.43
N SER A 393 2.25 18.90 -35.63
CA SER A 393 1.34 17.79 -35.92
C SER A 393 0.09 18.18 -36.72
N PHE A 394 -0.18 19.48 -36.90
CA PHE A 394 -1.35 19.95 -37.64
C PHE A 394 -1.19 19.81 -39.14
N PHE A 395 -2.06 18.98 -39.73
CA PHE A 395 -2.12 18.69 -41.16
C PHE A 395 -3.49 19.21 -41.66
N GLU A 396 -3.51 20.44 -42.19
CA GLU A 396 -4.72 21.10 -42.66
C GLU A 396 -5.17 20.56 -44.00
N THR A 397 -6.49 20.31 -44.16
CA THR A 397 -7.05 19.81 -45.41
C THR A 397 -8.21 20.71 -45.76
N LEU A 398 -8.61 20.72 -47.07
CA LEU A 398 -9.73 21.57 -47.61
C LEU A 398 -9.43 23.03 -47.33
N SER A 399 -8.14 23.35 -47.41
CA SER A 399 -7.59 24.67 -47.10
C SER A 399 -7.90 25.75 -48.15
N GLY A 400 -8.34 25.36 -49.34
CA GLY A 400 -8.66 26.33 -50.39
C GLY A 400 -10.10 26.78 -50.44
N TRP A 401 -10.95 26.11 -49.66
CA TRP A 401 -12.40 26.25 -49.64
C TRP A 401 -12.94 26.61 -48.30
N ALA A 402 -13.97 27.49 -48.25
CA ALA A 402 -14.71 27.87 -47.05
C ALA A 402 -13.76 28.10 -45.87
N LYS A 403 -12.85 29.06 -46.04
CA LYS A 403 -11.78 29.39 -45.10
C LYS A 403 -12.25 29.90 -43.72
N GLY A 404 -13.56 30.08 -43.53
CA GLY A 404 -14.16 30.44 -42.25
C GLY A 404 -14.10 29.32 -41.23
N VAL A 405 -13.89 28.07 -41.70
CA VAL A 405 -13.70 26.91 -40.82
C VAL A 405 -12.37 26.33 -41.17
N VAL A 406 -11.63 25.93 -40.14
CA VAL A 406 -10.31 25.34 -40.29
C VAL A 406 -10.40 23.88 -39.90
N VAL A 407 -10.05 23.00 -40.84
CA VAL A 407 -10.13 21.56 -40.62
C VAL A 407 -8.80 20.90 -40.86
N GLY A 408 -8.50 19.90 -40.06
CA GLY A 408 -7.28 19.14 -40.27
C GLY A 408 -7.11 18.00 -39.29
N ARG A 409 -5.98 17.32 -39.39
CA ARG A 409 -5.62 16.26 -38.45
C ARG A 409 -4.52 16.82 -37.55
N ALA A 410 -4.46 16.36 -36.30
CA ALA A 410 -3.42 16.76 -35.34
C ALA A 410 -3.18 15.61 -34.41
N ARG A 411 -2.23 15.79 -33.48
CA ARG A 411 -1.92 14.80 -32.46
C ARG A 411 -1.95 15.46 -31.11
N LEU A 412 -2.48 14.76 -30.12
CA LEU A 412 -2.60 15.24 -28.74
C LEU A 412 -1.83 14.23 -27.90
N GLY A 413 -0.57 14.56 -27.56
CA GLY A 413 0.34 13.65 -26.86
C GLY A 413 0.57 12.38 -27.65
N GLY A 414 0.50 12.48 -28.99
CA GLY A 414 0.66 11.36 -29.90
C GLY A 414 -0.63 10.74 -30.41
N ILE A 415 -1.78 11.03 -29.77
CA ILE A 415 -3.08 10.48 -30.19
C ILE A 415 -3.56 11.24 -31.44
N PRO A 416 -3.76 10.60 -32.61
CA PRO A 416 -4.27 11.35 -33.78
C PRO A 416 -5.76 11.62 -33.64
N LEU A 417 -6.19 12.74 -34.19
CA LEU A 417 -7.59 13.15 -34.15
C LEU A 417 -7.87 14.18 -35.23
N GLY A 418 -9.14 14.31 -35.61
CA GLY A 418 -9.58 15.35 -36.53
C GLY A 418 -9.88 16.58 -35.72
N VAL A 419 -9.59 17.74 -36.24
CA VAL A 419 -9.79 19.02 -35.52
C VAL A 419 -10.59 19.96 -36.40
N ILE A 420 -11.56 20.63 -35.80
CA ILE A 420 -12.35 21.66 -36.46
C ILE A 420 -12.24 22.91 -35.58
N GLY A 421 -11.80 24.00 -36.20
CA GLY A 421 -11.65 25.30 -35.56
C GLY A 421 -12.35 26.37 -36.37
N VAL A 422 -12.62 27.52 -35.72
CA VAL A 422 -13.30 28.65 -36.36
C VAL A 422 -12.34 29.80 -36.63
N GLU A 423 -12.27 30.22 -37.89
CA GLU A 423 -11.50 31.38 -38.32
C GLU A 423 -12.27 32.64 -37.87
N THR A 424 -11.67 33.44 -36.99
CA THR A 424 -12.29 34.65 -36.42
C THR A 424 -12.21 35.87 -37.37
N ARG A 425 -11.21 35.90 -38.26
CA ARG A 425 -11.00 36.95 -39.26
C ARG A 425 -12.03 36.84 -40.41
N THR A 426 -12.38 37.99 -41.02
CA THR A 426 -13.30 38.03 -42.15
C THR A 426 -12.68 37.34 -43.34
N VAL A 427 -13.47 36.51 -44.04
CA VAL A 427 -13.01 35.73 -45.17
C VAL A 427 -13.61 36.28 -46.46
N GLU A 428 -12.76 36.48 -47.45
CA GLU A 428 -13.15 36.94 -48.78
C GLU A 428 -12.86 35.82 -49.76
N ASN A 429 -13.83 35.52 -50.62
CA ASN A 429 -13.65 34.55 -51.68
C ASN A 429 -14.14 35.20 -52.98
N LEU A 430 -13.43 34.93 -54.07
CA LEU A 430 -13.76 35.55 -55.35
C LEU A 430 -14.44 34.57 -56.29
N ILE A 431 -15.71 34.84 -56.61
CA ILE A 431 -16.45 34.01 -57.55
C ILE A 431 -15.98 34.48 -58.93
N PRO A 432 -15.39 33.58 -59.77
CA PRO A 432 -14.93 34.04 -61.10
C PRO A 432 -16.09 34.35 -62.04
N ALA A 433 -15.86 35.25 -63.02
CA ALA A 433 -16.85 35.63 -64.03
C ALA A 433 -17.09 34.43 -64.95
N ASP A 434 -18.36 34.11 -65.23
CA ASP A 434 -18.75 33.00 -66.11
C ASP A 434 -18.38 33.33 -67.57
N PRO A 435 -17.43 32.61 -68.22
CA PRO A 435 -17.08 32.92 -69.63
C PRO A 435 -18.25 32.77 -70.61
N ALA A 436 -19.21 31.88 -70.29
CA ALA A 436 -20.39 31.59 -71.09
C ALA A 436 -21.43 32.72 -71.08
N ASN A 437 -21.38 33.61 -70.07
CA ASN A 437 -22.32 34.73 -69.99
C ASN A 437 -21.62 36.06 -70.18
N PRO A 438 -22.08 36.89 -71.17
CA PRO A 438 -21.41 38.19 -71.39
C PRO A 438 -21.74 39.24 -70.32
N ASN A 439 -22.91 39.10 -69.67
CA ASN A 439 -23.41 39.97 -68.60
C ASN A 439 -22.93 39.49 -67.20
N SER A 440 -21.79 38.77 -67.17
CA SER A 440 -21.20 38.22 -65.94
C SER A 440 -19.82 38.80 -65.64
N ALA A 441 -19.66 39.30 -64.42
CA ALA A 441 -18.42 39.88 -63.90
C ALA A 441 -18.07 39.19 -62.58
N GLU A 442 -16.76 39.15 -62.22
CA GLU A 442 -16.32 38.52 -60.99
C GLU A 442 -16.90 39.20 -59.73
N THR A 443 -17.39 38.38 -58.79
CA THR A 443 -17.99 38.83 -57.53
C THR A 443 -17.03 38.54 -56.38
N LEU A 444 -16.98 39.44 -55.41
CA LEU A 444 -16.19 39.24 -54.21
C LEU A 444 -17.18 39.06 -53.08
N ILE A 445 -17.07 37.92 -52.39
CA ILE A 445 -17.96 37.62 -51.28
C ILE A 445 -17.18 37.77 -50.00
N GLN A 446 -17.72 38.53 -49.07
CA GLN A 446 -17.15 38.72 -47.76
C GLN A 446 -18.05 37.97 -46.77
N GLN A 447 -17.45 37.24 -45.86
CA GLN A 447 -18.17 36.48 -44.86
C GLN A 447 -17.56 36.76 -43.51
N ALA A 448 -18.40 37.24 -42.58
CA ALA A 448 -17.97 37.55 -41.22
C ALA A 448 -17.48 36.28 -40.49
N GLY A 449 -16.48 36.45 -39.64
CA GLY A 449 -15.93 35.37 -38.84
C GLY A 449 -16.94 34.92 -37.79
N GLN A 450 -16.80 33.67 -37.33
CA GLN A 450 -17.66 33.08 -36.28
C GLN A 450 -19.13 32.92 -36.66
N VAL A 451 -19.44 32.92 -37.95
CA VAL A 451 -20.79 32.76 -38.48
C VAL A 451 -20.71 31.60 -39.47
N TRP A 452 -21.64 30.64 -39.37
CA TRP A 452 -21.68 29.53 -40.32
C TRP A 452 -22.44 29.97 -41.54
N PHE A 453 -21.82 29.86 -42.69
CA PHE A 453 -22.41 30.18 -43.97
C PHE A 453 -22.65 28.85 -44.71
N PRO A 454 -23.42 28.80 -45.82
CA PRO A 454 -23.61 27.51 -46.51
C PRO A 454 -22.33 26.72 -46.81
N ASN A 455 -21.26 27.37 -47.33
CA ASN A 455 -20.01 26.70 -47.69
C ASN A 455 -19.24 26.17 -46.46
N SER A 456 -19.18 26.96 -45.37
CA SER A 456 -18.50 26.56 -44.13
C SER A 456 -19.29 25.50 -43.33
N ALA A 457 -20.62 25.49 -43.44
CA ALA A 457 -21.49 24.48 -42.81
C ALA A 457 -21.27 23.16 -43.58
N PHE A 458 -21.17 23.23 -44.91
CA PHE A 458 -20.90 22.07 -45.78
C PHE A 458 -19.51 21.49 -45.48
N LYS A 459 -18.47 22.37 -45.37
CA LYS A 459 -17.10 21.98 -45.04
C LYS A 459 -17.02 21.28 -43.68
N THR A 460 -17.74 21.78 -42.68
CA THR A 460 -17.84 21.19 -41.34
C THR A 460 -18.40 19.76 -41.40
N ALA A 461 -19.55 19.56 -42.06
CA ALA A 461 -20.20 18.25 -42.23
C ALA A 461 -19.23 17.29 -42.99
N GLN A 462 -18.61 17.77 -44.07
CA GLN A 462 -17.65 17.02 -44.90
C GLN A 462 -16.47 16.55 -44.04
N ALA A 463 -15.86 17.46 -43.26
CA ALA A 463 -14.79 17.16 -42.33
C ALA A 463 -15.21 16.04 -41.33
N ILE A 464 -16.40 16.17 -40.71
CA ILE A 464 -16.91 15.18 -39.76
C ILE A 464 -17.03 13.82 -40.43
N ASN A 465 -17.59 13.78 -41.62
CA ASN A 465 -17.73 12.54 -42.37
C ASN A 465 -16.40 11.90 -42.76
N ASP A 466 -15.43 12.72 -43.22
CA ASP A 466 -14.10 12.25 -43.63
C ASP A 466 -13.24 11.75 -42.44
N PHE A 467 -13.43 12.29 -41.25
CA PHE A 467 -12.72 11.79 -40.06
C PHE A 467 -13.32 10.45 -39.63
N ASN A 468 -14.65 10.31 -39.80
CA ASN A 468 -15.40 9.14 -39.37
C ASN A 468 -15.19 7.95 -40.28
N ASN A 469 -15.46 8.12 -41.57
CA ASN A 469 -15.32 7.08 -42.57
C ASN A 469 -13.88 6.91 -42.95
N GLY A 470 -13.43 5.65 -42.94
CA GLY A 470 -12.07 5.31 -43.35
C GLY A 470 -10.98 5.68 -42.39
N GLU A 471 -10.90 6.96 -42.02
CA GLU A 471 -9.92 7.46 -41.07
C GLU A 471 -10.19 6.95 -39.64
N GLN A 472 -11.49 6.76 -39.27
CA GLN A 472 -11.95 6.26 -37.96
C GLN A 472 -11.28 6.97 -36.78
N LEU A 473 -11.19 8.28 -36.88
CA LEU A 473 -10.56 9.15 -35.89
C LEU A 473 -11.49 9.72 -34.84
N PRO A 474 -11.00 9.93 -33.58
CA PRO A 474 -11.78 10.76 -32.65
C PRO A 474 -11.73 12.19 -33.17
N MET A 475 -12.54 13.07 -32.60
CA MET A 475 -12.55 14.44 -33.12
C MET A 475 -12.67 15.46 -32.02
N MET A 476 -12.10 16.65 -32.25
CA MET A 476 -12.32 17.79 -31.37
C MET A 476 -12.83 18.98 -32.18
N ILE A 477 -13.90 19.59 -31.70
CA ILE A 477 -14.43 20.79 -32.34
C ILE A 477 -14.20 21.92 -31.35
N LEU A 478 -13.38 22.92 -31.72
CA LEU A 478 -13.14 24.11 -30.89
C LEU A 478 -14.27 25.08 -31.28
N ALA A 479 -15.48 24.80 -30.78
CA ALA A 479 -16.76 25.44 -31.10
C ALA A 479 -16.81 26.95 -30.77
N ASN A 480 -16.87 27.79 -31.78
CA ASN A 480 -16.83 29.23 -31.61
C ASN A 480 -17.67 29.92 -32.71
N TRP A 481 -18.96 29.69 -32.71
CA TRP A 481 -19.86 30.26 -33.70
C TRP A 481 -20.97 31.02 -33.04
N ARG A 482 -21.31 32.18 -33.59
CA ARG A 482 -22.39 33.07 -33.14
C ARG A 482 -23.72 32.50 -33.59
N GLY A 483 -23.68 31.74 -34.68
CA GLY A 483 -24.83 31.07 -35.27
C GLY A 483 -24.66 30.92 -36.77
N PHE A 484 -25.75 30.63 -37.45
CA PHE A 484 -25.81 30.48 -38.89
C PHE A 484 -26.18 31.83 -39.49
N SER A 485 -25.78 32.10 -40.73
CA SER A 485 -26.19 33.34 -41.39
C SER A 485 -27.67 33.21 -41.80
N GLY A 486 -28.53 33.98 -41.14
CA GLY A 486 -29.97 33.98 -41.37
C GLY A 486 -30.47 34.96 -42.41
N GLY A 487 -29.53 35.62 -43.08
CA GLY A 487 -29.82 36.61 -44.12
C GLY A 487 -30.42 36.01 -45.37
N GLN A 488 -31.05 36.86 -46.20
CA GLN A 488 -31.75 36.40 -47.40
C GLN A 488 -30.90 35.56 -48.34
N ARG A 489 -29.70 36.03 -48.70
CA ARG A 489 -28.84 35.33 -49.65
C ARG A 489 -28.42 33.93 -49.14
N ASP A 490 -28.02 33.84 -47.88
CA ASP A 490 -27.61 32.58 -47.28
C ASP A 490 -28.81 31.63 -47.05
N MET A 491 -30.01 32.17 -46.77
CA MET A 491 -31.24 31.38 -46.62
C MET A 491 -31.66 30.82 -47.98
N PHE A 492 -31.56 31.67 -49.02
CA PHE A 492 -31.81 31.26 -50.40
C PHE A 492 -30.79 30.22 -50.82
N ASN A 493 -29.53 30.38 -50.42
CA ASN A 493 -28.44 29.45 -50.76
C ASN A 493 -28.40 28.20 -49.86
N GLU A 494 -29.51 27.94 -49.16
CA GLU A 494 -29.85 26.73 -48.44
C GLU A 494 -28.98 26.41 -47.22
N VAL A 495 -28.65 27.42 -46.42
CA VAL A 495 -27.87 27.24 -45.20
C VAL A 495 -28.50 26.15 -44.26
N LEU A 496 -29.84 25.99 -44.26
CA LEU A 496 -30.57 25.01 -43.45
C LEU A 496 -30.22 23.58 -43.83
N LYS A 497 -30.06 23.34 -45.14
CA LYS A 497 -29.70 22.03 -45.68
C LYS A 497 -28.31 21.62 -45.20
N TYR A 498 -27.34 22.54 -45.30
CA TYR A 498 -25.95 22.33 -44.93
C TYR A 498 -25.76 22.21 -43.44
N GLY A 499 -26.52 23.00 -42.69
CA GLY A 499 -26.53 22.93 -41.24
C GLY A 499 -27.04 21.58 -40.76
N SER A 500 -28.08 21.05 -41.43
CA SER A 500 -28.64 19.75 -41.12
C SER A 500 -27.69 18.59 -41.43
N PHE A 501 -26.82 18.75 -42.43
CA PHE A 501 -25.78 17.74 -42.75
C PHE A 501 -24.84 17.55 -41.55
N ILE A 502 -24.59 18.62 -40.75
CA ILE A 502 -23.71 18.59 -39.57
C ILE A 502 -24.31 17.63 -38.55
N VAL A 503 -25.62 17.78 -38.27
CA VAL A 503 -26.38 16.94 -37.36
C VAL A 503 -26.29 15.50 -37.82
N ASP A 504 -26.56 15.23 -39.09
CA ASP A 504 -26.51 13.88 -39.65
C ASP A 504 -25.11 13.28 -39.53
N ALA A 505 -24.06 14.10 -39.74
CA ALA A 505 -22.67 13.68 -39.63
C ALA A 505 -22.32 13.24 -38.20
N LEU A 506 -22.79 13.98 -37.20
CA LEU A 506 -22.58 13.69 -35.79
C LEU A 506 -23.33 12.44 -35.34
N VAL A 507 -24.58 12.27 -35.78
CA VAL A 507 -25.40 11.09 -35.49
C VAL A 507 -24.66 9.79 -35.94
N ASP A 508 -23.93 9.86 -37.04
CA ASP A 508 -23.20 8.73 -37.62
C ASP A 508 -21.78 8.45 -37.04
N TYR A 509 -21.24 9.38 -36.25
CA TYR A 509 -19.91 9.35 -35.67
C TYR A 509 -19.67 8.18 -34.73
N LYS A 510 -18.62 7.39 -34.97
CA LYS A 510 -18.40 6.17 -34.21
C LYS A 510 -17.19 6.20 -33.24
N GLN A 511 -16.52 7.34 -33.10
CA GLN A 511 -15.34 7.51 -32.25
C GLN A 511 -15.59 8.65 -31.32
N PRO A 512 -14.84 8.78 -30.20
CA PRO A 512 -15.08 9.90 -29.27
C PRO A 512 -15.02 11.29 -29.91
N ILE A 513 -15.90 12.18 -29.43
CA ILE A 513 -15.94 13.58 -29.87
C ILE A 513 -15.82 14.44 -28.65
N ILE A 514 -15.03 15.51 -28.75
CA ILE A 514 -14.94 16.52 -27.69
C ILE A 514 -15.35 17.84 -28.31
N ILE A 515 -16.37 18.47 -27.72
CA ILE A 515 -16.80 19.80 -28.12
C ILE A 515 -16.28 20.70 -27.01
N TYR A 516 -15.48 21.70 -27.37
CA TYR A 516 -14.89 22.60 -26.41
C TYR A 516 -15.08 24.06 -26.81
N ILE A 517 -15.83 24.85 -26.04
CA ILE A 517 -15.97 26.29 -26.34
C ILE A 517 -14.67 26.90 -25.77
N PRO A 518 -13.76 27.40 -26.61
CA PRO A 518 -12.47 27.87 -26.09
C PRO A 518 -12.50 29.26 -25.39
N PRO A 519 -11.38 29.71 -24.73
CA PRO A 519 -11.39 31.07 -24.13
C PRO A 519 -11.66 32.10 -25.24
N THR A 520 -12.49 33.13 -24.94
CA THR A 520 -12.95 34.20 -25.88
C THR A 520 -14.01 33.65 -26.85
N GLY A 521 -14.33 32.37 -26.73
CA GLY A 521 -15.26 31.68 -27.60
C GLY A 521 -16.71 31.81 -27.21
N GLU A 522 -17.58 31.52 -28.16
CA GLU A 522 -19.01 31.56 -27.91
C GLU A 522 -19.76 30.51 -28.70
N LEU A 523 -20.89 30.12 -28.15
CA LEU A 523 -21.81 29.24 -28.81
C LEU A 523 -23.19 29.78 -28.52
N ARG A 524 -23.92 30.19 -29.57
CA ARG A 524 -25.27 30.77 -29.40
C ARG A 524 -26.38 29.85 -29.92
N GLY A 525 -27.61 30.33 -29.90
CA GLY A 525 -28.80 29.62 -30.33
C GLY A 525 -28.62 28.60 -31.43
N GLY A 526 -28.46 29.08 -32.68
CA GLY A 526 -28.34 28.22 -33.84
C GLY A 526 -27.12 27.31 -33.89
N SER A 527 -25.98 27.82 -33.40
CA SER A 527 -24.72 27.07 -33.41
C SER A 527 -24.64 25.98 -32.34
N TRP A 528 -25.27 26.20 -31.17
CA TRP A 528 -25.29 25.20 -30.10
C TRP A 528 -26.10 23.96 -30.52
N VAL A 529 -27.32 24.17 -31.07
CA VAL A 529 -28.25 23.15 -31.54
C VAL A 529 -27.54 22.01 -32.30
N VAL A 530 -26.73 22.39 -33.27
CA VAL A 530 -26.07 21.55 -34.24
C VAL A 530 -24.85 20.82 -33.69
N VAL A 531 -24.41 21.18 -32.49
CA VAL A 531 -23.21 20.59 -31.90
C VAL A 531 -23.43 20.09 -30.46
N ASP A 532 -24.69 20.04 -29.98
CA ASP A 532 -25.02 19.59 -28.63
C ASP A 532 -24.69 18.10 -28.42
N PRO A 533 -24.06 17.69 -27.29
CA PRO A 533 -23.73 16.26 -27.12
C PRO A 533 -24.92 15.29 -27.06
N THR A 534 -26.16 15.80 -26.91
CA THR A 534 -27.35 14.92 -26.92
C THR A 534 -27.67 14.41 -28.33
N ILE A 535 -27.05 15.01 -29.39
CA ILE A 535 -27.18 14.56 -30.76
C ILE A 535 -26.60 13.14 -30.86
N ASN A 536 -25.46 12.88 -30.18
CA ASN A 536 -24.83 11.57 -30.11
C ASN A 536 -24.21 11.39 -28.73
N ALA A 537 -25.04 11.06 -27.76
CA ALA A 537 -24.68 10.85 -26.35
C ALA A 537 -23.63 9.76 -26.15
N ASP A 538 -23.62 8.72 -26.99
CA ASP A 538 -22.66 7.61 -26.94
C ASP A 538 -21.23 8.06 -27.20
N GLN A 539 -21.04 9.13 -28.02
CA GLN A 539 -19.71 9.59 -28.43
C GLN A 539 -19.33 11.01 -28.06
N MET A 540 -20.32 11.92 -27.85
CA MET A 540 -20.06 13.33 -27.61
C MET A 540 -19.99 13.75 -26.18
N GLU A 541 -19.11 14.74 -25.93
CA GLU A 541 -18.93 15.40 -24.65
C GLU A 541 -18.70 16.86 -24.87
N MET A 542 -19.30 17.69 -24.04
CA MET A 542 -19.07 19.13 -24.17
C MET A 542 -18.38 19.74 -22.94
N TYR A 543 -17.49 20.67 -23.20
CA TYR A 543 -16.70 21.41 -22.22
C TYR A 543 -16.70 22.87 -22.60
N ALA A 544 -16.64 23.75 -21.61
CA ALA A 544 -16.55 25.18 -21.89
C ALA A 544 -15.44 25.77 -21.06
N ASP A 545 -14.70 26.70 -21.67
CA ASP A 545 -13.67 27.39 -20.94
C ASP A 545 -14.31 28.29 -19.89
N VAL A 546 -13.53 28.64 -18.85
CA VAL A 546 -13.95 29.59 -17.80
C VAL A 546 -14.24 30.97 -18.44
N ASN A 547 -13.55 31.29 -19.55
CA ASN A 547 -13.68 32.52 -20.34
C ASN A 547 -14.50 32.36 -21.64
N ALA A 548 -15.40 31.37 -21.68
CA ALA A 548 -16.29 31.17 -22.81
C ALA A 548 -17.68 31.75 -22.49
N ARG A 549 -18.51 31.93 -23.52
CA ARG A 549 -19.89 32.41 -23.36
C ARG A 549 -20.85 31.55 -24.14
N ALA A 550 -22.06 31.37 -23.63
CA ALA A 550 -23.12 30.65 -24.29
C ALA A 550 -24.51 31.06 -23.77
N GLY A 551 -25.40 31.30 -24.71
CA GLY A 551 -26.78 31.65 -24.45
C GLY A 551 -27.58 31.54 -25.72
N VAL A 552 -28.94 31.57 -25.62
CA VAL A 552 -29.82 31.53 -26.79
C VAL A 552 -29.47 32.71 -27.74
N LEU A 553 -29.42 33.93 -27.20
CA LEU A 553 -29.08 35.11 -27.99
C LEU A 553 -27.83 35.72 -27.43
N GLU A 554 -27.20 36.63 -28.19
CA GLU A 554 -26.08 37.42 -27.68
C GLU A 554 -26.69 38.43 -26.61
N PRO A 555 -25.91 39.02 -25.66
CA PRO A 555 -26.53 39.91 -24.65
C PRO A 555 -27.43 41.01 -25.18
N GLU A 556 -27.07 41.64 -26.34
CA GLU A 556 -27.85 42.69 -27.00
C GLU A 556 -29.24 42.18 -27.34
N GLY A 557 -29.31 40.92 -27.78
CA GLY A 557 -30.56 40.24 -28.10
C GLY A 557 -31.44 39.99 -26.90
N THR A 558 -30.86 39.46 -25.80
CA THR A 558 -31.60 39.15 -24.56
C THR A 558 -32.20 40.42 -23.95
N VAL A 559 -31.44 41.52 -24.01
CA VAL A 559 -31.82 42.82 -23.49
C VAL A 559 -33.04 43.38 -24.28
N GLU A 560 -32.97 43.32 -25.62
CA GLU A 560 -34.00 43.72 -26.58
C GLU A 560 -35.33 43.00 -26.37
N ILE A 561 -35.30 41.78 -25.84
CA ILE A 561 -36.49 41.00 -25.64
C ILE A 561 -36.97 40.95 -24.18
N LYS A 562 -36.03 40.87 -23.22
CA LYS A 562 -36.32 40.66 -21.81
C LYS A 562 -35.84 41.77 -20.82
N PHE A 563 -35.23 42.88 -21.28
CA PHE A 563 -34.85 44.02 -20.43
C PHE A 563 -35.16 45.32 -21.19
N ARG A 564 -36.46 45.52 -21.47
CA ARG A 564 -36.98 46.66 -22.24
C ARG A 564 -37.09 47.94 -21.40
N ARG A 565 -37.37 49.11 -22.06
CA ARG A 565 -37.49 50.46 -21.46
C ARG A 565 -38.19 50.49 -20.09
N GLU A 566 -39.39 49.91 -19.98
CA GLU A 566 -40.15 49.83 -18.74
C GLU A 566 -39.30 49.24 -17.59
N LYS A 567 -38.60 48.10 -17.85
CA LYS A 567 -37.73 47.41 -16.88
C LYS A 567 -36.50 48.29 -16.54
N LEU A 568 -35.97 49.03 -17.53
CA LEU A 568 -34.83 49.94 -17.35
C LEU A 568 -35.24 51.10 -16.46
N LEU A 569 -36.45 51.66 -16.69
CA LEU A 569 -37.03 52.78 -15.93
C LEU A 569 -37.31 52.40 -14.48
N ASP A 570 -37.82 51.16 -14.24
CA ASP A 570 -38.05 50.64 -12.89
C ASP A 570 -36.71 50.47 -12.16
N THR A 571 -35.63 50.27 -12.94
CA THR A 571 -34.26 50.10 -12.44
C THR A 571 -33.61 51.49 -12.20
N MET A 572 -34.13 52.56 -12.87
CA MET A 572 -33.65 53.94 -12.66
C MET A 572 -33.85 54.32 -11.17
N ASN A 573 -34.74 53.56 -10.47
CA ASN A 573 -34.98 53.61 -9.04
C ASN A 573 -33.85 52.83 -8.27
N ARG A 574 -32.60 53.28 -8.54
CA ARG A 574 -31.27 52.92 -8.03
C ARG A 574 -30.50 54.24 -8.03
N LEU A 575 -31.00 55.21 -8.83
CA LEU A 575 -30.47 56.56 -8.95
C LEU A 575 -31.38 57.52 -8.16
N ASP A 576 -30.83 58.18 -7.14
CA ASP A 576 -31.58 59.14 -6.34
C ASP A 576 -31.70 60.44 -7.14
N ASP A 577 -32.90 60.67 -7.74
CA ASP A 577 -33.28 61.84 -8.55
C ASP A 577 -34.74 61.71 -9.02
N HIS A 596 -46.05 69.61 -12.57
CA HIS A 596 -46.35 68.49 -13.47
C HIS A 596 -45.71 68.65 -14.85
N GLN A 597 -45.63 69.90 -15.38
CA GLN A 597 -45.05 70.20 -16.69
C GLN A 597 -43.52 70.39 -16.62
N GLN A 598 -43.02 70.95 -15.49
CA GLN A 598 -41.59 71.18 -15.23
C GLN A 598 -40.90 69.93 -14.64
N ILE A 599 -41.71 68.95 -14.22
CA ILE A 599 -41.28 67.67 -13.65
C ILE A 599 -41.14 66.60 -14.75
N SER A 600 -42.10 66.56 -15.71
CA SER A 600 -42.11 65.64 -16.86
C SER A 600 -40.92 65.87 -17.79
N LYS A 601 -40.45 67.13 -17.90
CA LYS A 601 -39.28 67.49 -18.71
C LYS A 601 -37.99 67.27 -17.92
N GLN A 602 -38.09 67.26 -16.57
CA GLN A 602 -36.96 67.04 -15.65
C GLN A 602 -36.65 65.55 -15.50
N LEU A 603 -37.70 64.68 -15.56
CA LEU A 603 -37.59 63.22 -15.50
C LEU A 603 -36.97 62.74 -16.81
N ALA A 604 -37.48 63.24 -17.96
CA ALA A 604 -37.00 62.95 -19.32
C ALA A 604 -35.59 63.50 -19.58
N ASP A 605 -35.10 64.41 -18.72
CA ASP A 605 -33.76 64.99 -18.80
C ASP A 605 -32.72 64.00 -18.21
N ARG A 606 -33.04 63.40 -17.03
CA ARG A 606 -32.19 62.40 -16.35
C ARG A 606 -32.32 61.04 -17.06
N GLU A 607 -33.52 60.73 -17.63
CA GLU A 607 -33.81 59.50 -18.38
C GLU A 607 -32.99 59.42 -19.66
N ARG A 608 -32.70 60.57 -20.32
CA ARG A 608 -31.88 60.65 -21.52
C ARG A 608 -30.38 60.68 -21.15
N GLU A 609 -30.06 61.06 -19.89
CA GLU A 609 -28.71 61.19 -19.34
C GLU A 609 -28.04 59.85 -19.05
N LEU A 610 -28.70 58.98 -18.24
CA LEU A 610 -28.14 57.68 -17.82
C LEU A 610 -28.63 56.47 -18.65
N LEU A 611 -29.40 56.69 -19.74
CA LEU A 611 -29.83 55.61 -20.61
C LEU A 611 -28.60 54.87 -21.20
N PRO A 612 -27.50 55.55 -21.63
CA PRO A 612 -26.34 54.79 -22.14
C PRO A 612 -25.65 53.88 -21.12
N ILE A 613 -25.60 54.30 -19.83
CA ILE A 613 -24.96 53.50 -18.78
C ILE A 613 -25.89 52.43 -18.24
N TYR A 614 -27.22 52.69 -18.25
CA TYR A 614 -28.21 51.70 -17.79
C TYR A 614 -28.38 50.59 -18.84
N GLY A 615 -28.01 50.91 -20.08
CA GLY A 615 -27.96 49.98 -21.20
C GLY A 615 -26.82 49.01 -20.98
N GLN A 616 -25.66 49.53 -20.51
CA GLN A 616 -24.48 48.73 -20.17
C GLN A 616 -24.73 47.84 -18.97
N ILE A 617 -25.55 48.30 -18.01
CA ILE A 617 -25.92 47.57 -16.80
C ILE A 617 -26.73 46.33 -17.18
N SER A 618 -27.76 46.51 -18.05
CA SER A 618 -28.64 45.44 -18.51
C SER A 618 -27.85 44.41 -19.36
N LEU A 619 -26.89 44.89 -20.20
CA LEU A 619 -26.01 44.07 -21.04
C LEU A 619 -25.12 43.19 -20.15
N GLN A 620 -24.61 43.76 -19.05
CA GLN A 620 -23.79 43.05 -18.06
C GLN A 620 -24.64 42.06 -17.25
N PHE A 621 -25.88 42.43 -16.97
CA PHE A 621 -26.81 41.59 -16.23
C PHE A 621 -27.12 40.32 -17.08
N ALA A 622 -27.31 40.51 -18.41
CA ALA A 622 -27.57 39.48 -19.40
C ALA A 622 -26.33 38.56 -19.52
N ASP A 623 -25.14 39.16 -19.69
CA ASP A 623 -23.86 38.47 -19.81
C ASP A 623 -23.54 37.57 -18.62
N LEU A 624 -24.05 37.90 -17.42
CA LEU A 624 -23.80 37.12 -16.21
C LEU A 624 -24.54 35.78 -16.19
N HIS A 625 -25.52 35.59 -17.09
CA HIS A 625 -26.27 34.34 -17.24
C HIS A 625 -25.52 33.41 -18.21
N ASP A 626 -24.75 34.01 -19.14
CA ASP A 626 -24.01 33.38 -20.25
C ASP A 626 -22.66 32.73 -19.88
N ARG A 627 -22.46 32.37 -18.62
CA ARG A 627 -21.18 31.85 -18.14
C ARG A 627 -21.14 30.33 -17.99
N SER A 628 -19.92 29.76 -18.06
CA SER A 628 -19.66 28.33 -17.91
C SER A 628 -20.16 27.74 -16.58
N SER A 629 -20.27 28.59 -15.53
CA SER A 629 -20.77 28.22 -14.20
C SER A 629 -22.25 27.86 -14.26
N ARG A 630 -23.06 28.61 -15.09
CA ARG A 630 -24.48 28.34 -15.33
C ARG A 630 -24.58 27.02 -16.09
N MET A 631 -23.71 26.85 -17.13
CA MET A 631 -23.63 25.64 -17.96
C MET A 631 -23.41 24.40 -17.11
N VAL A 632 -22.50 24.48 -16.11
CA VAL A 632 -22.20 23.42 -15.14
C VAL A 632 -23.42 23.14 -14.23
N ALA A 633 -23.98 24.21 -13.63
CA ALA A 633 -25.15 24.16 -12.75
C ALA A 633 -26.37 23.55 -13.45
N LYS A 634 -26.56 23.86 -14.73
CA LYS A 634 -27.67 23.33 -15.51
C LYS A 634 -27.39 21.91 -16.12
N GLY A 635 -26.15 21.41 -16.00
CA GLY A 635 -25.75 20.09 -16.48
C GLY A 635 -25.66 19.94 -17.99
N VAL A 636 -25.37 21.05 -18.72
CA VAL A 636 -25.28 21.03 -20.19
C VAL A 636 -23.82 20.81 -20.68
N ILE A 637 -22.83 20.98 -19.78
CA ILE A 637 -21.42 20.70 -20.06
C ILE A 637 -20.91 19.69 -19.03
N SER A 638 -19.89 18.92 -19.39
CA SER A 638 -19.29 17.91 -18.52
C SER A 638 -18.42 18.57 -17.45
N LYS A 639 -17.71 19.65 -17.81
CA LYS A 639 -16.82 20.39 -16.91
C LYS A 639 -16.49 21.74 -17.53
N GLU A 640 -16.17 22.72 -16.66
CA GLU A 640 -15.61 23.98 -17.14
C GLU A 640 -14.09 23.83 -17.04
N LEU A 641 -13.35 24.32 -18.04
CA LEU A 641 -11.91 24.15 -18.03
C LEU A 641 -11.16 25.45 -18.15
N GLU A 642 -9.84 25.39 -17.87
CA GLU A 642 -8.94 26.50 -18.05
C GLU A 642 -8.06 26.07 -19.19
N TRP A 643 -8.02 26.92 -20.22
CA TRP A 643 -7.27 26.73 -21.44
C TRP A 643 -5.84 26.20 -21.24
N THR A 644 -5.08 26.80 -20.31
CA THR A 644 -3.68 26.42 -20.04
C THR A 644 -3.56 24.97 -19.61
N GLU A 645 -4.59 24.45 -18.94
CA GLU A 645 -4.58 23.07 -18.46
C GLU A 645 -5.33 22.06 -19.36
N ALA A 646 -5.89 22.54 -20.51
CA ALA A 646 -6.71 21.77 -21.45
C ALA A 646 -5.95 20.61 -22.12
N ARG A 647 -4.68 20.80 -22.48
CA ARG A 647 -3.89 19.73 -23.08
C ARG A 647 -3.69 18.54 -22.14
N ARG A 648 -3.37 18.81 -20.88
CA ARG A 648 -3.21 17.77 -19.87
C ARG A 648 -4.55 17.06 -19.60
N PHE A 649 -5.63 17.84 -19.52
CA PHE A 649 -6.95 17.31 -19.29
C PHE A 649 -7.44 16.43 -20.46
N PHE A 650 -7.38 16.95 -21.70
CA PHE A 650 -7.85 16.26 -22.89
C PHE A 650 -7.05 15.04 -23.25
N PHE A 651 -5.73 15.06 -23.02
CA PHE A 651 -4.89 13.89 -23.30
C PHE A 651 -5.41 12.67 -22.52
N TRP A 652 -5.62 12.81 -21.20
CA TRP A 652 -6.09 11.71 -20.37
C TRP A 652 -7.55 11.40 -20.56
N ARG A 653 -8.40 12.40 -20.84
CA ARG A 653 -9.81 12.15 -21.11
C ARG A 653 -9.93 11.32 -22.39
N LEU A 654 -9.18 11.70 -23.45
CA LEU A 654 -9.19 10.98 -24.72
C LEU A 654 -8.64 9.57 -24.60
N ARG A 655 -7.46 9.42 -23.96
CA ARG A 655 -6.79 8.14 -23.72
C ARG A 655 -7.72 7.21 -22.93
N ARG A 656 -8.36 7.73 -21.90
CA ARG A 656 -9.30 6.94 -21.09
C ARG A 656 -10.52 6.52 -21.95
N ARG A 657 -11.10 7.47 -22.73
CA ARG A 657 -12.23 7.23 -23.63
C ARG A 657 -11.91 6.17 -24.70
N LEU A 658 -10.71 6.23 -25.29
CA LEU A 658 -10.27 5.22 -26.25
C LEU A 658 -10.15 3.83 -25.60
N ASN A 659 -9.71 3.76 -24.35
CA ASN A 659 -9.58 2.48 -23.64
C ASN A 659 -10.92 1.90 -23.32
N GLU A 660 -11.85 2.72 -22.81
CA GLU A 660 -13.21 2.27 -22.51
C GLU A 660 -13.98 1.87 -23.77
N GLU A 661 -13.82 2.64 -24.88
CA GLU A 661 -14.41 2.34 -26.18
C GLU A 661 -13.94 1.00 -26.66
N TYR A 662 -12.64 0.66 -26.48
CA TYR A 662 -12.10 -0.66 -26.81
C TYR A 662 -12.80 -1.79 -26.01
N LEU A 663 -13.04 -1.59 -24.72
CA LEU A 663 -13.71 -2.58 -23.85
C LEU A 663 -15.16 -2.80 -24.20
N ILE A 664 -15.92 -1.70 -24.52
CA ILE A 664 -17.34 -1.76 -24.93
C ILE A 664 -17.45 -2.60 -26.22
N LYS A 665 -16.53 -2.44 -27.17
CA LYS A 665 -16.53 -3.20 -28.41
C LYS A 665 -16.32 -4.71 -28.22
N ARG A 666 -15.45 -5.10 -27.28
CA ARG A 666 -15.19 -6.49 -26.93
C ARG A 666 -16.44 -7.07 -26.27
N LEU A 667 -17.11 -6.30 -25.44
CA LEU A 667 -18.36 -6.73 -24.81
C LEU A 667 -19.46 -6.96 -25.86
N SER A 668 -19.48 -6.11 -26.91
CA SER A 668 -20.44 -6.17 -28.00
C SER A 668 -20.32 -7.44 -28.82
N HIS A 669 -19.10 -7.96 -28.98
CA HIS A 669 -18.83 -9.19 -29.75
C HIS A 669 -19.13 -10.43 -28.91
N GLN A 670 -20.07 -10.31 -27.94
CA GLN A 670 -20.40 -11.38 -27.00
C GLN A 670 -21.83 -11.28 -26.46
N ALA A 674 -27.40 -6.04 -25.57
CA ALA A 674 -27.30 -5.08 -24.46
C ALA A 674 -27.06 -3.63 -24.92
N SER A 675 -27.62 -2.65 -24.20
CA SER A 675 -27.42 -1.24 -24.53
C SER A 675 -26.00 -0.80 -24.12
N ARG A 676 -25.53 0.34 -24.68
CA ARG A 676 -24.22 0.91 -24.37
C ARG A 676 -24.14 1.21 -22.87
N LEU A 677 -25.22 1.78 -22.32
CA LEU A 677 -25.36 2.13 -20.91
C LEU A 677 -25.14 0.92 -19.99
N GLU A 678 -25.67 -0.25 -20.40
CA GLU A 678 -25.52 -1.51 -19.67
C GLU A 678 -24.09 -2.00 -19.80
N LYS A 679 -23.50 -1.88 -21.00
CA LYS A 679 -22.14 -2.32 -21.31
C LYS A 679 -21.05 -1.60 -20.49
N ILE A 680 -21.07 -0.27 -20.49
CA ILE A 680 -20.12 0.58 -19.80
C ILE A 680 -20.27 0.43 -18.29
N ALA A 681 -21.50 0.24 -17.76
CA ALA A 681 -21.75 -0.01 -16.35
C ALA A 681 -21.15 -1.36 -15.92
N ARG A 682 -21.18 -2.38 -16.83
CA ARG A 682 -20.60 -3.68 -16.56
C ARG A 682 -19.08 -3.60 -16.56
N ILE A 683 -18.47 -2.92 -17.54
CA ILE A 683 -17.03 -2.73 -17.63
C ILE A 683 -16.49 -2.01 -16.38
N ARG A 684 -17.16 -0.92 -15.98
CA ARG A 684 -16.81 -0.12 -14.82
C ARG A 684 -16.99 -0.87 -13.50
N SER A 685 -17.87 -1.88 -13.47
CA SER A 685 -18.08 -2.71 -12.28
C SER A 685 -16.85 -3.65 -12.08
N TRP A 686 -16.00 -3.80 -13.12
CA TRP A 686 -14.78 -4.61 -13.09
C TRP A 686 -13.58 -3.83 -12.51
N TYR A 687 -13.67 -2.50 -12.48
CA TYR A 687 -12.63 -1.63 -11.96
C TYR A 687 -12.55 -1.89 -10.45
N PRO A 688 -11.35 -1.93 -9.84
CA PRO A 688 -11.26 -2.09 -8.38
C PRO A 688 -12.06 -0.98 -7.67
N ALA A 689 -12.62 -1.30 -6.47
CA ALA A 689 -13.41 -0.38 -5.65
C ALA A 689 -12.72 0.95 -5.40
N SER A 690 -11.39 0.92 -5.30
CA SER A 690 -10.59 2.10 -5.06
C SER A 690 -10.41 3.01 -6.26
N VAL A 691 -10.63 2.50 -7.49
CA VAL A 691 -10.50 3.34 -8.69
C VAL A 691 -11.69 4.35 -8.76
N ASP A 692 -11.36 5.63 -8.87
CA ASP A 692 -12.32 6.72 -9.04
C ASP A 692 -12.66 6.74 -10.55
N HIS A 693 -13.95 6.48 -10.87
CA HIS A 693 -14.47 6.41 -12.23
C HIS A 693 -14.33 7.73 -12.94
N GLU A 694 -14.26 8.81 -12.17
CA GLU A 694 -14.09 10.16 -12.68
C GLU A 694 -12.61 10.54 -12.93
N ASP A 695 -11.63 9.71 -12.51
CA ASP A 695 -10.21 10.00 -12.74
C ASP A 695 -9.76 9.27 -14.00
N ASP A 696 -9.59 10.04 -15.08
CA ASP A 696 -9.22 9.58 -16.41
C ASP A 696 -7.91 8.88 -16.45
N ARG A 697 -6.88 9.49 -15.84
CA ARG A 697 -5.53 8.92 -15.79
C ARG A 697 -5.51 7.57 -15.06
N GLN A 698 -6.16 7.50 -13.91
CA GLN A 698 -6.25 6.31 -13.09
C GLN A 698 -6.99 5.20 -13.86
N VAL A 699 -8.14 5.52 -14.48
CA VAL A 699 -8.92 4.56 -15.27
C VAL A 699 -8.08 4.07 -16.47
N ALA A 700 -7.48 4.98 -17.25
CA ALA A 700 -6.66 4.61 -18.41
C ALA A 700 -5.49 3.71 -17.98
N THR A 701 -4.77 4.10 -16.91
CA THR A 701 -3.63 3.35 -16.34
C THR A 701 -4.07 1.95 -15.90
N TRP A 702 -5.19 1.84 -15.19
CA TRP A 702 -5.65 0.54 -14.76
C TRP A 702 -5.97 -0.39 -15.94
N ILE A 703 -6.70 0.12 -16.96
CA ILE A 703 -7.05 -0.67 -18.14
C ILE A 703 -5.79 -1.15 -18.85
N GLU A 704 -4.82 -0.24 -19.12
CA GLU A 704 -3.61 -0.61 -19.84
C GLU A 704 -2.71 -1.61 -19.11
N GLU A 705 -2.72 -1.59 -17.77
CA GLU A 705 -2.00 -2.54 -16.94
C GLU A 705 -2.69 -3.92 -16.93
N ASN A 706 -4.00 -3.95 -17.24
CA ASN A 706 -4.86 -5.13 -17.16
C ASN A 706 -5.53 -5.61 -18.45
N TYR A 707 -5.06 -5.22 -19.64
CA TYR A 707 -5.69 -5.64 -20.90
C TYR A 707 -5.86 -7.18 -21.00
N LYS A 708 -4.79 -7.94 -20.69
CA LYS A 708 -4.76 -9.40 -20.77
C LYS A 708 -5.60 -10.04 -19.67
N THR A 709 -5.75 -9.37 -18.53
CA THR A 709 -6.60 -9.83 -17.44
C THR A 709 -8.06 -9.63 -17.81
N LEU A 710 -8.37 -8.47 -18.44
CA LEU A 710 -9.73 -8.12 -18.92
C LEU A 710 -10.12 -9.04 -20.06
N ASP A 711 -9.16 -9.46 -20.89
CA ASP A 711 -9.34 -10.44 -21.97
C ASP A 711 -9.81 -11.78 -21.36
N ASP A 712 -9.08 -12.30 -20.35
CA ASP A 712 -9.47 -13.52 -19.62
C ASP A 712 -10.88 -13.42 -19.08
N LYS A 713 -11.29 -12.23 -18.63
CA LYS A 713 -12.62 -11.99 -18.12
C LYS A 713 -13.62 -12.13 -19.26
N LEU A 714 -13.40 -11.41 -20.37
CA LEU A 714 -14.23 -11.41 -21.58
C LEU A 714 -14.39 -12.82 -22.15
N LYS A 715 -13.29 -13.60 -22.17
CA LYS A 715 -13.31 -14.98 -22.66
C LYS A 715 -14.12 -15.91 -21.74
N GLY A 716 -14.14 -15.61 -20.45
CA GLY A 716 -14.90 -16.39 -19.47
C GLY A 716 -16.38 -16.08 -19.52
N LEU A 717 -16.71 -14.90 -20.07
CA LEU A 717 -18.08 -14.43 -20.22
C LEU A 717 -18.73 -15.12 -21.43
N LYS A 718 -18.01 -16.11 -22.01
CA LYS A 718 -18.45 -16.97 -23.11
C LYS A 718 -19.39 -18.07 -22.65
N LEU A 719 -19.88 -17.97 -21.39
CA LEU A 719 -20.93 -18.83 -20.84
C LEU A 719 -22.19 -18.09 -21.36
N GLU A 720 -22.26 -17.98 -22.70
CA GLU A 720 -23.28 -17.30 -23.46
C GLU A 720 -24.02 -18.26 -24.36
N SER A 721 -25.30 -18.43 -24.04
CA SER A 721 -26.27 -19.28 -24.71
C SER A 721 -27.62 -18.61 -24.44
N PHE A 722 -28.10 -17.81 -25.42
CA PHE A 722 -29.33 -17.04 -25.32
C PHE A 722 -30.22 -17.12 -26.57
N ALA A 723 -31.53 -17.39 -26.35
CA ALA A 723 -32.56 -17.50 -27.39
C ALA A 723 -33.46 -16.27 -27.39
N LEU B 8 1.03 -12.22 -28.67
CA LEU B 8 0.28 -11.04 -28.22
C LEU B 8 -1.22 -11.31 -27.99
N ARG B 9 -1.64 -11.04 -26.75
CA ARG B 9 -3.03 -11.21 -26.34
C ARG B 9 -3.35 -10.16 -25.25
N PRO B 10 -4.37 -9.31 -25.42
CA PRO B 10 -5.26 -9.20 -26.57
C PRO B 10 -4.66 -8.39 -27.72
N ILE B 11 -5.24 -8.57 -28.90
CA ILE B 11 -4.87 -7.88 -30.13
C ILE B 11 -5.69 -6.60 -30.26
N ALA B 12 -5.12 -5.59 -30.97
CA ALA B 12 -5.78 -4.33 -31.33
C ALA B 12 -6.22 -3.46 -30.13
N THR B 13 -5.33 -3.27 -29.15
CA THR B 13 -5.61 -2.39 -28.01
C THR B 13 -5.16 -0.97 -28.40
N PRO B 14 -5.84 0.10 -27.92
CA PRO B 14 -5.39 1.48 -28.27
C PRO B 14 -3.94 1.78 -27.88
N TYR B 15 -3.48 1.24 -26.74
CA TYR B 15 -2.12 1.42 -26.20
C TYR B 15 -1.40 0.08 -25.97
N PRO B 16 -0.06 0.07 -25.78
CA PRO B 16 0.65 -1.20 -25.55
C PRO B 16 0.15 -2.08 -24.40
N VAL B 17 0.20 -3.41 -24.61
CA VAL B 17 -0.22 -4.41 -23.61
C VAL B 17 0.94 -4.61 -22.62
N LYS B 18 0.87 -3.91 -21.47
CA LYS B 18 1.84 -3.93 -20.37
C LYS B 18 2.10 -5.36 -19.84
N GLU B 19 1.07 -6.20 -19.82
CA GLU B 19 1.17 -7.61 -19.41
C GLU B 19 1.92 -8.48 -20.44
N TRP B 20 2.11 -7.97 -21.66
CA TRP B 20 2.82 -8.67 -22.72
C TRP B 20 4.25 -8.11 -22.79
N LEU B 21 4.43 -6.78 -22.65
CA LEU B 21 5.73 -6.12 -22.65
C LEU B 21 6.59 -6.70 -21.50
N GLN B 22 5.95 -7.00 -20.37
CA GLN B 22 6.51 -7.61 -19.19
C GLN B 22 5.57 -8.74 -18.72
N PRO B 23 5.83 -9.98 -19.16
CA PRO B 23 4.97 -11.13 -18.74
C PRO B 23 4.86 -11.35 -17.23
N LYS B 24 5.86 -10.89 -16.47
CA LYS B 24 5.89 -10.95 -14.99
C LYS B 24 4.71 -10.18 -14.37
N ARG B 25 4.29 -9.04 -15.01
CA ARG B 25 3.11 -8.25 -14.60
C ARG B 25 1.87 -9.12 -14.63
N TYR B 26 1.75 -9.94 -15.66
CA TYR B 26 0.62 -10.84 -15.86
C TYR B 26 0.62 -11.96 -14.80
N LYS B 27 1.83 -12.48 -14.50
CA LYS B 27 2.03 -13.49 -13.47
C LYS B 27 1.58 -12.92 -12.12
N ALA B 28 1.99 -11.67 -11.76
CA ALA B 28 1.52 -11.04 -10.50
C ALA B 28 -0.01 -10.98 -10.44
N HIS B 29 -0.66 -10.52 -11.54
CA HIS B 29 -2.12 -10.42 -11.63
C HIS B 29 -2.80 -11.77 -11.51
N LEU B 30 -2.24 -12.85 -12.13
CA LEU B 30 -2.77 -14.22 -12.00
C LEU B 30 -2.80 -14.65 -10.54
N MET B 31 -1.82 -14.20 -9.73
CA MET B 31 -1.74 -14.49 -8.31
C MET B 31 -2.50 -13.51 -7.39
N GLY B 32 -3.34 -12.66 -7.99
CA GLY B 32 -4.21 -11.72 -7.28
C GLY B 32 -3.58 -10.54 -6.57
N THR B 33 -2.45 -10.01 -7.10
CA THR B 33 -1.76 -8.87 -6.50
C THR B 33 -1.24 -7.94 -7.61
N THR B 34 -0.78 -6.74 -7.21
CA THR B 34 -0.17 -5.74 -8.07
C THR B 34 1.26 -6.17 -8.33
N TYR B 35 1.77 -5.88 -9.52
CA TYR B 35 3.14 -6.16 -9.92
C TYR B 35 3.99 -5.14 -9.20
N VAL B 36 5.12 -5.58 -8.56
CA VAL B 36 5.97 -4.69 -7.75
C VAL B 36 6.24 -3.36 -8.38
N TYR B 37 6.64 -3.38 -9.66
CA TYR B 37 7.04 -2.17 -10.35
C TYR B 37 5.86 -1.22 -10.61
N ASP B 38 4.62 -1.67 -10.33
CA ASP B 38 3.41 -0.84 -10.45
C ASP B 38 2.98 -0.15 -9.14
N PHE B 39 3.58 -0.54 -7.97
CA PHE B 39 3.28 0.08 -6.67
C PHE B 39 3.66 1.58 -6.62
N PRO B 40 4.81 2.06 -7.16
CA PRO B 40 5.07 3.52 -7.11
C PRO B 40 3.92 4.35 -7.74
N GLU B 41 3.28 3.81 -8.80
CA GLU B 41 2.13 4.42 -9.46
C GLU B 41 0.93 4.50 -8.49
N LEU B 42 0.71 3.45 -7.69
CA LEU B 42 -0.33 3.44 -6.65
C LEU B 42 -0.08 4.52 -5.59
N PHE B 43 1.19 4.76 -5.21
CA PHE B 43 1.59 5.78 -4.26
C PHE B 43 1.36 7.18 -4.85
N ARG B 44 1.64 7.35 -6.17
CA ARG B 44 1.37 8.59 -6.90
C ARG B 44 -0.15 8.88 -6.88
N GLN B 45 -0.98 7.89 -7.27
CA GLN B 45 -2.46 8.01 -7.23
C GLN B 45 -2.99 8.36 -5.84
N ALA B 46 -2.49 7.68 -4.78
CA ALA B 46 -2.89 7.90 -3.38
C ALA B 46 -2.47 9.28 -2.90
N SER B 47 -1.26 9.74 -3.27
CA SER B 47 -0.75 11.06 -2.90
C SER B 47 -1.52 12.17 -3.61
N SER B 48 -1.87 11.95 -4.90
CA SER B 48 -2.69 12.85 -5.70
C SER B 48 -4.06 13.01 -5.03
N SER B 49 -4.69 11.89 -4.61
CA SER B 49 -5.97 11.90 -3.89
C SER B 49 -5.92 12.68 -2.58
N GLN B 50 -4.78 12.64 -1.86
CA GLN B 50 -4.57 13.35 -0.59
C GLN B 50 -4.76 14.84 -0.83
N TRP B 51 -4.20 15.34 -1.92
CA TRP B 51 -4.28 16.73 -2.34
C TRP B 51 -5.72 17.10 -2.71
N LYS B 52 -6.41 16.22 -3.45
CA LYS B 52 -7.82 16.37 -3.84
C LYS B 52 -8.74 16.54 -2.65
N ASN B 53 -8.62 15.66 -1.62
CA ASN B 53 -9.46 15.76 -0.43
C ASN B 53 -9.06 16.92 0.46
N PHE B 54 -7.84 17.47 0.30
CA PHE B 54 -7.38 18.59 1.10
C PHE B 54 -7.83 19.92 0.48
N SER B 55 -7.42 20.17 -0.77
CA SER B 55 -7.74 21.39 -1.51
C SER B 55 -7.97 20.99 -2.95
N ALA B 56 -9.25 20.80 -3.33
CA ALA B 56 -9.67 20.38 -4.68
C ALA B 56 -9.10 21.27 -5.81
N ASP B 57 -8.91 22.55 -5.53
CA ASP B 57 -8.42 23.58 -6.45
C ASP B 57 -6.90 23.56 -6.67
N VAL B 58 -6.17 22.73 -5.91
CA VAL B 58 -4.71 22.63 -6.06
C VAL B 58 -4.37 21.89 -7.38
N LYS B 59 -3.43 22.49 -8.15
CA LYS B 59 -2.98 21.97 -9.43
C LYS B 59 -1.65 21.27 -9.24
N LEU B 60 -1.65 19.94 -9.40
CA LEU B 60 -0.44 19.15 -9.25
C LEU B 60 0.19 18.89 -10.58
N THR B 61 1.50 18.92 -10.63
CA THR B 61 2.28 18.52 -11.78
C THR B 61 3.01 17.23 -11.37
N ASP B 62 3.51 16.45 -12.34
CA ASP B 62 4.16 15.18 -12.06
C ASP B 62 5.44 15.29 -11.20
N ASP B 63 6.03 16.49 -11.05
CA ASP B 63 7.21 16.69 -10.21
C ASP B 63 6.88 16.75 -8.68
N PHE B 64 5.58 16.63 -8.30
CA PHE B 64 5.16 16.56 -6.91
C PHE B 64 5.54 15.16 -6.33
N PHE B 65 5.78 14.17 -7.21
CA PHE B 65 6.06 12.80 -6.83
C PHE B 65 7.21 12.26 -7.66
N ILE B 66 8.27 11.78 -6.99
CA ILE B 66 9.44 11.15 -7.60
C ILE B 66 9.65 9.77 -6.96
N SER B 67 9.85 8.75 -7.78
CA SER B 67 10.13 7.40 -7.32
C SER B 67 11.37 6.89 -8.02
N ASN B 68 12.40 6.54 -7.25
CA ASN B 68 13.65 6.03 -7.79
C ASN B 68 13.93 4.68 -7.21
N GLU B 69 14.16 3.68 -8.06
CA GLU B 69 14.48 2.34 -7.58
C GLU B 69 15.87 2.32 -6.91
N LEU B 70 15.99 1.55 -5.81
CA LEU B 70 17.25 1.38 -5.10
C LEU B 70 17.79 -0.01 -5.39
N ILE B 71 19.04 -0.08 -5.80
CA ILE B 71 19.71 -1.36 -6.06
C ILE B 71 21.09 -1.28 -5.43
N GLU B 72 21.68 -2.43 -5.16
CA GLU B 72 23.02 -2.48 -4.64
C GLU B 72 24.03 -2.39 -5.79
N ASP B 73 25.06 -1.52 -5.63
CA ASP B 73 26.15 -1.40 -6.59
C ASP B 73 27.20 -2.55 -6.37
N GLU B 74 28.40 -2.43 -6.98
CA GLU B 74 29.51 -3.41 -6.94
C GLU B 74 30.00 -3.63 -5.50
N ASN B 75 30.10 -2.54 -4.72
CA ASN B 75 30.55 -2.53 -3.33
C ASN B 75 29.42 -2.87 -2.32
N GLY B 76 28.24 -3.24 -2.84
CA GLY B 76 27.08 -3.54 -2.03
C GLY B 76 26.41 -2.32 -1.43
N GLU B 77 26.70 -1.12 -1.96
CA GLU B 77 26.07 0.09 -1.45
C GLU B 77 24.83 0.43 -2.27
N LEU B 78 23.78 0.96 -1.61
CA LEU B 78 22.53 1.29 -2.29
C LEU B 78 22.64 2.55 -3.13
N THR B 79 22.22 2.44 -4.37
CA THR B 79 22.24 3.56 -5.33
C THR B 79 20.92 3.63 -6.06
N GLU B 80 20.51 4.85 -6.44
CA GLU B 80 19.29 5.09 -7.19
C GLU B 80 19.54 4.77 -8.67
N VAL B 81 18.58 4.05 -9.29
CA VAL B 81 18.67 3.68 -10.71
C VAL B 81 17.35 3.95 -11.43
N GLU B 82 17.43 4.03 -12.77
CA GLU B 82 16.30 4.15 -13.68
C GLU B 82 16.53 3.05 -14.69
N ARG B 83 15.73 2.00 -14.59
CA ARG B 83 15.85 0.86 -15.47
C ARG B 83 14.46 0.31 -15.82
N GLU B 84 14.40 -0.69 -16.69
CA GLU B 84 13.11 -1.25 -17.09
C GLU B 84 12.59 -2.22 -16.04
N PRO B 85 11.26 -2.26 -15.78
CA PRO B 85 10.71 -3.25 -14.84
C PRO B 85 11.06 -4.68 -15.24
N GLY B 86 11.24 -5.53 -14.24
CA GLY B 86 11.54 -6.94 -14.47
C GLY B 86 13.01 -7.29 -14.63
N ALA B 87 13.91 -6.28 -14.56
CA ALA B 87 15.36 -6.50 -14.68
C ALA B 87 15.99 -6.94 -13.33
N ASN B 88 15.20 -6.96 -12.21
CA ASN B 88 15.67 -7.39 -10.89
C ASN B 88 16.27 -8.81 -10.90
N ALA B 89 17.54 -8.91 -10.48
CA ALA B 89 18.26 -10.19 -10.35
C ALA B 89 17.93 -10.88 -9.01
N ILE B 90 17.25 -10.17 -8.06
CA ILE B 90 16.80 -10.74 -6.78
C ILE B 90 15.31 -10.53 -6.61
N GLY B 91 14.68 -11.29 -5.70
CA GLY B 91 13.24 -11.23 -5.45
C GLY B 91 12.75 -10.19 -4.47
N MET B 92 13.55 -9.14 -4.25
CA MET B 92 13.23 -8.04 -3.34
C MET B 92 13.60 -6.76 -4.06
N VAL B 93 12.67 -5.79 -4.11
CA VAL B 93 12.90 -4.50 -4.75
C VAL B 93 12.63 -3.37 -3.77
N ALA B 94 13.28 -2.21 -3.97
CA ALA B 94 13.05 -1.04 -3.13
C ALA B 94 13.00 0.21 -3.95
N PHE B 95 12.28 1.20 -3.46
CA PHE B 95 12.12 2.52 -4.07
C PHE B 95 12.28 3.57 -3.04
N LYS B 96 12.91 4.66 -3.41
CA LYS B 96 12.97 5.84 -2.54
C LYS B 96 11.96 6.81 -3.19
N ILE B 97 10.96 7.19 -2.41
CA ILE B 97 9.90 8.10 -2.84
C ILE B 97 10.07 9.50 -2.23
N THR B 98 9.96 10.54 -3.06
CA THR B 98 9.99 11.95 -2.65
C THR B 98 8.65 12.54 -3.11
N VAL B 99 7.79 12.92 -2.16
CA VAL B 99 6.46 13.45 -2.41
C VAL B 99 6.22 14.77 -1.71
N LYS B 100 5.55 15.71 -2.41
CA LYS B 100 5.05 16.96 -1.82
C LYS B 100 3.65 16.59 -1.35
N THR B 101 3.35 16.78 -0.06
CA THR B 101 2.06 16.38 0.50
C THR B 101 1.44 17.58 1.18
N PRO B 102 0.12 17.60 1.50
CA PRO B 102 -0.42 18.77 2.22
C PRO B 102 0.35 19.16 3.50
N GLU B 103 0.87 18.18 4.29
CA GLU B 103 1.64 18.45 5.54
C GLU B 103 3.08 18.89 5.22
N TYR B 104 3.66 18.38 4.12
CA TYR B 104 5.04 18.67 3.68
C TYR B 104 5.04 19.15 2.22
N PRO B 105 4.48 20.36 1.93
CA PRO B 105 4.37 20.81 0.52
C PRO B 105 5.70 20.96 -0.24
N ARG B 106 6.84 21.04 0.48
CA ARG B 106 8.17 21.12 -0.11
C ARG B 106 8.78 19.70 -0.26
N GLY B 107 8.10 18.67 0.26
CA GLY B 107 8.56 17.29 0.11
C GLY B 107 8.92 16.51 1.36
N ARG B 108 8.56 15.23 1.36
CA ARG B 108 8.87 14.24 2.40
C ARG B 108 9.35 12.98 1.69
N GLN B 109 10.25 12.21 2.33
CA GLN B 109 10.78 10.99 1.74
C GLN B 109 10.47 9.77 2.56
N PHE B 110 10.46 8.61 1.90
CA PHE B 110 10.29 7.30 2.54
C PHE B 110 10.81 6.26 1.62
N VAL B 111 11.02 5.05 2.14
CA VAL B 111 11.51 3.93 1.35
C VAL B 111 10.40 2.89 1.29
N VAL B 112 10.26 2.26 0.15
CA VAL B 112 9.29 1.19 -0.02
C VAL B 112 10.13 -0.03 -0.36
N VAL B 113 10.00 -1.11 0.41
CA VAL B 113 10.67 -2.40 0.15
C VAL B 113 9.53 -3.33 -0.19
N ALA B 114 9.74 -4.21 -1.17
CA ALA B 114 8.68 -5.12 -1.55
C ALA B 114 9.23 -6.41 -2.07
N ASN B 115 8.53 -7.51 -1.79
CA ASN B 115 8.92 -8.79 -2.37
C ASN B 115 8.40 -8.78 -3.79
N ASP B 116 9.06 -9.52 -4.68
CA ASP B 116 8.57 -9.73 -6.04
C ASP B 116 7.99 -11.14 -6.05
N ILE B 117 6.65 -11.27 -5.95
CA ILE B 117 5.96 -12.57 -5.93
C ILE B 117 6.23 -13.39 -7.23
N THR B 118 6.68 -12.74 -8.32
CA THR B 118 6.98 -13.40 -9.61
C THR B 118 8.39 -14.01 -9.62
N PHE B 119 9.26 -13.59 -8.69
CA PHE B 119 10.62 -14.09 -8.57
C PHE B 119 10.65 -15.19 -7.52
N LYS B 120 10.76 -16.43 -7.97
CA LYS B 120 10.82 -17.62 -7.13
C LYS B 120 9.76 -17.59 -6.02
N ILE B 121 8.49 -17.35 -6.42
CA ILE B 121 7.26 -17.26 -5.61
C ILE B 121 7.42 -16.31 -4.37
N GLY B 122 8.23 -15.27 -4.54
CA GLY B 122 8.51 -14.26 -3.53
C GLY B 122 9.22 -14.82 -2.30
N SER B 123 9.96 -15.93 -2.45
CA SER B 123 10.68 -16.60 -1.37
C SER B 123 11.85 -15.74 -0.92
N PHE B 124 12.25 -15.87 0.34
CA PHE B 124 13.38 -15.14 0.89
C PHE B 124 14.63 -16.02 0.86
N GLY B 125 15.54 -15.69 -0.04
CA GLY B 125 16.85 -16.33 -0.09
C GLY B 125 17.83 -15.41 0.60
N PRO B 126 19.10 -15.83 0.79
CA PRO B 126 20.09 -14.97 1.45
C PRO B 126 20.30 -13.58 0.85
N GLN B 127 20.19 -13.44 -0.47
CA GLN B 127 20.40 -12.16 -1.15
C GLN B 127 19.23 -11.20 -0.93
N GLU B 128 18.00 -11.73 -0.84
CA GLU B 128 16.79 -10.96 -0.54
C GLU B 128 16.86 -10.47 0.92
N ASP B 129 17.36 -11.33 1.84
CA ASP B 129 17.51 -11.00 3.27
C ASP B 129 18.56 -9.90 3.44
N GLU B 130 19.67 -10.02 2.73
CA GLU B 130 20.76 -9.05 2.77
C GLU B 130 20.29 -7.68 2.25
N PHE B 131 19.52 -7.68 1.16
CA PHE B 131 19.04 -6.44 0.53
C PHE B 131 17.99 -5.77 1.42
N PHE B 132 17.04 -6.55 1.97
CA PHE B 132 16.00 -6.06 2.88
C PHE B 132 16.65 -5.37 4.09
N ASN B 133 17.69 -6.02 4.68
CA ASN B 133 18.45 -5.50 5.80
C ASN B 133 19.17 -4.18 5.45
N LYS B 134 19.79 -4.13 4.29
CA LYS B 134 20.51 -2.95 3.80
C LYS B 134 19.55 -1.77 3.62
N VAL B 135 18.34 -2.03 3.09
CA VAL B 135 17.29 -1.02 2.86
C VAL B 135 16.75 -0.50 4.20
N THR B 136 16.59 -1.41 5.18
CA THR B 136 16.13 -1.04 6.52
C THR B 136 17.16 -0.13 7.16
N GLU B 137 18.45 -0.45 7.04
CA GLU B 137 19.53 0.35 7.60
C GLU B 137 19.63 1.72 6.91
N TYR B 138 19.40 1.75 5.61
CA TYR B 138 19.36 2.95 4.78
C TYR B 138 18.31 3.95 5.33
N ALA B 139 17.08 3.47 5.59
CA ALA B 139 15.98 4.27 6.14
C ALA B 139 16.29 4.70 7.58
N ARG B 140 16.83 3.78 8.39
CA ARG B 140 17.19 4.06 9.79
C ARG B 140 18.21 5.16 9.94
N LYS B 141 19.24 5.14 9.09
CA LYS B 141 20.31 6.13 9.09
C LYS B 141 19.75 7.51 8.74
N ARG B 142 18.82 7.58 7.79
CA ARG B 142 18.21 8.83 7.34
C ARG B 142 17.02 9.29 8.19
N GLY B 143 16.49 8.38 9.01
CA GLY B 143 15.36 8.64 9.90
C GLY B 143 14.02 8.66 9.19
N ILE B 144 13.97 8.14 7.98
CA ILE B 144 12.79 8.19 7.15
C ILE B 144 11.94 6.92 7.25
N PRO B 145 10.60 7.02 7.04
CA PRO B 145 9.75 5.82 7.13
C PRO B 145 10.11 4.66 6.23
N ARG B 146 9.86 3.42 6.71
CA ARG B 146 10.10 2.19 5.93
C ARG B 146 8.77 1.49 5.72
N ILE B 147 8.40 1.40 4.46
CA ILE B 147 7.16 0.73 4.07
C ILE B 147 7.50 -0.58 3.48
N TYR B 148 6.93 -1.63 4.03
CA TYR B 148 7.14 -2.96 3.49
C TYR B 148 5.86 -3.51 2.82
N LEU B 149 5.95 -3.96 1.56
CA LEU B 149 4.82 -4.58 0.83
C LEU B 149 5.09 -6.06 0.77
N ALA B 150 4.38 -6.81 1.58
CA ALA B 150 4.53 -8.26 1.73
C ALA B 150 3.73 -9.11 0.72
N ALA B 151 4.45 -9.90 -0.08
CA ALA B 151 3.89 -10.84 -1.08
C ALA B 151 4.93 -11.95 -1.19
N ASN B 152 4.84 -12.96 -0.33
CA ASN B 152 5.93 -13.94 -0.29
C ASN B 152 5.54 -15.36 0.06
N SER B 153 6.53 -16.26 0.04
CA SER B 153 6.35 -17.68 0.37
C SER B 153 7.23 -18.15 1.50
N GLY B 154 7.80 -17.20 2.24
CA GLY B 154 8.68 -17.52 3.36
C GLY B 154 10.10 -17.75 2.89
N ALA B 155 10.90 -18.40 3.75
CA ALA B 155 12.29 -18.74 3.44
C ALA B 155 12.34 -19.69 2.25
N ARG B 156 13.33 -19.51 1.38
CA ARG B 156 13.52 -20.35 0.21
C ARG B 156 13.90 -21.79 0.60
N ILE B 157 13.24 -22.77 -0.03
CA ILE B 157 13.53 -24.18 0.22
C ILE B 157 14.11 -24.81 -1.07
N GLY B 158 14.99 -25.78 -0.90
CA GLY B 158 15.62 -26.48 -2.01
C GLY B 158 16.46 -27.67 -1.61
N MET B 159 16.90 -28.45 -2.62
CA MET B 159 17.79 -29.60 -2.46
C MET B 159 18.93 -29.49 -3.43
N ALA B 160 19.99 -30.29 -3.22
CA ALA B 160 21.13 -30.32 -4.14
C ALA B 160 20.65 -31.15 -5.35
N GLU B 161 20.24 -30.43 -6.42
CA GLU B 161 19.67 -31.03 -7.61
C GLU B 161 20.71 -31.85 -8.41
N GLU B 162 21.99 -31.45 -8.36
CA GLU B 162 23.12 -32.13 -8.99
C GLU B 162 23.40 -33.54 -8.40
N ILE B 163 22.94 -33.82 -7.16
CA ILE B 163 23.14 -35.12 -6.48
C ILE B 163 21.94 -36.07 -6.76
N VAL B 164 20.80 -35.50 -7.22
CA VAL B 164 19.59 -36.27 -7.57
C VAL B 164 19.88 -37.32 -8.69
N PRO B 165 20.59 -37.00 -9.82
CA PRO B 165 20.82 -38.04 -10.84
C PRO B 165 22.08 -38.90 -10.61
N LEU B 166 22.89 -38.60 -9.58
CA LEU B 166 24.14 -39.31 -9.32
C LEU B 166 24.10 -40.31 -8.17
N PHE B 167 23.29 -40.07 -7.13
CA PHE B 167 23.27 -40.93 -5.94
C PHE B 167 22.80 -42.37 -6.21
N GLN B 168 23.40 -43.30 -5.46
CA GLN B 168 23.11 -44.74 -5.52
C GLN B 168 22.65 -45.22 -4.17
N VAL B 169 21.84 -46.29 -4.18
CA VAL B 169 21.30 -46.93 -2.99
C VAL B 169 22.02 -48.25 -2.69
N ALA B 170 22.45 -48.42 -1.43
CA ALA B 170 23.09 -49.63 -0.92
C ALA B 170 21.98 -50.48 -0.28
N TRP B 171 21.23 -51.19 -1.14
CA TRP B 171 20.11 -52.08 -0.78
C TRP B 171 20.54 -53.22 0.14
N ASN B 172 19.64 -53.67 1.02
CA ASN B 172 19.92 -54.77 1.94
C ASN B 172 20.03 -56.07 1.09
N ASP B 173 19.07 -56.23 0.14
CA ASP B 173 18.98 -57.31 -0.83
C ASP B 173 18.62 -56.66 -2.17
N ALA B 174 19.57 -56.62 -3.12
CA ALA B 174 19.38 -56.00 -4.43
C ALA B 174 18.14 -56.50 -5.21
N ALA B 175 17.76 -57.79 -4.99
CA ALA B 175 16.59 -58.42 -5.62
C ALA B 175 15.27 -57.93 -5.02
N ASN B 176 15.23 -57.72 -3.69
CA ASN B 176 14.05 -57.23 -2.97
C ASN B 176 14.28 -55.81 -2.40
N PRO B 177 13.97 -54.74 -3.18
CA PRO B 177 14.16 -53.36 -2.67
C PRO B 177 13.30 -53.03 -1.45
N ASP B 178 12.10 -53.63 -1.36
CA ASP B 178 11.14 -53.50 -0.26
C ASP B 178 11.74 -53.88 1.11
N LYS B 179 12.80 -54.69 1.12
CA LYS B 179 13.47 -55.15 2.34
C LYS B 179 14.30 -54.03 3.03
N GLY B 180 14.46 -52.91 2.33
CA GLY B 180 15.17 -51.74 2.85
C GLY B 180 16.50 -51.44 2.21
N PHE B 181 17.23 -50.48 2.80
CA PHE B 181 18.55 -50.01 2.38
C PHE B 181 19.40 -49.58 3.57
N GLN B 182 20.74 -49.60 3.41
CA GLN B 182 21.70 -49.27 4.45
C GLN B 182 22.17 -47.81 4.44
N TYR B 183 22.40 -47.24 3.25
CA TYR B 183 22.88 -45.87 3.05
C TYR B 183 22.78 -45.44 1.59
N LEU B 184 23.11 -44.17 1.32
CA LEU B 184 23.16 -43.61 -0.01
C LEU B 184 24.62 -43.33 -0.31
N TYR B 185 25.03 -43.48 -1.57
CA TYR B 185 26.42 -43.32 -1.96
C TYR B 185 26.61 -42.85 -3.39
N LEU B 186 27.85 -42.52 -3.74
CA LEU B 186 28.29 -42.13 -5.07
C LEU B 186 29.37 -43.12 -5.56
N THR B 187 29.42 -43.33 -6.89
CA THR B 187 30.41 -44.16 -7.55
C THR B 187 31.54 -43.23 -7.97
N SER B 188 32.69 -43.77 -8.43
CA SER B 188 33.83 -42.96 -8.89
C SER B 188 33.42 -42.09 -10.10
N GLU B 189 32.38 -42.54 -10.83
CA GLU B 189 31.77 -41.89 -12.01
C GLU B 189 31.05 -40.62 -11.56
N GLY B 190 30.18 -40.77 -10.54
CA GLY B 190 29.42 -39.68 -9.91
C GLY B 190 30.37 -38.64 -9.33
N MET B 191 31.40 -39.12 -8.59
CA MET B 191 32.45 -38.28 -7.98
C MET B 191 33.21 -37.49 -9.04
N GLU B 192 33.43 -38.11 -10.22
CA GLU B 192 34.12 -37.49 -11.35
C GLU B 192 33.26 -36.43 -12.03
N THR B 193 31.94 -36.67 -12.13
CA THR B 193 30.95 -35.74 -12.69
C THR B 193 31.01 -34.44 -11.88
N LEU B 194 31.07 -34.59 -10.52
CA LEU B 194 31.18 -33.51 -9.54
C LEU B 194 32.49 -32.75 -9.75
N LYS B 195 33.62 -33.48 -9.85
CA LYS B 195 34.97 -32.91 -10.08
C LYS B 195 35.02 -32.12 -11.41
N LYS B 196 34.30 -32.62 -12.43
CA LYS B 196 34.19 -32.04 -13.78
C LYS B 196 33.49 -30.67 -13.77
N PHE B 197 32.39 -30.54 -13.01
CA PHE B 197 31.63 -29.29 -12.93
C PHE B 197 32.01 -28.42 -11.71
N ASP B 198 33.13 -28.76 -11.03
CA ASP B 198 33.71 -28.10 -9.86
C ASP B 198 32.72 -28.03 -8.67
N LYS B 199 31.96 -29.12 -8.48
CA LYS B 199 30.95 -29.28 -7.44
C LYS B 199 31.39 -30.40 -6.48
N GLU B 200 32.70 -30.46 -6.17
CA GLU B 200 33.33 -31.47 -5.29
C GLU B 200 32.85 -31.32 -3.84
N ASN B 201 32.72 -30.07 -3.38
CA ASN B 201 32.27 -29.69 -2.03
C ASN B 201 30.74 -29.84 -1.81
N SER B 202 29.97 -30.25 -2.86
CA SER B 202 28.52 -30.48 -2.82
C SER B 202 28.12 -31.63 -1.90
N VAL B 203 29.07 -32.53 -1.60
CA VAL B 203 28.86 -33.69 -0.74
C VAL B 203 30.05 -33.93 0.19
N LEU B 204 29.75 -34.56 1.33
CA LEU B 204 30.71 -34.96 2.35
C LEU B 204 30.66 -36.49 2.31
N THR B 205 31.75 -37.09 1.80
CA THR B 205 31.82 -38.54 1.62
C THR B 205 32.95 -39.19 2.41
N GLU B 206 32.77 -40.48 2.71
CA GLU B 206 33.75 -41.35 3.34
C GLU B 206 33.90 -42.54 2.41
N ARG B 207 35.10 -42.74 1.81
CA ARG B 207 35.33 -43.86 0.88
C ARG B 207 35.30 -45.24 1.57
N THR B 208 34.55 -46.17 0.96
CA THR B 208 34.41 -47.56 1.39
C THR B 208 34.59 -48.46 0.15
N VAL B 209 35.05 -49.69 0.33
CA VAL B 209 35.23 -50.60 -0.81
C VAL B 209 34.47 -51.90 -0.51
N ILE B 210 33.35 -52.09 -1.22
CA ILE B 210 32.46 -53.24 -1.03
C ILE B 210 32.49 -54.15 -2.25
N ASN B 211 33.11 -55.36 -2.08
CA ASN B 211 33.31 -56.38 -3.10
C ASN B 211 34.05 -55.83 -4.33
N GLY B 212 35.23 -55.24 -4.06
CA GLY B 212 36.09 -54.62 -5.06
C GLY B 212 35.67 -53.22 -5.49
N GLU B 213 34.33 -52.98 -5.54
CA GLU B 213 33.70 -51.70 -5.93
C GLU B 213 33.95 -50.59 -4.88
N GLU B 214 34.46 -49.43 -5.35
CA GLU B 214 34.75 -48.23 -4.56
C GLU B 214 33.45 -47.40 -4.42
N ARG B 215 32.83 -47.46 -3.22
CA ARG B 215 31.60 -46.72 -2.87
C ARG B 215 31.94 -45.49 -2.01
N PHE B 216 31.45 -44.30 -2.42
CA PHE B 216 31.65 -43.06 -1.67
C PHE B 216 30.36 -42.73 -0.90
N VAL B 217 30.25 -43.25 0.34
CA VAL B 217 29.05 -43.12 1.18
C VAL B 217 28.82 -41.64 1.56
N ILE B 218 27.58 -41.17 1.26
CA ILE B 218 27.13 -39.81 1.49
C ILE B 218 26.87 -39.60 2.97
N LYS B 219 27.71 -38.78 3.61
CA LYS B 219 27.59 -38.46 5.03
C LYS B 219 26.76 -37.18 5.22
N THR B 220 26.91 -36.21 4.29
CA THR B 220 26.16 -34.95 4.25
C THR B 220 26.06 -34.41 2.82
N ILE B 221 24.86 -33.97 2.41
CA ILE B 221 24.63 -33.27 1.17
C ILE B 221 24.67 -31.75 1.50
N ILE B 222 25.53 -31.00 0.83
CA ILE B 222 25.69 -29.57 1.02
C ILE B 222 25.04 -28.77 -0.14
N GLY B 223 25.28 -29.19 -1.37
CA GLY B 223 24.77 -28.52 -2.56
C GLY B 223 25.72 -27.43 -3.00
N SER B 224 25.65 -27.06 -4.28
CA SER B 224 26.49 -26.02 -4.88
C SER B 224 25.74 -24.68 -4.93
N GLU B 225 24.40 -24.76 -5.02
CA GLU B 225 23.52 -23.60 -5.04
C GLU B 225 23.26 -23.12 -3.60
N ASP B 226 23.46 -21.81 -3.37
CA ASP B 226 23.18 -21.11 -2.12
C ASP B 226 21.66 -20.85 -2.08
N GLY B 227 21.06 -20.90 -0.89
CA GLY B 227 19.64 -20.64 -0.71
C GLY B 227 18.78 -21.89 -0.65
N LEU B 228 19.31 -22.94 -0.05
CA LEU B 228 18.67 -24.25 0.06
C LEU B 228 17.94 -24.48 1.39
N GLY B 229 18.59 -24.08 2.49
CA GLY B 229 18.06 -24.33 3.82
C GLY B 229 18.45 -23.34 4.89
N VAL B 230 19.33 -23.78 5.82
CA VAL B 230 19.75 -23.06 7.02
C VAL B 230 20.31 -21.65 6.74
N GLU B 231 20.93 -21.42 5.57
CA GLU B 231 21.44 -20.09 5.21
C GLU B 231 20.27 -19.10 4.98
N CYS B 232 19.07 -19.61 4.64
CA CYS B 232 17.86 -18.79 4.46
C CYS B 232 17.34 -18.43 5.82
N LEU B 233 17.42 -19.37 6.77
CA LEU B 233 17.01 -19.21 8.16
C LEU B 233 17.82 -18.16 8.89
N ARG B 234 19.13 -18.13 8.64
CA ARG B 234 20.04 -17.14 9.20
C ARG B 234 19.64 -15.75 8.72
N GLY B 235 19.39 -15.63 7.41
CA GLY B 235 18.95 -14.38 6.79
C GLY B 235 17.61 -13.91 7.32
N SER B 236 16.71 -14.85 7.65
CA SER B 236 15.40 -14.58 8.24
C SER B 236 15.55 -13.93 9.64
N GLY B 237 16.41 -14.49 10.49
CA GLY B 237 16.70 -13.99 11.82
C GLY B 237 17.33 -12.60 11.77
N LEU B 238 18.18 -12.37 10.77
CA LEU B 238 18.80 -11.07 10.53
C LEU B 238 17.76 -9.96 10.29
N ILE B 239 16.79 -10.21 9.39
CA ILE B 239 15.78 -9.23 9.05
C ILE B 239 14.67 -9.16 10.12
N ALA B 240 14.51 -10.22 10.95
CA ALA B 240 13.59 -10.19 12.08
C ALA B 240 14.13 -9.17 13.10
N GLY B 241 15.43 -9.23 13.43
CA GLY B 241 16.05 -8.35 14.41
C GLY B 241 16.19 -6.93 13.91
N ALA B 242 16.45 -6.76 12.60
CA ALA B 242 16.55 -5.47 11.91
C ALA B 242 15.21 -4.72 12.00
N THR B 243 14.06 -5.47 11.83
CA THR B 243 12.70 -4.93 11.84
C THR B 243 12.30 -4.57 13.27
N SER B 244 12.65 -5.43 14.24
CA SER B 244 12.44 -5.14 15.65
C SER B 244 13.15 -3.79 16.04
N ARG B 245 14.39 -3.57 15.54
CA ARG B 245 15.16 -2.35 15.77
C ARG B 245 14.59 -1.15 15.04
N ALA B 246 14.22 -1.32 13.75
CA ALA B 246 13.59 -0.29 12.91
C ALA B 246 12.33 0.27 13.59
N TYR B 247 11.47 -0.59 14.18
CA TYR B 247 10.27 -0.16 14.89
C TYR B 247 10.55 0.84 16.03
N HIS B 248 11.67 0.75 16.74
CA HIS B 248 11.96 1.69 17.83
C HIS B 248 12.64 2.96 17.32
N ASP B 249 12.96 2.99 16.05
CA ASP B 249 13.77 4.03 15.41
C ASP B 249 13.07 4.89 14.39
N ILE B 250 12.31 4.28 13.50
CA ILE B 250 11.64 4.99 12.39
C ILE B 250 10.19 4.55 12.31
N PHE B 251 9.39 5.27 11.51
CA PHE B 251 8.02 4.83 11.28
C PHE B 251 8.04 3.59 10.37
N THR B 252 7.46 2.48 10.82
CA THR B 252 7.42 1.21 10.06
C THR B 252 5.97 0.83 9.85
N ILE B 253 5.64 0.37 8.65
CA ILE B 253 4.31 -0.07 8.28
C ILE B 253 4.43 -1.15 7.20
N THR B 254 3.51 -2.10 7.22
CA THR B 254 3.44 -3.18 6.25
C THR B 254 2.06 -3.27 5.60
N LEU B 255 2.06 -3.51 4.29
CA LEU B 255 0.84 -3.82 3.55
C LEU B 255 0.95 -5.27 3.09
N VAL B 256 0.06 -6.16 3.58
CA VAL B 256 0.01 -7.57 3.13
C VAL B 256 -0.84 -7.58 1.87
N THR B 257 -0.16 -7.64 0.72
CA THR B 257 -0.75 -7.51 -0.63
C THR B 257 -1.08 -8.85 -1.34
N CYS B 258 -0.49 -9.95 -0.91
CA CYS B 258 -0.70 -11.31 -1.41
C CYS B 258 -0.39 -12.09 -0.14
N ARG B 259 -0.24 -13.41 -0.14
CA ARG B 259 0.11 -14.11 1.10
C ARG B 259 1.42 -13.58 1.71
N SER B 260 1.59 -13.74 3.03
CA SER B 260 2.83 -13.45 3.76
C SER B 260 3.01 -14.66 4.65
N VAL B 261 4.08 -15.45 4.40
CA VAL B 261 4.34 -16.75 5.04
C VAL B 261 5.64 -16.77 5.86
N GLY B 262 5.63 -17.50 6.99
CA GLY B 262 6.78 -17.72 7.86
C GLY B 262 7.49 -16.45 8.30
N ILE B 263 8.72 -16.21 7.83
CA ILE B 263 9.44 -14.97 8.12
C ILE B 263 8.58 -13.76 7.68
N GLY B 264 7.86 -13.90 6.56
CA GLY B 264 6.95 -12.89 6.04
C GLY B 264 5.90 -12.52 7.07
N ALA B 265 5.31 -13.52 7.78
CA ALA B 265 4.30 -13.30 8.83
C ALA B 265 4.92 -12.57 10.04
N TYR B 266 6.15 -12.97 10.41
CA TYR B 266 6.88 -12.37 11.53
C TYR B 266 7.25 -10.94 11.27
N LEU B 267 7.65 -10.61 10.02
CA LEU B 267 7.99 -9.24 9.62
C LEU B 267 6.79 -8.31 9.73
N VAL B 268 5.58 -8.84 9.43
CA VAL B 268 4.32 -8.10 9.56
C VAL B 268 4.16 -7.68 11.02
N ARG B 269 4.29 -8.64 11.95
CA ARG B 269 4.19 -8.37 13.38
C ARG B 269 5.35 -7.49 13.92
N LEU B 270 6.62 -7.78 13.57
CA LEU B 270 7.78 -7.01 14.08
C LEU B 270 7.77 -5.50 13.69
N GLY B 271 7.23 -5.19 12.50
CA GLY B 271 7.06 -3.83 12.00
C GLY B 271 5.89 -3.16 12.70
N GLN B 272 5.08 -3.98 13.40
CA GLN B 272 3.91 -3.63 14.21
C GLN B 272 2.71 -3.15 13.41
N ARG B 273 2.77 -1.99 12.75
CA ARG B 273 1.62 -1.45 12.00
C ARG B 273 1.44 -2.21 10.73
N ALA B 274 0.27 -2.74 10.53
CA ALA B 274 -0.02 -3.62 9.40
C ALA B 274 -1.42 -3.39 8.84
N ILE B 275 -1.50 -3.38 7.53
CA ILE B 275 -2.73 -3.27 6.78
C ILE B 275 -2.82 -4.54 5.94
N GLN B 276 -3.89 -5.29 6.12
CA GLN B 276 -4.10 -6.56 5.41
C GLN B 276 -5.17 -6.42 4.32
N VAL B 277 -4.80 -6.72 3.07
CA VAL B 277 -5.77 -6.69 1.98
C VAL B 277 -6.70 -7.93 2.17
N GLU B 278 -8.03 -7.73 2.04
CA GLU B 278 -9.01 -8.83 2.22
C GLU B 278 -8.72 -10.01 1.29
N GLY B 279 -8.78 -11.21 1.86
CA GLY B 279 -8.46 -12.43 1.12
C GLY B 279 -6.99 -12.76 0.98
N GLN B 280 -6.07 -11.95 1.61
CA GLN B 280 -4.62 -12.20 1.55
C GLN B 280 -4.15 -12.71 2.89
N PRO B 281 -3.81 -14.02 3.02
CA PRO B 281 -3.47 -14.56 4.36
C PRO B 281 -2.08 -14.25 4.93
N ILE B 282 -2.01 -14.11 6.27
CA ILE B 282 -0.76 -13.97 7.06
C ILE B 282 -0.64 -15.32 7.76
N ILE B 283 0.22 -16.21 7.27
CA ILE B 283 0.30 -17.55 7.87
C ILE B 283 1.70 -17.99 8.29
N LEU B 284 1.76 -18.94 9.21
CA LEU B 284 3.01 -19.55 9.64
C LEU B 284 3.18 -20.82 8.84
N THR B 285 2.31 -21.81 9.04
CA THR B 285 2.28 -23.07 8.29
C THR B 285 0.97 -23.11 7.55
N GLY B 286 1.01 -23.57 6.29
CA GLY B 286 -0.17 -23.74 5.46
C GLY B 286 -1.08 -24.84 5.97
N ALA B 287 -2.36 -24.74 5.62
CA ALA B 287 -3.42 -25.67 5.98
C ALA B 287 -3.10 -27.13 5.59
N SER B 288 -2.61 -27.35 4.35
CA SER B 288 -2.29 -28.73 3.90
C SER B 288 -1.17 -29.36 4.74
N ALA B 289 -0.11 -28.61 5.09
CA ALA B 289 0.97 -29.13 5.95
C ALA B 289 0.45 -29.42 7.36
N LEU B 290 -0.48 -28.60 7.86
CA LEU B 290 -1.08 -28.80 9.18
C LEU B 290 -1.93 -30.07 9.16
N ASN B 291 -2.63 -30.31 8.02
CA ASN B 291 -3.44 -31.50 7.79
C ASN B 291 -2.58 -32.77 7.79
N LYS B 292 -1.39 -32.74 7.16
CA LYS B 292 -0.44 -33.86 7.17
C LYS B 292 0.00 -34.20 8.58
N VAL B 293 0.33 -33.19 9.40
CA VAL B 293 0.78 -33.37 10.78
C VAL B 293 -0.34 -33.84 11.70
N LEU B 294 -1.58 -33.39 11.45
CA LEU B 294 -2.74 -33.77 12.26
C LEU B 294 -3.34 -35.13 11.83
N GLY B 295 -2.96 -35.59 10.63
CA GLY B 295 -3.41 -36.85 10.04
C GLY B 295 -4.90 -36.91 9.73
N ARG B 296 -5.50 -35.75 9.44
CA ARG B 296 -6.93 -35.54 9.15
C ARG B 296 -7.02 -34.30 8.29
N GLU B 297 -8.10 -34.15 7.51
CA GLU B 297 -8.32 -32.93 6.74
C GLU B 297 -9.13 -31.96 7.61
N VAL B 298 -8.43 -31.28 8.54
CA VAL B 298 -8.94 -30.32 9.52
C VAL B 298 -9.23 -28.95 8.90
N TYR B 299 -8.31 -28.45 8.07
CA TYR B 299 -8.44 -27.13 7.45
C TYR B 299 -8.66 -27.19 5.97
N THR B 300 -9.56 -26.34 5.48
CA THR B 300 -9.95 -26.24 4.07
C THR B 300 -9.12 -25.18 3.33
N SER B 301 -8.76 -24.06 4.01
CA SER B 301 -7.97 -22.99 3.39
C SER B 301 -7.00 -22.29 4.35
N ASN B 302 -6.04 -21.55 3.76
CA ASN B 302 -5.08 -20.74 4.49
C ASN B 302 -5.78 -19.53 5.10
N LEU B 303 -6.92 -19.09 4.52
CA LEU B 303 -7.71 -17.97 5.04
C LEU B 303 -8.36 -18.28 6.35
N GLN B 304 -8.58 -19.57 6.66
CA GLN B 304 -9.11 -19.98 7.97
C GLN B 304 -8.08 -19.71 9.07
N LEU B 305 -6.79 -19.80 8.71
CA LEU B 305 -5.64 -19.67 9.59
C LEU B 305 -5.16 -18.21 9.73
N GLY B 306 -5.08 -17.48 8.61
CA GLY B 306 -4.56 -16.12 8.64
C GLY B 306 -5.26 -15.07 7.82
N GLY B 307 -6.57 -15.23 7.61
CA GLY B 307 -7.35 -14.21 6.90
C GLY B 307 -7.68 -13.08 7.85
N THR B 308 -8.30 -12.01 7.34
CA THR B 308 -8.68 -10.83 8.14
C THR B 308 -9.60 -11.19 9.30
N GLN B 309 -10.39 -12.26 9.18
CA GLN B 309 -11.27 -12.66 10.28
C GLN B 309 -10.50 -13.25 11.47
N ILE B 310 -9.19 -13.51 11.26
CA ILE B 310 -8.26 -13.96 12.30
C ILE B 310 -7.42 -12.73 12.73
N MET B 311 -6.65 -12.18 11.79
CA MET B 311 -5.64 -11.14 12.00
C MET B 311 -6.18 -9.76 12.34
N TYR B 312 -7.30 -9.36 11.72
CA TYR B 312 -7.92 -8.08 12.04
C TYR B 312 -8.62 -8.18 13.37
N ASN B 313 -9.22 -9.32 13.64
CA ASN B 313 -9.92 -9.60 14.88
C ASN B 313 -9.00 -9.76 16.09
N ASN B 314 -7.75 -10.23 15.90
CA ASN B 314 -6.85 -10.43 17.04
C ASN B 314 -5.82 -9.27 17.21
N GLY B 315 -5.94 -8.25 16.36
CA GLY B 315 -5.10 -7.08 16.42
C GLY B 315 -3.75 -7.14 15.74
N VAL B 316 -3.48 -8.21 14.96
CA VAL B 316 -2.23 -8.29 14.21
C VAL B 316 -2.34 -7.29 13.03
N SER B 317 -3.55 -7.18 12.46
CA SER B 317 -3.81 -6.22 11.39
C SER B 317 -4.52 -5.05 12.00
N HIS B 318 -3.93 -3.88 11.86
CA HIS B 318 -4.48 -2.65 12.42
C HIS B 318 -5.66 -2.20 11.60
N LEU B 319 -5.60 -2.43 10.30
CA LEU B 319 -6.63 -2.08 9.33
C LEU B 319 -6.68 -3.17 8.27
N THR B 320 -7.83 -3.24 7.57
CA THR B 320 -8.01 -4.07 6.38
C THR B 320 -8.23 -3.12 5.22
N ALA B 321 -8.02 -3.61 4.02
CA ALA B 321 -8.21 -2.87 2.80
C ALA B 321 -8.90 -3.79 1.75
N VAL B 322 -9.80 -3.22 0.94
CA VAL B 322 -10.55 -4.00 -0.08
C VAL B 322 -9.63 -4.42 -1.23
N ASP B 323 -8.64 -3.59 -1.55
CA ASP B 323 -7.67 -3.85 -2.62
C ASP B 323 -6.33 -3.14 -2.33
N ASP B 324 -5.32 -3.32 -3.21
CA ASP B 324 -3.98 -2.74 -3.02
C ASP B 324 -3.98 -1.23 -2.95
N LEU B 325 -4.75 -0.56 -3.84
CA LEU B 325 -4.82 0.89 -3.82
C LEU B 325 -5.47 1.40 -2.53
N ALA B 326 -6.51 0.72 -2.01
CA ALA B 326 -7.12 1.11 -0.74
C ALA B 326 -6.10 1.02 0.41
N GLY B 327 -5.25 0.01 0.37
CA GLY B 327 -4.16 -0.23 1.31
C GLY B 327 -3.10 0.85 1.27
N VAL B 328 -2.66 1.20 0.07
CA VAL B 328 -1.68 2.27 -0.17
C VAL B 328 -2.23 3.63 0.29
N GLU B 329 -3.54 3.87 0.09
CA GLU B 329 -4.23 5.09 0.52
C GLU B 329 -4.21 5.19 2.03
N LYS B 330 -4.47 4.08 2.73
CA LYS B 330 -4.43 4.01 4.19
C LYS B 330 -2.99 4.25 4.75
N ILE B 331 -1.95 3.77 4.07
CA ILE B 331 -0.54 4.03 4.45
C ILE B 331 -0.26 5.56 4.42
N VAL B 332 -0.56 6.17 3.28
CA VAL B 332 -0.41 7.59 2.97
C VAL B 332 -1.21 8.44 3.98
N GLU B 333 -2.42 8.02 4.33
CA GLU B 333 -3.26 8.69 5.32
C GLU B 333 -2.65 8.55 6.73
N TRP B 334 -2.16 7.36 7.09
CA TRP B 334 -1.50 7.12 8.37
C TRP B 334 -0.24 8.00 8.49
N MET B 335 0.55 8.07 7.43
CA MET B 335 1.77 8.89 7.35
C MET B 335 1.54 10.39 7.47
N SER B 336 0.32 10.86 7.15
CA SER B 336 0.01 12.29 7.21
C SER B 336 0.07 12.84 8.63
N TYR B 337 0.03 11.94 9.66
CA TYR B 337 0.12 12.32 11.08
C TYR B 337 1.54 12.23 11.62
N VAL B 338 2.44 11.63 10.87
CA VAL B 338 3.83 11.29 11.24
C VAL B 338 4.86 12.33 10.74
N PRO B 339 5.87 12.72 11.57
CA PRO B 339 6.92 13.62 11.08
C PRO B 339 7.63 13.08 9.83
N ALA B 340 8.19 13.96 8.98
CA ALA B 340 8.87 13.60 7.72
C ALA B 340 10.06 12.64 7.95
N LYS B 341 10.71 12.80 9.09
CA LYS B 341 11.83 11.99 9.55
C LYS B 341 11.96 12.03 11.06
N ARG B 342 12.71 11.08 11.64
CA ARG B 342 12.94 10.97 13.08
C ARG B 342 13.37 12.32 13.70
N ASN B 343 12.74 12.67 14.81
CA ASN B 343 12.98 13.87 15.63
C ASN B 343 12.61 15.18 14.96
N MET B 344 11.94 15.14 13.80
CA MET B 344 11.45 16.37 13.22
C MET B 344 10.13 16.71 13.97
N PRO B 345 9.70 17.99 14.05
CA PRO B 345 8.42 18.27 14.73
C PRO B 345 7.21 17.62 14.06
N VAL B 346 6.14 17.38 14.82
CA VAL B 346 4.91 16.76 14.31
C VAL B 346 4.31 17.65 13.20
N PRO B 347 3.80 17.05 12.08
CA PRO B 347 3.35 17.89 10.96
C PRO B 347 1.99 18.57 11.18
N ILE B 348 2.01 19.89 11.35
CA ILE B 348 0.78 20.66 11.52
C ILE B 348 0.00 20.72 10.20
N LEU B 349 -1.30 20.46 10.25
CA LEU B 349 -2.18 20.55 9.08
C LEU B 349 -3.51 21.17 9.48
N GLU B 350 -3.57 22.51 9.45
CA GLU B 350 -4.80 23.22 9.77
C GLU B 350 -5.77 23.03 8.63
N THR B 351 -7.03 22.78 8.96
CA THR B 351 -8.14 22.65 8.01
C THR B 351 -9.17 23.78 8.30
N LYS B 352 -10.40 23.69 7.75
CA LYS B 352 -11.41 24.74 7.98
C LYS B 352 -11.84 24.77 9.47
N ASP B 353 -11.78 23.60 10.15
CA ASP B 353 -12.12 23.47 11.57
C ASP B 353 -10.97 24.00 12.41
N THR B 354 -11.02 25.30 12.76
CA THR B 354 -9.99 25.96 13.57
C THR B 354 -10.20 25.72 15.07
N TRP B 355 -9.15 26.03 15.85
CA TRP B 355 -9.16 25.83 17.31
C TRP B 355 -10.20 26.63 18.08
N ASP B 356 -10.54 27.84 17.59
CA ASP B 356 -11.37 28.80 18.30
C ASP B 356 -12.84 28.59 18.11
N ARG B 357 -13.38 27.64 18.85
CA ARG B 357 -14.77 27.24 18.84
C ARG B 357 -15.07 26.40 20.08
N PRO B 358 -16.34 26.37 20.57
CA PRO B 358 -16.66 25.48 21.69
C PRO B 358 -16.83 24.03 21.18
N VAL B 359 -16.97 23.09 22.11
CA VAL B 359 -17.23 21.69 21.74
C VAL B 359 -18.74 21.51 21.83
N ASP B 360 -19.38 21.11 20.72
CA ASP B 360 -20.83 20.91 20.64
C ASP B 360 -21.34 19.64 21.27
N PHE B 361 -20.95 18.44 20.73
CA PHE B 361 -21.45 17.19 21.29
C PHE B 361 -21.06 17.05 22.74
N THR B 362 -22.04 16.84 23.60
CA THR B 362 -21.81 16.66 25.03
C THR B 362 -22.43 15.36 25.51
N PRO B 363 -21.65 14.46 26.17
CA PRO B 363 -22.27 13.23 26.67
C PRO B 363 -23.17 13.51 27.88
N THR B 364 -24.23 12.70 28.05
CA THR B 364 -25.12 12.81 29.21
C THR B 364 -25.15 11.45 29.88
N ASN B 365 -25.42 11.41 31.19
CA ASN B 365 -25.47 10.18 31.96
C ASN B 365 -26.71 9.34 31.61
N ASP B 366 -27.78 10.01 31.16
CA ASP B 366 -29.08 9.42 30.82
C ASP B 366 -29.21 8.90 29.37
N GLU B 367 -28.27 9.26 28.47
CA GLU B 367 -28.30 8.81 27.07
C GLU B 367 -27.00 8.10 26.66
N THR B 368 -27.14 6.94 25.97
CA THR B 368 -26.01 6.19 25.48
C THR B 368 -25.35 6.96 24.31
N TYR B 369 -24.00 7.00 24.30
CA TYR B 369 -23.25 7.71 23.27
C TYR B 369 -22.11 6.87 22.71
N ASP B 370 -21.68 7.22 21.51
CA ASP B 370 -20.52 6.63 20.85
C ASP B 370 -19.37 7.61 21.16
N VAL B 371 -18.28 7.13 21.83
CA VAL B 371 -17.10 7.97 22.17
C VAL B 371 -16.57 8.74 20.95
N ARG B 372 -16.73 8.18 19.74
CA ARG B 372 -16.28 8.80 18.51
C ARG B 372 -16.95 10.16 18.28
N TRP B 373 -18.16 10.38 18.82
CA TRP B 373 -18.88 11.65 18.71
C TRP B 373 -18.16 12.70 19.52
N MET B 374 -17.66 12.33 20.72
CA MET B 374 -16.88 13.24 21.56
C MET B 374 -15.55 13.62 20.90
N ILE B 375 -14.95 12.65 20.18
CA ILE B 375 -13.67 12.82 19.49
C ILE B 375 -13.82 13.66 18.23
N GLU B 376 -14.59 13.17 17.29
CA GLU B 376 -14.71 13.75 15.95
C GLU B 376 -16.04 14.49 15.66
N GLY B 377 -16.98 14.44 16.59
CA GLY B 377 -18.28 15.07 16.37
C GLY B 377 -19.28 14.12 15.73
N ARG B 378 -20.53 14.58 15.70
CA ARG B 378 -21.71 13.83 15.30
C ARG B 378 -22.58 14.55 14.26
N GLU B 379 -22.98 13.82 13.24
CA GLU B 379 -23.89 14.35 12.22
C GLU B 379 -25.31 14.27 12.81
N THR B 380 -25.96 15.43 12.93
CA THR B 380 -27.31 15.64 13.48
C THR B 380 -28.20 16.29 12.40
N GLU B 381 -29.54 16.02 12.43
CA GLU B 381 -30.51 16.58 11.46
C GLU B 381 -30.51 18.12 11.42
N SER B 382 -30.28 18.76 12.58
CA SER B 382 -30.21 20.22 12.73
C SER B 382 -28.79 20.79 12.47
N GLY B 383 -27.91 19.98 11.88
CA GLY B 383 -26.52 20.33 11.59
C GLY B 383 -25.50 19.47 12.32
N PHE B 384 -24.22 19.60 11.95
CA PHE B 384 -23.12 18.84 12.53
C PHE B 384 -22.70 19.38 13.88
N GLU B 385 -22.67 18.50 14.90
CA GLU B 385 -22.23 18.81 16.27
C GLU B 385 -20.73 18.48 16.32
N TYR B 386 -19.89 19.51 16.45
CA TYR B 386 -18.44 19.37 16.54
C TYR B 386 -17.99 18.71 17.84
N GLY B 387 -16.93 17.89 17.72
CA GLY B 387 -16.29 17.21 18.84
C GLY B 387 -15.08 17.97 19.32
N LEU B 388 -14.25 17.31 20.12
CA LEU B 388 -13.04 17.90 20.69
C LEU B 388 -11.98 18.13 19.60
N PHE B 389 -11.89 17.19 18.64
CA PHE B 389 -10.87 17.24 17.61
C PHE B 389 -11.41 17.74 16.29
N ASP B 390 -10.53 18.07 15.34
CA ASP B 390 -10.88 18.58 14.03
C ASP B 390 -11.83 17.66 13.29
N LYS B 391 -12.88 18.25 12.66
CA LYS B 391 -13.86 17.53 11.86
C LYS B 391 -13.14 16.74 10.75
N GLY B 392 -13.45 15.44 10.65
CA GLY B 392 -12.85 14.53 9.67
C GLY B 392 -11.40 14.09 9.92
N SER B 393 -10.82 14.44 11.10
CA SER B 393 -9.41 14.15 11.35
C SER B 393 -9.14 12.82 12.05
N PHE B 394 -10.18 12.16 12.58
CA PHE B 394 -10.03 10.90 13.29
C PHE B 394 -9.78 9.73 12.36
N PHE B 395 -8.60 9.11 12.54
CA PHE B 395 -8.12 7.95 11.79
C PHE B 395 -7.98 6.80 12.80
N GLU B 396 -9.04 5.97 12.90
CA GLU B 396 -9.11 4.85 13.83
C GLU B 396 -8.25 3.68 13.37
N THR B 397 -7.51 3.06 14.31
CA THR B 397 -6.65 1.90 14.00
C THR B 397 -6.96 0.83 15.01
N LEU B 398 -6.64 -0.44 14.71
CA LEU B 398 -6.91 -1.61 15.57
C LEU B 398 -8.40 -1.69 15.87
N SER B 399 -9.18 -1.33 14.85
CA SER B 399 -10.63 -1.23 14.92
C SER B 399 -11.36 -2.59 14.94
N GLY B 400 -10.69 -3.68 14.58
CA GLY B 400 -11.30 -5.01 14.58
C GLY B 400 -11.14 -5.78 15.86
N TRP B 401 -10.31 -5.27 16.77
CA TRP B 401 -9.90 -5.94 17.99
C TRP B 401 -10.18 -5.11 19.22
N ALA B 402 -10.58 -5.78 20.32
CA ALA B 402 -10.81 -5.20 21.66
C ALA B 402 -11.53 -3.86 21.55
N LYS B 403 -12.74 -3.91 20.98
CA LYS B 403 -13.57 -2.76 20.67
C LYS B 403 -14.03 -1.93 21.88
N GLY B 404 -13.71 -2.38 23.09
CA GLY B 404 -13.96 -1.65 24.32
C GLY B 404 -13.10 -0.40 24.48
N VAL B 405 -12.00 -0.34 23.74
CA VAL B 405 -11.11 0.82 23.70
C VAL B 405 -11.05 1.28 22.26
N VAL B 406 -11.11 2.59 22.07
CA VAL B 406 -11.08 3.20 20.75
C VAL B 406 -9.75 3.93 20.62
N VAL B 407 -8.98 3.59 19.61
CA VAL B 407 -7.63 4.16 19.40
C VAL B 407 -7.53 4.72 18.00
N GLY B 408 -6.83 5.83 17.87
CA GLY B 408 -6.59 6.39 16.55
C GLY B 408 -5.75 7.64 16.59
N ARG B 409 -5.56 8.25 15.43
CA ARG B 409 -4.86 9.53 15.30
C ARG B 409 -5.94 10.60 15.02
N ALA B 410 -5.72 11.81 15.49
CA ALA B 410 -6.63 12.94 15.24
C ALA B 410 -5.79 14.19 15.13
N ARG B 411 -6.47 15.33 14.93
CA ARG B 411 -5.82 16.64 14.88
C ARG B 411 -6.57 17.58 15.79
N LEU B 412 -5.84 18.44 16.48
CA LEU B 412 -6.37 19.43 17.41
C LEU B 412 -5.89 20.76 16.88
N GLY B 413 -6.74 21.44 16.12
CA GLY B 413 -6.37 22.68 15.45
C GLY B 413 -5.21 22.47 14.48
N GLY B 414 -5.15 21.27 13.90
CA GLY B 414 -4.08 20.89 12.98
C GLY B 414 -2.93 20.11 13.60
N ILE B 415 -2.83 20.07 14.94
CA ILE B 415 -1.75 19.35 15.63
C ILE B 415 -2.09 17.86 15.63
N PRO B 416 -1.26 16.98 15.01
CA PRO B 416 -1.56 15.55 15.10
C PRO B 416 -1.23 14.97 16.49
N LEU B 417 -1.99 13.96 16.87
CA LEU B 417 -1.81 13.30 18.15
C LEU B 417 -2.53 11.99 18.13
N GLY B 418 -2.12 11.11 19.04
CA GLY B 418 -2.78 9.84 19.24
C GLY B 418 -3.88 10.06 20.25
N VAL B 419 -4.97 9.34 20.08
CA VAL B 419 -6.14 9.44 20.95
C VAL B 419 -6.55 8.06 21.43
N ILE B 420 -6.85 7.94 22.72
CA ILE B 420 -7.38 6.72 23.33
C ILE B 420 -8.67 7.13 24.04
N GLY B 421 -9.77 6.47 23.67
CA GLY B 421 -11.09 6.68 24.23
C GLY B 421 -11.72 5.38 24.68
N VAL B 422 -12.72 5.48 25.55
CA VAL B 422 -13.39 4.30 26.13
C VAL B 422 -14.77 4.13 25.54
N GLU B 423 -15.01 2.95 24.95
CA GLU B 423 -16.33 2.59 24.42
C GLU B 423 -17.22 2.27 25.66
N THR B 424 -18.29 3.03 25.84
CA THR B 424 -19.24 2.90 26.96
C THR B 424 -20.25 1.76 26.76
N ARG B 425 -20.54 1.42 25.50
CA ARG B 425 -21.47 0.34 25.13
C ARG B 425 -20.83 -1.05 25.34
N THR B 426 -21.64 -2.07 25.64
CA THR B 426 -21.19 -3.45 25.82
C THR B 426 -20.65 -3.97 24.49
N VAL B 427 -19.52 -4.67 24.56
CA VAL B 427 -18.85 -5.23 23.40
C VAL B 427 -18.96 -6.74 23.39
N GLU B 428 -19.33 -7.30 22.24
CA GLU B 428 -19.41 -8.73 22.01
C GLU B 428 -18.37 -9.13 20.98
N ASN B 429 -17.62 -10.18 21.28
CA ASN B 429 -16.65 -10.73 20.34
C ASN B 429 -16.88 -12.22 20.26
N LEU B 430 -16.75 -12.76 19.06
CA LEU B 430 -17.02 -14.16 18.84
C LEU B 430 -15.76 -14.97 18.66
N ILE B 431 -15.49 -15.88 19.61
CA ILE B 431 -14.34 -16.76 19.52
C ILE B 431 -14.78 -17.87 18.54
N PRO B 432 -14.07 -18.05 17.40
CA PRO B 432 -14.49 -19.09 16.46
C PRO B 432 -14.24 -20.52 17.00
N ALA B 433 -15.03 -21.49 16.53
CA ALA B 433 -14.87 -22.89 16.94
C ALA B 433 -13.57 -23.43 16.35
N ASP B 434 -12.77 -24.13 17.17
CA ASP B 434 -11.49 -24.71 16.75
C ASP B 434 -11.75 -25.91 15.78
N PRO B 435 -11.36 -25.83 14.47
CA PRO B 435 -11.60 -26.96 13.56
C PRO B 435 -10.89 -28.27 13.96
N ALA B 436 -9.77 -28.15 14.68
CA ALA B 436 -8.95 -29.26 15.16
C ALA B 436 -9.61 -30.04 16.32
N ASN B 437 -10.58 -29.43 17.02
CA ASN B 437 -11.28 -30.10 18.11
C ASN B 437 -12.76 -30.34 17.77
N PRO B 438 -13.23 -31.61 17.85
CA PRO B 438 -14.66 -31.88 17.52
C PRO B 438 -15.62 -31.44 18.62
N ASN B 439 -15.14 -31.36 19.88
CA ASN B 439 -15.88 -30.93 21.07
C ASN B 439 -15.79 -29.40 21.28
N SER B 440 -15.55 -28.65 20.18
CA SER B 440 -15.42 -27.20 20.19
C SER B 440 -16.50 -26.51 19.35
N ALA B 441 -17.20 -25.55 19.96
CA ALA B 441 -18.24 -24.73 19.35
C ALA B 441 -17.90 -23.25 19.57
N GLU B 442 -18.39 -22.36 18.69
CA GLU B 442 -18.12 -20.92 18.81
C GLU B 442 -18.68 -20.32 20.11
N THR B 443 -17.86 -19.50 20.78
CA THR B 443 -18.20 -18.82 22.05
C THR B 443 -18.44 -17.35 21.78
N LEU B 444 -19.40 -16.76 22.47
CA LEU B 444 -19.67 -15.34 22.37
C LEU B 444 -19.27 -14.75 23.72
N ILE B 445 -18.36 -13.77 23.68
CA ILE B 445 -17.91 -13.12 24.90
C ILE B 445 -18.49 -11.74 24.94
N GLN B 446 -19.12 -11.41 26.07
CA GLN B 446 -19.68 -10.09 26.30
C GLN B 446 -18.78 -9.41 27.33
N GLN B 447 -18.43 -8.16 27.10
CA GLN B 447 -17.59 -7.38 28.00
C GLN B 447 -18.23 -6.05 28.26
N ALA B 448 -18.45 -5.75 29.54
CA ALA B 448 -19.05 -4.48 29.98
C ALA B 448 -18.18 -3.29 29.57
N GLY B 449 -18.83 -2.18 29.25
CA GLY B 449 -18.16 -0.93 28.93
C GLY B 449 -17.48 -0.33 30.14
N GLN B 450 -16.50 0.55 29.92
CA GLN B 450 -15.71 1.24 30.96
C GLN B 450 -14.93 0.30 31.89
N VAL B 451 -14.72 -0.95 31.47
CA VAL B 451 -13.94 -1.90 32.27
C VAL B 451 -12.77 -2.39 31.39
N TRP B 452 -11.55 -2.39 31.93
CA TRP B 452 -10.39 -2.89 31.19
C TRP B 452 -10.34 -4.39 31.32
N PHE B 453 -10.38 -5.07 30.19
CA PHE B 453 -10.26 -6.53 30.14
C PHE B 453 -8.85 -6.87 29.60
N PRO B 454 -8.38 -8.15 29.65
CA PRO B 454 -7.06 -8.45 29.08
C PRO B 454 -6.80 -7.90 27.65
N ASN B 455 -7.74 -8.07 26.73
CA ASN B 455 -7.57 -7.64 25.34
C ASN B 455 -7.56 -6.11 25.19
N SER B 456 -8.45 -5.39 25.91
CA SER B 456 -8.49 -3.93 25.85
C SER B 456 -7.32 -3.27 26.62
N ALA B 457 -6.80 -3.94 27.66
CA ALA B 457 -5.61 -3.49 28.40
C ALA B 457 -4.41 -3.61 27.46
N PHE B 458 -4.32 -4.73 26.71
CA PHE B 458 -3.26 -5.00 25.74
C PHE B 458 -3.30 -3.97 24.60
N LYS B 459 -4.50 -3.69 24.05
CA LYS B 459 -4.72 -2.73 22.98
C LYS B 459 -4.29 -1.33 23.40
N THR B 460 -4.59 -0.93 24.63
CA THR B 460 -4.19 0.37 25.20
C THR B 460 -2.66 0.50 25.24
N ALA B 461 -1.95 -0.51 25.81
CA ALA B 461 -0.47 -0.52 25.87
C ALA B 461 0.13 -0.46 24.44
N GLN B 462 -0.41 -1.26 23.51
CA GLN B 462 -0.01 -1.33 22.10
C GLN B 462 -0.14 0.03 21.46
N ALA B 463 -1.31 0.70 21.62
CA ALA B 463 -1.57 2.04 21.09
C ALA B 463 -0.55 3.04 21.60
N ILE B 464 -0.27 3.05 22.93
CA ILE B 464 0.71 3.94 23.56
C ILE B 464 2.07 3.73 22.94
N ASN B 465 2.48 2.45 22.78
CA ASN B 465 3.76 2.13 22.17
C ASN B 465 3.87 2.57 20.72
N ASP B 466 2.83 2.35 19.92
CA ASP B 466 2.78 2.70 18.49
C ASP B 466 2.74 4.20 18.24
N PHE B 467 2.16 5.02 19.16
CA PHE B 467 2.20 6.48 19.02
C PHE B 467 3.60 6.98 19.37
N ASN B 468 4.27 6.31 20.33
CA ASN B 468 5.58 6.71 20.84
C ASN B 468 6.69 6.36 19.88
N ASN B 469 6.79 5.11 19.50
CA ASN B 469 7.85 4.64 18.60
C ASN B 469 7.52 4.97 17.19
N GLY B 470 8.47 5.58 16.49
CA GLY B 470 8.31 5.92 15.08
C GLY B 470 7.39 7.07 14.77
N GLU B 471 6.13 7.02 15.24
CA GLU B 471 5.21 8.14 15.04
C GLU B 471 5.71 9.36 15.82
N GLN B 472 6.24 9.17 17.06
CA GLN B 472 6.76 10.23 17.94
C GLN B 472 5.73 11.34 18.13
N LEU B 473 4.53 10.92 18.44
CA LEU B 473 3.38 11.79 18.59
C LEU B 473 3.04 12.05 20.02
N PRO B 474 2.39 13.23 20.31
CA PRO B 474 1.82 13.41 21.66
C PRO B 474 0.55 12.57 21.74
N MET B 475 0.04 12.39 22.94
CA MET B 475 -1.13 11.56 23.13
C MET B 475 -2.16 12.20 24.06
N MET B 476 -3.45 11.92 23.82
CA MET B 476 -4.51 12.24 24.76
C MET B 476 -5.30 10.98 25.09
N ILE B 477 -5.48 10.73 26.40
CA ILE B 477 -6.30 9.61 26.85
C ILE B 477 -7.54 10.23 27.49
N LEU B 478 -8.73 9.97 26.92
CA LEU B 478 -10.01 10.39 27.48
C LEU B 478 -10.40 9.29 28.47
N ALA B 479 -9.71 9.27 29.63
CA ALA B 479 -9.79 8.28 30.70
C ALA B 479 -11.17 8.15 31.30
N ASN B 480 -11.77 6.98 31.12
CA ASN B 480 -13.12 6.71 31.57
C ASN B 480 -13.28 5.20 31.89
N TRP B 481 -12.54 4.73 32.89
CA TRP B 481 -12.60 3.33 33.29
C TRP B 481 -12.95 3.22 34.75
N ARG B 482 -13.81 2.27 35.06
CA ARG B 482 -14.25 1.92 36.43
C ARG B 482 -13.14 1.15 37.12
N GLY B 483 -12.36 0.42 36.32
CA GLY B 483 -11.23 -0.40 36.77
C GLY B 483 -10.94 -1.53 35.81
N PHE B 484 -10.18 -2.49 36.28
CA PHE B 484 -9.83 -3.70 35.55
C PHE B 484 -10.85 -4.78 35.95
N SER B 485 -11.11 -5.75 35.08
CA SER B 485 -11.99 -6.87 35.42
C SER B 485 -11.23 -7.81 36.37
N GLY B 486 -11.67 -7.83 37.63
CA GLY B 486 -11.07 -8.63 38.70
C GLY B 486 -11.64 -10.02 38.83
N GLY B 487 -12.54 -10.40 37.93
CA GLY B 487 -13.20 -11.71 37.92
C GLY B 487 -12.26 -12.86 37.64
N GLN B 488 -12.69 -14.09 37.97
CA GLN B 488 -11.86 -15.27 37.81
C GLN B 488 -11.29 -15.49 36.42
N ARG B 489 -12.13 -15.43 35.39
CA ARG B 489 -11.73 -15.67 34.00
C ARG B 489 -10.66 -14.67 33.55
N ASP B 490 -10.90 -13.36 33.81
CA ASP B 490 -9.98 -12.31 33.42
C ASP B 490 -8.68 -12.34 34.23
N MET B 491 -8.73 -12.76 35.51
CA MET B 491 -7.55 -12.92 36.36
C MET B 491 -6.70 -14.08 35.86
N PHE B 492 -7.36 -15.18 35.50
CA PHE B 492 -6.72 -16.35 34.91
C PHE B 492 -6.12 -15.97 33.56
N ASN B 493 -6.84 -15.16 32.77
CA ASN B 493 -6.38 -14.71 31.44
C ASN B 493 -5.37 -13.54 31.51
N GLU B 494 -4.78 -13.34 32.70
CA GLU B 494 -3.63 -12.48 32.99
C GLU B 494 -3.84 -10.98 32.80
N VAL B 495 -5.00 -10.46 33.20
CA VAL B 495 -5.29 -9.03 33.13
C VAL B 495 -4.19 -8.17 33.81
N LEU B 496 -3.52 -8.68 34.89
CA LEU B 496 -2.43 -8.02 35.62
C LEU B 496 -1.21 -7.76 34.74
N LYS B 497 -0.88 -8.73 33.86
CA LYS B 497 0.24 -8.65 32.93
C LYS B 497 0.01 -7.53 31.93
N TYR B 498 -1.19 -7.48 31.34
CA TYR B 498 -1.58 -6.51 30.33
C TYR B 498 -1.75 -5.13 30.90
N GLY B 499 -2.25 -5.04 32.14
CA GLY B 499 -2.37 -3.79 32.88
C GLY B 499 -1.01 -3.20 33.13
N SER B 500 -0.02 -4.06 33.49
CA SER B 500 1.36 -3.65 33.74
C SER B 500 2.07 -3.15 32.48
N PHE B 501 1.70 -3.66 31.29
CA PHE B 501 2.25 -3.21 30.02
C PHE B 501 1.89 -1.73 29.80
N ILE B 502 0.71 -1.27 30.31
CA ILE B 502 0.24 0.12 30.20
C ILE B 502 1.24 1.04 30.92
N VAL B 503 1.58 0.68 32.17
CA VAL B 503 2.54 1.36 33.01
C VAL B 503 3.87 1.46 32.31
N ASP B 504 4.38 0.33 31.80
CA ASP B 504 5.66 0.29 31.07
C ASP B 504 5.62 1.17 29.82
N ALA B 505 4.51 1.17 29.08
CA ALA B 505 4.34 1.98 27.87
C ALA B 505 4.38 3.48 28.17
N LEU B 506 3.79 3.93 29.31
CA LEU B 506 3.80 5.33 29.79
C LEU B 506 5.16 5.76 30.29
N VAL B 507 5.87 4.88 31.04
CA VAL B 507 7.24 5.13 31.51
C VAL B 507 8.18 5.46 30.34
N ASP B 508 7.97 4.81 29.19
CA ASP B 508 8.80 4.97 27.98
C ASP B 508 8.42 6.16 27.05
N TYR B 509 7.27 6.80 27.29
CA TYR B 509 6.71 7.86 26.46
C TYR B 509 7.58 9.10 26.41
N LYS B 510 7.92 9.59 25.20
CA LYS B 510 8.83 10.71 25.04
C LYS B 510 8.23 12.03 24.56
N GLN B 511 6.91 12.07 24.40
CA GLN B 511 6.20 13.25 23.91
C GLN B 511 5.12 13.60 24.91
N PRO B 512 4.53 14.81 24.88
CA PRO B 512 3.48 15.16 25.86
C PRO B 512 2.28 14.24 25.89
N ILE B 513 1.76 13.99 27.09
CA ILE B 513 0.57 13.19 27.31
C ILE B 513 -0.44 14.05 28.07
N ILE B 514 -1.70 13.98 27.68
CA ILE B 514 -2.77 14.63 28.41
C ILE B 514 -3.73 13.53 28.80
N ILE B 515 -3.96 13.39 30.10
CA ILE B 515 -4.97 12.49 30.64
C ILE B 515 -6.13 13.43 31.01
N TYR B 516 -7.32 13.15 30.47
CA TYR B 516 -8.49 13.97 30.72
C TYR B 516 -9.68 13.11 31.09
N ILE B 517 -10.20 13.22 32.33
CA ILE B 517 -11.42 12.49 32.69
C ILE B 517 -12.56 13.34 32.09
N PRO B 518 -13.27 12.86 31.05
CA PRO B 518 -14.26 13.71 30.40
C PRO B 518 -15.62 13.88 31.16
N PRO B 519 -16.56 14.78 30.72
CA PRO B 519 -17.86 14.86 31.40
C PRO B 519 -18.54 13.49 31.37
N THR B 520 -19.19 13.08 32.49
CA THR B 520 -19.85 11.77 32.71
C THR B 520 -18.80 10.67 32.92
N GLY B 521 -17.53 11.04 32.87
CA GLY B 521 -16.43 10.10 32.99
C GLY B 521 -16.02 9.79 34.40
N GLU B 522 -15.29 8.68 34.56
CA GLU B 522 -14.79 8.29 35.87
C GLU B 522 -13.42 7.60 35.79
N LEU B 523 -12.68 7.64 36.89
CA LEU B 523 -11.45 6.95 37.09
C LEU B 523 -11.50 6.46 38.53
N ARG B 524 -11.38 5.15 38.75
CA ARG B 524 -11.44 4.63 40.12
C ARG B 524 -10.09 4.07 40.58
N GLY B 525 -10.05 3.30 41.65
CA GLY B 525 -8.84 2.71 42.21
C GLY B 525 -7.86 2.08 41.25
N GLY B 526 -8.25 0.93 40.67
CA GLY B 526 -7.43 0.14 39.74
C GLY B 526 -7.13 0.80 38.42
N SER B 527 -8.03 1.65 37.97
CA SER B 527 -7.93 2.34 36.70
C SER B 527 -7.05 3.58 36.78
N TRP B 528 -7.11 4.35 37.88
CA TRP B 528 -6.33 5.57 38.09
C TRP B 528 -4.85 5.24 38.17
N VAL B 529 -4.49 4.19 38.94
CA VAL B 529 -3.11 3.78 39.16
C VAL B 529 -2.29 3.65 37.85
N VAL B 530 -2.84 3.07 36.78
CA VAL B 530 -2.06 2.86 35.54
C VAL B 530 -1.98 4.11 34.64
N VAL B 531 -2.74 5.21 34.91
CA VAL B 531 -2.72 6.45 34.11
C VAL B 531 -2.29 7.68 34.94
N ASP B 532 -1.88 7.50 36.20
CA ASP B 532 -1.49 8.63 37.03
C ASP B 532 -0.28 9.38 36.46
N PRO B 533 -0.29 10.75 36.39
CA PRO B 533 0.86 11.46 35.81
C PRO B 533 2.18 11.30 36.54
N THR B 534 2.19 10.75 37.77
CA THR B 534 3.46 10.51 38.49
C THR B 534 4.24 9.31 37.92
N ILE B 535 3.59 8.49 37.07
CA ILE B 535 4.22 7.39 36.33
C ILE B 535 5.30 7.99 35.41
N ASN B 536 5.01 9.13 34.78
CA ASN B 536 5.97 9.84 33.93
C ASN B 536 5.68 11.35 34.03
N ALA B 537 6.17 11.93 35.12
CA ALA B 537 6.05 13.36 35.49
C ALA B 537 6.63 14.29 34.41
N ASP B 538 7.67 13.88 33.70
CA ASP B 538 8.27 14.66 32.62
C ASP B 538 7.33 14.92 31.46
N GLN B 539 6.38 13.98 31.18
CA GLN B 539 5.49 14.05 30.02
C GLN B 539 4.02 14.13 30.29
N MET B 540 3.55 13.53 31.40
CA MET B 540 2.12 13.44 31.68
C MET B 540 1.52 14.57 32.49
N GLU B 541 0.28 14.88 32.17
CA GLU B 541 -0.53 15.89 32.87
C GLU B 541 -1.92 15.36 32.97
N MET B 542 -2.55 15.57 34.09
CA MET B 542 -3.93 15.14 34.25
C MET B 542 -4.90 16.30 34.48
N TYR B 543 -6.08 16.19 33.88
CA TYR B 543 -7.18 17.15 33.94
C TYR B 543 -8.46 16.39 34.17
N ALA B 544 -9.40 17.02 34.86
CA ALA B 544 -10.71 16.40 35.06
C ALA B 544 -11.78 17.40 34.74
N ASP B 545 -12.81 16.93 34.06
CA ASP B 545 -13.96 17.77 33.80
C ASP B 545 -14.70 18.09 35.14
N VAL B 546 -15.42 19.24 35.15
CA VAL B 546 -16.26 19.68 36.25
C VAL B 546 -17.32 18.59 36.53
N ASN B 547 -17.75 17.84 35.49
CA ASN B 547 -18.73 16.75 35.57
C ASN B 547 -18.12 15.33 35.54
N ALA B 548 -16.86 15.21 35.99
CA ALA B 548 -16.17 13.92 36.09
C ALA B 548 -16.18 13.45 37.56
N ARG B 549 -15.86 12.17 37.77
CA ARG B 549 -15.78 11.59 39.12
C ARG B 549 -14.52 10.76 39.26
N ALA B 550 -13.98 10.73 40.48
CA ALA B 550 -12.80 9.92 40.81
C ALA B 550 -12.69 9.69 42.31
N GLY B 551 -12.42 8.44 42.68
CA GLY B 551 -12.21 7.99 44.04
C GLY B 551 -11.68 6.58 44.04
N VAL B 552 -11.22 6.07 45.20
CA VAL B 552 -10.71 4.68 45.32
C VAL B 552 -11.81 3.69 44.88
N LEU B 553 -13.01 3.82 45.46
CA LEU B 553 -14.15 2.97 45.10
C LEU B 553 -15.25 3.83 44.52
N GLU B 554 -16.25 3.18 43.94
CA GLU B 554 -17.47 3.85 43.48
C GLU B 554 -18.27 4.23 44.78
N PRO B 555 -19.24 5.22 44.78
CA PRO B 555 -19.93 5.57 46.04
C PRO B 555 -20.52 4.39 46.84
N GLU B 556 -21.15 3.43 46.11
CA GLU B 556 -21.76 2.18 46.62
C GLU B 556 -20.78 1.35 47.45
N GLY B 557 -19.52 1.33 47.02
CA GLY B 557 -18.46 0.63 47.74
C GLY B 557 -17.96 1.41 48.93
N THR B 558 -17.89 2.75 48.80
CA THR B 558 -17.42 3.66 49.87
C THR B 558 -18.40 3.62 51.06
N VAL B 559 -19.72 3.62 50.76
CA VAL B 559 -20.75 3.56 51.81
C VAL B 559 -20.72 2.19 52.47
N GLU B 560 -20.55 1.12 51.66
CA GLU B 560 -20.47 -0.27 52.10
C GLU B 560 -19.37 -0.51 53.14
N ILE B 561 -18.28 0.26 53.11
CA ILE B 561 -17.24 -0.03 54.10
C ILE B 561 -17.07 1.14 55.10
N LYS B 562 -17.42 2.39 54.70
CA LYS B 562 -17.23 3.58 55.55
C LYS B 562 -18.52 4.23 56.12
N PHE B 563 -19.72 3.95 55.56
CA PHE B 563 -20.99 4.50 56.05
C PHE B 563 -21.98 3.35 56.32
N ARG B 564 -21.63 2.53 57.33
CA ARG B 564 -22.34 1.33 57.75
C ARG B 564 -23.57 1.64 58.63
N ARG B 565 -24.40 0.60 58.90
CA ARG B 565 -25.65 0.58 59.70
C ARG B 565 -25.64 1.53 60.92
N GLU B 566 -24.62 1.39 61.81
CA GLU B 566 -24.41 2.21 63.02
C GLU B 566 -24.32 3.71 62.68
N LYS B 567 -23.53 4.08 61.64
CA LYS B 567 -23.35 5.46 61.16
C LYS B 567 -24.66 6.01 60.56
N LEU B 568 -25.45 5.14 59.88
CA LEU B 568 -26.74 5.51 59.29
C LEU B 568 -27.75 5.80 60.41
N LEU B 569 -27.75 4.96 61.48
CA LEU B 569 -28.62 5.09 62.65
C LEU B 569 -28.31 6.35 63.46
N ASP B 570 -27.02 6.71 63.61
CA ASP B 570 -26.59 7.94 64.28
C ASP B 570 -27.05 9.16 63.47
N THR B 571 -27.23 8.98 62.13
CA THR B 571 -27.68 10.01 61.18
C THR B 571 -29.23 10.08 61.20
N MET B 572 -29.91 9.00 61.64
CA MET B 572 -31.38 8.99 61.78
C MET B 572 -31.84 10.06 62.80
N ASN B 573 -30.98 10.38 63.80
CA ASN B 573 -31.19 11.37 64.86
C ASN B 573 -31.39 12.81 64.35
N GLU B 607 -37.41 3.08 61.33
CA GLU B 607 -36.06 2.80 60.85
C GLU B 607 -36.05 2.01 59.52
N ARG B 608 -37.04 1.12 59.32
CA ARG B 608 -37.16 0.27 58.13
C ARG B 608 -37.78 0.95 56.90
N GLU B 609 -38.60 2.01 57.13
CA GLU B 609 -39.24 2.75 56.04
C GLU B 609 -38.38 3.92 55.53
N LEU B 610 -37.48 4.44 56.39
CA LEU B 610 -36.59 5.54 56.03
C LEU B 610 -35.13 5.07 55.83
N LEU B 611 -34.95 3.74 55.63
CA LEU B 611 -33.67 3.08 55.32
C LEU B 611 -33.31 3.30 53.81
N PRO B 612 -34.26 3.21 52.83
CA PRO B 612 -33.89 3.44 51.42
C PRO B 612 -33.46 4.87 51.06
N ILE B 613 -34.04 5.89 51.74
CA ILE B 613 -33.70 7.29 51.48
C ILE B 613 -32.41 7.71 52.21
N TYR B 614 -32.13 7.09 53.37
CA TYR B 614 -30.91 7.36 54.13
C TYR B 614 -29.70 6.71 53.45
N GLY B 615 -29.98 5.69 52.62
CA GLY B 615 -29.01 5.02 51.78
C GLY B 615 -28.59 5.96 50.66
N GLN B 616 -29.58 6.69 50.08
CA GLN B 616 -29.35 7.70 49.04
C GLN B 616 -28.58 8.90 49.58
N ILE B 617 -28.82 9.26 50.86
CA ILE B 617 -28.15 10.37 51.55
C ILE B 617 -26.65 10.07 51.68
N SER B 618 -26.31 8.83 52.16
CA SER B 618 -24.93 8.38 52.34
C SER B 618 -24.19 8.27 50.99
N LEU B 619 -24.90 7.81 49.93
CA LEU B 619 -24.40 7.70 48.55
C LEU B 619 -24.04 9.08 48.01
N GLN B 620 -24.88 10.08 48.30
CA GLN B 620 -24.65 11.48 47.90
C GLN B 620 -23.51 12.09 48.72
N PHE B 621 -23.42 11.71 50.00
CA PHE B 621 -22.37 12.20 50.89
C PHE B 621 -20.99 11.69 50.37
N ALA B 622 -20.94 10.41 49.93
CA ALA B 622 -19.77 9.74 49.35
C ALA B 622 -19.39 10.43 48.02
N ASP B 623 -20.38 10.60 47.12
CA ASP B 623 -20.22 11.24 45.82
C ASP B 623 -19.67 12.66 45.88
N LEU B 624 -19.91 13.38 47.00
CA LEU B 624 -19.42 14.75 47.17
C LEU B 624 -17.92 14.84 47.40
N HIS B 625 -17.28 13.71 47.72
CA HIS B 625 -15.82 13.60 47.91
C HIS B 625 -15.15 13.37 46.56
N ASP B 626 -15.87 12.71 45.62
CA ASP B 626 -15.45 12.25 44.29
C ASP B 626 -15.42 13.33 43.19
N ARG B 627 -15.31 14.59 43.56
CA ARG B 627 -15.38 15.70 42.60
C ARG B 627 -14.02 16.28 42.21
N SER B 628 -13.99 16.93 41.04
CA SER B 628 -12.79 17.57 40.49
C SER B 628 -12.21 18.66 41.41
N SER B 629 -13.05 19.26 42.27
CA SER B 629 -12.68 20.30 43.24
C SER B 629 -11.77 19.71 44.32
N ARG B 630 -12.04 18.46 44.75
CA ARG B 630 -11.21 17.73 45.72
C ARG B 630 -9.88 17.43 45.05
N MET B 631 -9.94 16.95 43.77
CA MET B 631 -8.76 16.60 42.95
C MET B 631 -7.83 17.80 42.84
N VAL B 632 -8.37 19.02 42.61
CA VAL B 632 -7.62 20.30 42.54
C VAL B 632 -7.01 20.62 43.91
N ALA B 633 -7.84 20.57 44.99
CA ALA B 633 -7.43 20.87 46.37
C ALA B 633 -6.31 19.94 46.85
N LYS B 634 -6.37 18.66 46.43
CA LYS B 634 -5.37 17.68 46.81
C LYS B 634 -4.12 17.69 45.89
N GLY B 635 -4.18 18.45 44.77
CA GLY B 635 -3.07 18.59 43.83
C GLY B 635 -2.77 17.36 42.96
N VAL B 636 -3.80 16.54 42.67
CA VAL B 636 -3.67 15.33 41.86
C VAL B 636 -3.97 15.59 40.36
N ILE B 637 -4.63 16.74 40.05
CA ILE B 637 -4.90 17.17 38.68
C ILE B 637 -4.29 18.56 38.49
N SER B 638 -3.98 18.93 37.26
CA SER B 638 -3.40 20.24 36.94
C SER B 638 -4.48 21.33 36.97
N LYS B 639 -5.69 21.02 36.51
CA LYS B 639 -6.82 21.94 36.44
C LYS B 639 -8.11 21.17 36.24
N GLU B 640 -9.24 21.77 36.68
CA GLU B 640 -10.55 21.21 36.35
C GLU B 640 -11.02 22.00 35.13
N LEU B 641 -11.66 21.32 34.17
CA LEU B 641 -12.07 21.99 32.94
C LEU B 641 -13.53 21.82 32.65
N GLU B 642 -14.03 22.62 31.72
CA GLU B 642 -15.40 22.53 31.24
C GLU B 642 -15.26 22.03 29.83
N TRP B 643 -15.91 20.91 29.53
CA TRP B 643 -15.90 20.23 28.25
C TRP B 643 -15.99 21.17 27.03
N THR B 644 -16.95 22.12 27.05
CA THR B 644 -17.22 23.08 25.98
C THR B 644 -15.97 23.90 25.66
N GLU B 645 -15.17 24.19 26.68
CA GLU B 645 -13.97 25.01 26.52
C GLU B 645 -12.64 24.20 26.40
N ALA B 646 -12.73 22.85 26.42
CA ALA B 646 -11.59 21.92 26.38
C ALA B 646 -10.75 22.01 25.09
N ARG B 647 -11.40 22.15 23.92
CA ARG B 647 -10.68 22.27 22.65
C ARG B 647 -9.78 23.50 22.63
N ARG B 648 -10.29 24.67 23.07
CA ARG B 648 -9.54 25.93 23.14
C ARG B 648 -8.40 25.79 24.15
N PHE B 649 -8.68 25.16 25.30
CA PHE B 649 -7.68 24.98 26.33
C PHE B 649 -6.56 24.04 25.88
N PHE B 650 -6.92 22.83 25.38
CA PHE B 650 -5.96 21.82 24.97
C PHE B 650 -5.16 22.18 23.75
N PHE B 651 -5.75 22.92 22.81
CA PHE B 651 -4.99 23.36 21.64
C PHE B 651 -3.76 24.15 22.08
N TRP B 652 -3.93 25.18 22.96
CA TRP B 652 -2.83 26.00 23.41
C TRP B 652 -1.92 25.31 24.40
N ARG B 653 -2.48 24.43 25.26
CA ARG B 653 -1.65 23.69 26.20
C ARG B 653 -0.70 22.76 25.41
N LEU B 654 -1.24 22.03 24.41
CA LEU B 654 -0.46 21.14 23.57
C LEU B 654 0.58 21.87 22.74
N ARG B 655 0.17 22.94 22.04
CA ARG B 655 1.03 23.78 21.21
C ARG B 655 2.17 24.33 22.06
N ARG B 656 1.86 24.80 23.26
CA ARG B 656 2.88 25.33 24.17
C ARG B 656 3.86 24.22 24.60
N ARG B 657 3.32 23.06 25.01
CA ARG B 657 4.09 21.90 25.43
C ARG B 657 5.02 21.39 24.33
N LEU B 658 4.52 21.34 23.07
CA LEU B 658 5.36 20.93 21.93
C LEU B 658 6.48 21.91 21.68
N ASN B 659 6.23 23.22 21.87
CA ASN B 659 7.24 24.23 21.67
C ASN B 659 8.33 24.13 22.72
N GLU B 660 7.95 23.98 23.99
CA GLU B 660 8.90 23.84 25.08
C GLU B 660 9.74 22.54 24.94
N GLU B 661 9.11 21.41 24.54
CA GLU B 661 9.75 20.09 24.30
C GLU B 661 10.80 20.16 23.22
N TYR B 662 10.51 20.91 22.14
CA TYR B 662 11.43 21.05 21.03
C TYR B 662 12.63 21.88 21.44
N LEU B 663 12.43 22.88 22.31
CA LEU B 663 13.52 23.70 22.83
C LEU B 663 14.39 22.90 23.78
N ILE B 664 13.79 21.97 24.58
CA ILE B 664 14.53 21.09 25.48
C ILE B 664 15.46 20.21 24.63
N LYS B 665 14.92 19.63 23.52
CA LYS B 665 15.65 18.80 22.57
C LYS B 665 16.82 19.58 21.93
N ARG B 666 16.56 20.80 21.41
CA ARG B 666 17.58 21.69 20.85
C ARG B 666 18.65 22.05 21.87
N LEU B 667 18.27 22.21 23.15
CA LEU B 667 19.19 22.54 24.23
C LEU B 667 20.16 21.38 24.52
N SER B 668 19.64 20.13 24.54
CA SER B 668 20.38 18.89 24.78
C SER B 668 21.58 18.71 23.82
N HIS B 669 21.45 19.11 22.53
CA HIS B 669 22.47 19.04 21.49
C HIS B 669 23.64 20.02 21.67
N ALA B 674 22.72 17.66 31.67
CA ALA B 674 21.81 18.44 32.51
C ALA B 674 20.45 17.77 32.69
N SER B 675 19.80 17.96 33.85
CA SER B 675 18.49 17.38 34.10
C SER B 675 17.41 18.16 33.33
N ARG B 676 16.22 17.55 33.13
CA ARG B 676 15.09 18.19 32.46
C ARG B 676 14.73 19.48 33.22
N LEU B 677 14.67 19.40 34.57
CA LEU B 677 14.38 20.49 35.51
C LEU B 677 15.28 21.70 35.29
N GLU B 678 16.58 21.45 35.03
CA GLU B 678 17.58 22.49 34.76
C GLU B 678 17.35 23.06 33.37
N LYS B 679 17.04 22.18 32.39
CA LYS B 679 16.83 22.57 31.00
C LYS B 679 15.62 23.49 30.80
N ILE B 680 14.43 23.18 31.38
CA ILE B 680 13.25 24.05 31.23
C ILE B 680 13.44 25.36 31.98
N ALA B 681 14.10 25.31 33.16
CA ALA B 681 14.42 26.49 33.97
C ALA B 681 15.24 27.48 33.13
N ARG B 682 16.20 26.95 32.35
CA ARG B 682 17.03 27.77 31.48
C ARG B 682 16.24 28.37 30.31
N ILE B 683 15.42 27.54 29.61
CA ILE B 683 14.58 27.98 28.50
C ILE B 683 13.58 29.07 28.98
N ARG B 684 12.92 28.85 30.11
CA ARG B 684 11.96 29.77 30.71
C ARG B 684 12.60 31.07 31.22
N SER B 685 13.91 31.02 31.57
CA SER B 685 14.64 32.21 32.01
C SER B 685 14.87 33.16 30.82
N TRP B 686 14.71 32.67 29.59
CA TRP B 686 14.86 33.44 28.35
C TRP B 686 13.59 34.20 27.99
N TYR B 687 12.45 33.80 28.57
CA TYR B 687 11.17 34.45 28.29
C TYR B 687 11.22 35.89 28.85
N PRO B 688 10.72 36.89 28.09
CA PRO B 688 10.68 38.26 28.63
C PRO B 688 9.83 38.34 29.90
N ALA B 689 10.09 39.37 30.75
CA ALA B 689 9.36 39.68 31.98
C ALA B 689 7.84 39.80 31.75
N SER B 690 7.44 40.30 30.59
CA SER B 690 6.05 40.45 30.18
C SER B 690 5.31 39.13 29.89
N VAL B 691 6.07 38.03 29.66
CA VAL B 691 5.44 36.74 29.38
C VAL B 691 5.02 36.05 30.66
N ASP B 692 3.74 35.68 30.77
CA ASP B 692 3.25 34.88 31.91
C ASP B 692 3.57 33.41 31.58
N HIS B 693 4.49 32.77 32.35
CA HIS B 693 4.91 31.37 32.21
C HIS B 693 3.73 30.41 32.27
N GLU B 694 2.64 30.80 32.94
CA GLU B 694 1.42 30.00 33.10
C GLU B 694 0.42 30.16 31.96
N ASP B 695 0.66 31.14 31.07
CA ASP B 695 -0.25 31.37 29.92
C ASP B 695 0.31 30.65 28.70
N ASP B 696 -0.37 29.56 28.32
CA ASP B 696 0.01 28.69 27.22
C ASP B 696 0.09 29.38 25.90
N ARG B 697 -0.94 30.17 25.56
CA ARG B 697 -1.02 30.93 24.32
C ARG B 697 0.10 31.92 24.19
N GLN B 698 0.33 32.66 25.27
CA GLN B 698 1.36 33.67 25.31
C GLN B 698 2.74 33.04 25.15
N VAL B 699 3.01 31.95 25.91
CA VAL B 699 4.28 31.21 25.84
C VAL B 699 4.50 30.63 24.42
N ALA B 700 3.49 29.94 23.86
CA ALA B 700 3.58 29.36 22.52
C ALA B 700 3.84 30.43 21.47
N THR B 701 3.08 31.54 21.53
CA THR B 701 3.18 32.70 20.64
C THR B 701 4.56 33.33 20.72
N TRP B 702 5.08 33.54 21.93
CA TRP B 702 6.42 34.11 22.05
C TRP B 702 7.49 33.23 21.43
N ILE B 703 7.47 31.90 21.72
CA ILE B 703 8.45 30.96 21.17
C ILE B 703 8.43 31.00 19.64
N GLU B 704 7.24 30.90 19.03
CA GLU B 704 7.12 30.87 17.57
C GLU B 704 7.50 32.17 16.87
N GLU B 705 7.34 33.31 17.55
CA GLU B 705 7.73 34.64 17.05
C GLU B 705 9.21 34.88 17.19
N ASN B 706 9.81 34.42 18.28
CA ASN B 706 11.22 34.63 18.54
C ASN B 706 12.09 33.42 18.20
N TYR B 707 11.76 32.68 17.13
CA TYR B 707 12.54 31.52 16.69
C TYR B 707 13.97 31.88 16.33
N LYS B 708 14.16 33.01 15.63
CA LYS B 708 15.47 33.56 15.23
C LYS B 708 16.27 34.01 16.45
N THR B 709 15.60 34.58 17.47
CA THR B 709 16.20 35.06 18.72
C THR B 709 16.71 33.85 19.53
N LEU B 710 15.85 32.82 19.69
CA LEU B 710 16.13 31.58 20.43
C LEU B 710 17.20 30.77 19.73
N ASP B 711 17.20 30.76 18.38
CA ASP B 711 18.19 30.05 17.55
C ASP B 711 19.61 30.50 17.93
N ASP B 712 19.80 31.83 18.05
CA ASP B 712 21.06 32.47 18.43
C ASP B 712 21.43 32.18 19.88
N LYS B 713 20.43 32.18 20.81
CA LYS B 713 20.66 31.90 22.25
C LYS B 713 21.18 30.47 22.47
N LEU B 714 20.74 29.52 21.62
CA LEU B 714 21.17 28.12 21.66
C LEU B 714 22.57 28.02 21.04
N LYS B 715 22.74 28.65 19.85
CA LYS B 715 23.98 28.73 19.06
C LYS B 715 25.15 29.30 19.87
N GLY B 716 24.89 30.38 20.60
CA GLY B 716 25.87 31.07 21.42
C GLY B 716 26.08 30.49 22.80
N LEU B 717 26.29 29.14 22.89
CA LEU B 717 26.54 28.41 24.13
C LEU B 717 26.80 26.93 23.86
N LEU C 21 3.98 -6.34 71.96
CA LEU C 21 4.09 -6.90 70.59
C LEU C 21 3.25 -8.16 70.29
N GLN C 22 2.83 -8.99 71.30
CA GLN C 22 2.03 -10.17 70.95
C GLN C 22 0.67 -9.77 70.35
N PRO C 23 -0.02 -8.65 70.70
CA PRO C 23 -1.29 -8.37 69.99
C PRO C 23 -1.05 -8.20 68.47
N LYS C 24 0.06 -7.53 68.07
CA LYS C 24 0.48 -7.33 66.65
C LYS C 24 0.86 -8.64 66.00
N ARG C 25 1.67 -9.45 66.69
CA ARG C 25 2.03 -10.77 66.16
C ARG C 25 0.79 -11.66 66.04
N TYR C 26 -0.19 -11.48 66.95
CA TYR C 26 -1.40 -12.26 66.88
C TYR C 26 -2.23 -11.84 65.66
N LYS C 27 -2.38 -10.50 65.47
CA LYS C 27 -3.12 -9.91 64.33
C LYS C 27 -2.53 -10.43 63.02
N ALA C 28 -1.19 -10.56 62.93
CA ALA C 28 -0.45 -11.10 61.78
C ALA C 28 -0.73 -12.60 61.61
N HIS C 29 -0.65 -13.38 62.71
CA HIS C 29 -0.93 -14.82 62.70
C HIS C 29 -2.37 -15.11 62.21
N LEU C 30 -3.31 -14.22 62.55
CA LEU C 30 -4.72 -14.31 62.20
C LEU C 30 -4.94 -14.20 60.68
N MET C 31 -4.14 -13.35 60.02
CA MET C 31 -4.14 -13.11 58.57
C MET C 31 -3.36 -14.21 57.82
N GLY C 32 -2.62 -15.03 58.56
CA GLY C 32 -1.81 -16.10 58.00
C GLY C 32 -0.43 -15.62 57.64
N THR C 33 0.06 -14.60 58.35
CA THR C 33 1.34 -14.01 58.04
C THR C 33 2.24 -13.77 59.26
N THR C 34 3.52 -13.46 58.99
CA THR C 34 4.57 -13.15 59.96
C THR C 34 4.46 -11.64 60.19
N TYR C 35 4.66 -11.19 61.44
CA TYR C 35 4.65 -9.76 61.80
C TYR C 35 5.92 -9.13 61.15
N VAL C 36 5.79 -7.92 60.52
CA VAL C 36 6.90 -7.29 59.78
C VAL C 36 8.26 -7.40 60.45
N TYR C 37 8.35 -7.05 61.74
CA TYR C 37 9.63 -7.01 62.45
C TYR C 37 10.22 -8.38 62.71
N ASP C 38 9.45 -9.44 62.46
CA ASP C 38 9.98 -10.78 62.61
C ASP C 38 10.55 -11.36 61.31
N PHE C 39 10.46 -10.61 60.17
CA PHE C 39 10.99 -11.06 58.89
C PHE C 39 12.52 -11.08 58.82
N PRO C 40 13.29 -10.05 59.34
CA PRO C 40 14.76 -10.16 59.28
C PRO C 40 15.31 -11.45 59.89
N GLU C 41 14.65 -11.98 60.94
CA GLU C 41 15.00 -13.25 61.59
C GLU C 41 14.84 -14.42 60.60
N LEU C 42 13.77 -14.42 59.77
CA LEU C 42 13.56 -15.44 58.74
C LEU C 42 14.68 -15.42 57.70
N PHE C 43 15.15 -14.21 57.33
CA PHE C 43 16.27 -14.01 56.41
C PHE C 43 17.54 -14.57 56.99
N ARG C 44 17.77 -14.34 58.32
CA ARG C 44 18.94 -14.85 59.05
C ARG C 44 18.96 -16.39 59.03
N GLN C 45 17.82 -17.02 59.34
CA GLN C 45 17.64 -18.46 59.31
C GLN C 45 17.89 -19.04 57.91
N ALA C 46 17.30 -18.41 56.87
CA ALA C 46 17.47 -18.82 55.48
C ALA C 46 18.93 -18.67 55.02
N SER C 47 19.62 -17.58 55.45
CA SER C 47 21.02 -17.34 55.10
C SER C 47 21.95 -18.34 55.83
N SER C 48 21.61 -18.65 57.10
CA SER C 48 22.32 -19.64 57.90
C SER C 48 22.21 -21.01 57.20
N SER C 49 20.99 -21.39 56.74
CA SER C 49 20.75 -22.64 56.02
C SER C 49 21.57 -22.73 54.73
N GLN C 50 21.75 -21.60 54.01
CA GLN C 50 22.52 -21.52 52.77
C GLN C 50 23.93 -22.02 53.03
N TRP C 51 24.54 -21.57 54.14
CA TRP C 51 25.87 -21.95 54.58
C TRP C 51 25.93 -23.44 54.91
N LYS C 52 24.91 -23.96 55.66
CA LYS C 52 24.78 -25.36 56.02
C LYS C 52 24.77 -26.29 54.82
N ASN C 53 23.94 -25.98 53.80
CA ASN C 53 23.87 -26.80 52.59
C ASN C 53 25.10 -26.63 51.70
N PHE C 54 25.88 -25.55 51.89
CA PHE C 54 27.09 -25.32 51.11
C PHE C 54 28.29 -26.05 51.73
N SER C 55 28.62 -25.70 52.97
CA SER C 55 29.73 -26.27 53.74
C SER C 55 29.27 -26.44 55.17
N ALA C 56 28.82 -27.67 55.52
CA ALA C 56 28.30 -28.05 56.84
C ALA C 56 29.25 -27.70 57.98
N ASP C 57 30.56 -27.74 57.72
CA ASP C 57 31.62 -27.47 58.69
C ASP C 57 31.88 -25.98 59.01
N VAL C 58 31.36 -25.02 58.21
CA VAL C 58 31.61 -23.59 58.53
C VAL C 58 30.86 -23.20 59.80
N LYS C 59 31.54 -22.48 60.69
CA LYS C 59 30.93 -22.00 61.92
C LYS C 59 30.64 -20.53 61.76
N LEU C 60 29.37 -20.17 61.79
CA LEU C 60 28.94 -18.78 61.61
C LEU C 60 28.83 -18.06 62.93
N THR C 61 29.19 -16.79 62.92
CA THR C 61 29.01 -15.91 64.06
C THR C 61 27.88 -14.96 63.70
N ASP C 62 27.24 -14.30 64.69
CA ASP C 62 26.10 -13.42 64.47
C ASP C 62 26.39 -12.22 63.54
N ASP C 63 27.69 -11.84 63.38
CA ASP C 63 28.09 -10.72 62.53
C ASP C 63 28.07 -11.07 61.01
N PHE C 64 27.68 -12.32 60.65
CA PHE C 64 27.55 -12.76 59.26
C PHE C 64 26.28 -12.12 58.68
N PHE C 65 25.35 -11.70 59.55
CA PHE C 65 24.08 -11.12 59.15
C PHE C 65 23.77 -9.90 59.99
N ILE C 66 23.55 -8.76 59.33
CA ILE C 66 23.17 -7.48 59.96
C ILE C 66 21.88 -6.98 59.29
N SER C 67 20.92 -6.59 60.10
CA SER C 67 19.68 -6.02 59.63
C SER C 67 19.45 -4.69 60.35
N ASN C 68 19.36 -3.61 59.59
CA ASN C 68 19.16 -2.28 60.13
C ASN C 68 17.93 -1.69 59.52
N GLU C 69 17.01 -1.23 60.35
CA GLU C 69 15.78 -0.61 59.87
C GLU C 69 16.09 0.74 59.19
N LEU C 70 15.36 1.04 58.11
CA LEU C 70 15.47 2.30 57.40
C LEU C 70 14.25 3.14 57.71
N ILE C 71 14.48 4.39 58.11
CA ILE C 71 13.39 5.33 58.38
C ILE C 71 13.78 6.66 57.78
N GLU C 72 12.81 7.52 57.57
CA GLU C 72 13.10 8.85 57.04
C GLU C 72 13.52 9.74 58.21
N ASP C 73 14.46 10.68 57.97
CA ASP C 73 14.90 11.64 58.97
C ASP C 73 14.05 12.95 58.91
N GLU C 74 14.63 14.12 59.31
CA GLU C 74 13.95 15.43 59.33
C GLU C 74 13.77 15.97 57.90
N ASN C 75 14.80 15.77 57.04
CA ASN C 75 14.84 16.20 55.65
C ASN C 75 14.19 15.18 54.70
N GLY C 76 13.58 14.15 55.27
CA GLY C 76 12.93 13.08 54.52
C GLY C 76 13.89 12.11 53.84
N GLU C 77 15.18 12.08 54.28
CA GLU C 77 16.21 11.19 53.75
C GLU C 77 16.30 9.92 54.55
N LEU C 78 16.51 8.78 53.87
CA LEU C 78 16.57 7.48 54.52
C LEU C 78 17.83 7.29 55.34
N THR C 79 17.65 6.87 56.59
CA THR C 79 18.75 6.62 57.53
C THR C 79 18.54 5.33 58.25
N GLU C 80 19.63 4.66 58.62
CA GLU C 80 19.59 3.43 59.39
C GLU C 80 19.38 3.75 60.86
N VAL C 81 18.47 3.00 61.50
CA VAL C 81 18.17 3.16 62.92
C VAL C 81 18.16 1.84 63.65
N GLU C 82 18.39 1.95 64.98
CA GLU C 82 18.31 0.84 65.92
C GLU C 82 17.28 1.31 66.93
N ARG C 83 16.08 0.76 66.85
CA ARG C 83 14.97 1.12 67.71
C ARG C 83 14.20 -0.16 68.04
N GLU C 84 13.19 -0.09 68.91
CA GLU C 84 12.43 -1.27 69.24
C GLU C 84 11.35 -1.54 68.20
N PRO C 85 11.09 -2.82 67.84
CA PRO C 85 10.02 -3.11 66.86
C PRO C 85 8.66 -2.55 67.29
N GLY C 86 7.83 -2.20 66.33
CA GLY C 86 6.48 -1.72 66.59
C GLY C 86 6.35 -0.23 66.75
N ALA C 87 7.47 0.49 66.66
CA ALA C 87 7.54 1.96 66.80
C ALA C 87 7.17 2.72 65.49
N ASN C 88 6.83 1.99 64.41
CA ASN C 88 6.51 2.57 63.11
C ASN C 88 5.27 3.45 63.13
N ALA C 89 5.45 4.72 62.72
CA ALA C 89 4.36 5.70 62.61
C ALA C 89 3.60 5.57 61.27
N ILE C 90 4.12 4.77 60.32
CA ILE C 90 3.48 4.50 59.02
C ILE C 90 3.35 2.99 58.82
N GLY C 91 2.47 2.58 57.90
CA GLY C 91 2.21 1.17 57.59
C GLY C 91 3.15 0.48 56.61
N MET C 92 4.36 1.05 56.45
CA MET C 92 5.38 0.54 55.55
C MET C 92 6.70 0.58 56.30
N VAL C 93 7.44 -0.54 56.32
CA VAL C 93 8.75 -0.63 56.98
C VAL C 93 9.82 -1.15 56.01
N ALA C 94 11.09 -0.76 56.23
CA ALA C 94 12.17 -1.23 55.39
C ALA C 94 13.36 -1.57 56.23
N PHE C 95 14.18 -2.51 55.75
CA PHE C 95 15.42 -2.95 56.38
C PHE C 95 16.49 -3.03 55.35
N LYS C 96 17.71 -2.67 55.73
CA LYS C 96 18.88 -2.85 54.88
C LYS C 96 19.58 -4.04 55.51
N ILE C 97 19.75 -5.09 54.72
CA ILE C 97 20.39 -6.32 55.15
C ILE C 97 21.79 -6.45 54.56
N THR C 98 22.80 -6.78 55.41
CA THR C 98 24.17 -7.06 55.00
C THR C 98 24.42 -8.49 55.45
N VAL C 99 24.64 -9.39 54.48
CA VAL C 99 24.87 -10.82 54.73
C VAL C 99 26.11 -11.32 54.05
N LYS C 100 26.87 -12.16 54.77
CA LYS C 100 28.01 -12.88 54.20
C LYS C 100 27.37 -14.18 53.71
N THR C 101 27.53 -14.49 52.43
CA THR C 101 26.87 -15.68 51.83
C THR C 101 27.96 -16.51 51.16
N PRO C 102 27.72 -17.80 50.82
CA PRO C 102 28.76 -18.57 50.11
C PRO C 102 29.33 -17.93 48.83
N GLU C 103 28.54 -17.12 48.08
CA GLU C 103 29.04 -16.46 46.87
C GLU C 103 29.55 -15.05 47.14
N TYR C 104 29.18 -14.47 48.29
CA TYR C 104 29.68 -13.17 48.76
C TYR C 104 30.14 -13.32 50.22
N PRO C 105 31.25 -14.07 50.47
CA PRO C 105 31.68 -14.30 51.87
C PRO C 105 32.09 -13.05 52.65
N ARG C 106 32.44 -11.95 51.97
CA ARG C 106 32.75 -10.68 52.61
C ARG C 106 31.48 -9.80 52.75
N GLY C 107 30.36 -10.26 52.17
CA GLY C 107 29.10 -9.53 52.29
C GLY C 107 28.44 -9.01 51.02
N ARG C 108 27.11 -9.09 51.00
CA ARG C 108 26.24 -8.56 49.96
C ARG C 108 25.10 -7.84 50.66
N GLN C 109 24.57 -6.80 50.02
CA GLN C 109 23.47 -6.04 50.61
C GLN C 109 22.20 -6.05 49.76
N PHE C 110 21.07 -5.83 50.42
CA PHE C 110 19.78 -5.69 49.77
C PHE C 110 18.84 -4.95 50.70
N VAL C 111 17.71 -4.47 50.16
CA VAL C 111 16.71 -3.78 50.95
C VAL C 111 15.47 -4.64 50.98
N VAL C 112 14.80 -4.69 52.13
CA VAL C 112 13.54 -5.39 52.25
C VAL C 112 12.53 -4.30 52.60
N VAL C 113 11.48 -4.15 51.80
CA VAL C 113 10.37 -3.19 52.04
C VAL C 113 9.19 -4.09 52.35
N ALA C 114 8.37 -3.70 53.29
CA ALA C 114 7.24 -4.53 53.66
C ALA C 114 6.10 -3.70 54.16
N ASN C 115 4.88 -4.11 53.82
CA ASN C 115 3.69 -3.49 54.40
C ASN C 115 3.56 -4.04 55.82
N ASP C 116 2.96 -3.27 56.73
CA ASP C 116 2.65 -3.74 58.07
C ASP C 116 1.15 -4.00 58.06
N ILE C 117 0.73 -5.26 57.93
CA ILE C 117 -0.69 -5.66 57.88
C ILE C 117 -1.46 -5.25 59.18
N THR C 118 -0.74 -4.99 60.29
CA THR C 118 -1.32 -4.57 61.57
C THR C 118 -1.60 -3.06 61.61
N PHE C 119 -1.00 -2.28 60.71
CA PHE C 119 -1.17 -0.83 60.62
C PHE C 119 -2.20 -0.54 59.55
N LYS C 120 -3.40 -0.15 59.98
CA LYS C 120 -4.53 0.19 59.12
C LYS C 120 -4.72 -0.82 58.00
N ILE C 121 -4.77 -2.12 58.35
CA ILE C 121 -4.96 -3.32 57.52
C ILE C 121 -3.97 -3.36 56.29
N GLY C 122 -2.79 -2.81 56.50
CA GLY C 122 -1.72 -2.73 55.51
C GLY C 122 -2.09 -1.89 54.29
N SER C 123 -3.03 -0.94 54.43
CA SER C 123 -3.49 -0.07 53.36
C SER C 123 -2.38 0.90 52.94
N PHE C 124 -2.41 1.34 51.68
CA PHE C 124 -1.43 2.29 51.16
C PHE C 124 -1.99 3.70 51.21
N GLY C 125 -1.48 4.49 52.13
CA GLY C 125 -1.82 5.90 52.19
C GLY C 125 -0.68 6.67 51.53
N PRO C 126 -0.82 8.01 51.36
CA PRO C 126 0.26 8.79 50.73
C PRO C 126 1.64 8.67 51.35
N GLN C 127 1.73 8.52 52.70
CA GLN C 127 3.01 8.42 53.40
C GLN C 127 3.69 7.07 53.17
N GLU C 128 2.90 6.01 53.06
CA GLU C 128 3.40 4.66 52.75
C GLU C 128 3.93 4.64 51.30
N ASP C 129 3.20 5.31 50.36
CA ASP C 129 3.59 5.42 48.95
C ASP C 129 4.89 6.21 48.81
N GLU C 130 5.00 7.31 49.54
CA GLU C 130 6.18 8.17 49.54
C GLU C 130 7.40 7.41 50.06
N PHE C 131 7.21 6.64 51.14
CA PHE C 131 8.31 5.89 51.76
C PHE C 131 8.73 4.72 50.86
N PHE C 132 7.78 3.98 50.30
CA PHE C 132 8.04 2.86 49.37
C PHE C 132 8.87 3.37 48.18
N ASN C 133 8.49 4.53 47.62
CA ASN C 133 9.19 5.17 46.51
C ASN C 133 10.60 5.58 46.89
N LYS C 134 10.78 6.17 48.09
CA LYS C 134 12.08 6.58 48.59
C LYS C 134 13.01 5.37 48.78
N VAL C 135 12.49 4.25 49.27
CA VAL C 135 13.24 2.99 49.48
C VAL C 135 13.62 2.38 48.15
N THR C 136 12.72 2.44 47.15
CA THR C 136 13.00 1.95 45.80
C THR C 136 14.13 2.74 45.19
N GLU C 137 14.10 4.07 45.33
CA GLU C 137 15.14 4.97 44.79
C GLU C 137 16.48 4.75 45.50
N TYR C 138 16.43 4.48 46.81
CA TYR C 138 17.58 4.20 47.65
C TYR C 138 18.32 2.97 47.09
N ALA C 139 17.59 1.88 46.80
CA ALA C 139 18.13 0.63 46.26
C ALA C 139 18.65 0.83 44.82
N ARG C 140 17.91 1.59 44.01
CA ARG C 140 18.29 1.88 42.62
C ARG C 140 19.58 2.64 42.52
N LYS C 141 19.77 3.65 43.38
CA LYS C 141 20.98 4.47 43.40
C LYS C 141 22.20 3.62 43.77
N ARG C 142 22.04 2.70 44.73
CA ARG C 142 23.11 1.83 45.19
C ARG C 142 23.31 0.59 44.32
N GLY C 143 22.35 0.31 43.46
CA GLY C 143 22.35 -0.83 42.55
C GLY C 143 22.01 -2.15 43.22
N ILE C 144 21.48 -2.13 44.44
CA ILE C 144 21.24 -3.34 45.25
C ILE C 144 19.81 -3.89 45.12
N PRO C 145 19.62 -5.22 45.29
CA PRO C 145 18.27 -5.80 45.16
C PRO C 145 17.21 -5.19 46.09
N ARG C 146 15.94 -5.14 45.59
CA ARG C 146 14.82 -4.67 46.39
C ARG C 146 13.84 -5.82 46.54
N ILE C 147 13.71 -6.32 47.76
CA ILE C 147 12.75 -7.37 48.10
C ILE C 147 11.51 -6.69 48.64
N TYR C 148 10.35 -7.04 48.11
CA TYR C 148 9.12 -6.49 48.64
C TYR C 148 8.29 -7.61 49.26
N LEU C 149 7.85 -7.41 50.51
CA LEU C 149 6.99 -8.39 51.21
C LEU C 149 5.59 -7.81 51.24
N ALA C 150 4.73 -8.37 50.41
CA ALA C 150 3.37 -7.88 50.21
C ALA C 150 2.32 -8.49 51.18
N ALA C 151 1.69 -7.61 51.98
CA ALA C 151 0.63 -7.94 52.98
C ALA C 151 -0.22 -6.68 53.11
N ASN C 152 -1.22 -6.52 52.24
CA ASN C 152 -1.93 -5.24 52.20
C ASN C 152 -3.39 -5.32 51.81
N SER C 153 -4.05 -4.16 51.87
CA SER C 153 -5.47 -4.03 51.51
C SER C 153 -5.69 -3.01 50.37
N GLY C 154 -4.62 -2.65 49.67
CA GLY C 154 -4.70 -1.71 48.55
C GLY C 154 -4.65 -0.28 49.05
N ALA C 155 -5.11 0.66 48.19
CA ALA C 155 -5.14 2.08 48.54
C ALA C 155 -6.07 2.34 49.72
N ARG C 156 -5.67 3.23 50.61
CA ARG C 156 -6.46 3.58 51.79
C ARG C 156 -7.75 4.32 51.39
N ILE C 157 -8.87 3.92 51.99
CA ILE C 157 -10.17 4.56 51.72
C ILE C 157 -10.66 5.27 53.00
N GLY C 158 -11.43 6.33 52.82
CA GLY C 158 -11.97 7.10 53.94
C GLY C 158 -12.93 8.20 53.53
N MET C 159 -13.57 8.82 54.53
CA MET C 159 -14.49 9.96 54.34
C MET C 159 -14.14 11.05 55.32
N ALA C 160 -14.69 12.26 55.11
CA ALA C 160 -14.49 13.38 56.02
C ALA C 160 -15.45 13.10 57.20
N GLU C 161 -14.88 12.54 58.28
CA GLU C 161 -15.64 12.12 59.45
C GLU C 161 -16.23 13.30 60.23
N GLU C 162 -15.54 14.47 60.21
CA GLU C 162 -15.97 15.71 60.84
C GLU C 162 -17.25 16.32 60.21
N ILE C 163 -17.60 15.94 58.97
CA ILE C 163 -18.79 16.43 58.26
C ILE C 163 -20.00 15.49 58.48
N VAL C 164 -19.73 14.25 58.93
CA VAL C 164 -20.76 13.25 59.24
C VAL C 164 -21.76 13.76 60.34
N PRO C 165 -21.32 14.35 61.49
CA PRO C 165 -22.31 14.82 62.49
C PRO C 165 -22.85 16.24 62.27
N LEU C 166 -22.32 16.96 61.26
CA LEU C 166 -22.72 18.35 61.01
C LEU C 166 -23.68 18.57 59.84
N PHE C 167 -23.59 17.76 58.78
CA PHE C 167 -24.40 17.95 57.57
C PHE C 167 -25.92 17.82 57.79
N GLN C 168 -26.67 18.61 57.04
CA GLN C 168 -28.13 18.65 57.06
C GLN C 168 -28.68 18.30 55.68
N VAL C 169 -29.85 17.67 55.65
CA VAL C 169 -30.52 17.27 54.41
C VAL C 169 -31.63 18.28 54.12
N ALA C 170 -31.72 18.75 52.85
CA ALA C 170 -32.75 19.69 52.43
C ALA C 170 -33.83 18.92 51.66
N TRP C 171 -34.87 18.47 52.40
CA TRP C 171 -35.99 17.70 51.85
C TRP C 171 -36.92 18.55 50.99
N PHE C 181 -34.82 14.23 48.48
CA PHE C 181 -34.07 15.39 48.90
C PHE C 181 -33.43 16.15 47.73
N GLN C 182 -33.14 17.44 47.92
CA GLN C 182 -32.57 18.32 46.88
C GLN C 182 -31.04 18.45 46.94
N TYR C 183 -30.48 18.54 48.17
CA TYR C 183 -29.05 18.71 48.41
C TYR C 183 -28.71 18.53 49.89
N LEU C 184 -27.42 18.57 50.22
CA LEU C 184 -26.91 18.49 51.57
C LEU C 184 -26.32 19.87 51.89
N TYR C 185 -26.47 20.33 53.14
CA TYR C 185 -25.99 21.66 53.53
C TYR C 185 -25.49 21.72 54.96
N LEU C 186 -24.89 22.85 55.32
CA LEU C 186 -24.45 23.15 56.68
C LEU C 186 -25.21 24.39 57.18
N THR C 187 -25.38 24.46 58.52
CA THR C 187 -25.98 25.60 59.21
C THR C 187 -24.82 26.50 59.67
N SER C 188 -25.10 27.72 60.15
CA SER C 188 -24.06 28.63 60.63
C SER C 188 -23.33 28.04 61.86
N GLU C 189 -24.00 27.17 62.66
CA GLU C 189 -23.34 26.55 63.83
C GLU C 189 -22.42 25.39 63.39
N GLY C 190 -22.82 24.68 62.32
CA GLY C 190 -22.01 23.63 61.69
C GLY C 190 -20.74 24.25 61.14
N MET C 191 -20.89 25.38 60.41
CA MET C 191 -19.80 26.19 59.84
C MET C 191 -18.89 26.73 60.94
N GLU C 192 -19.48 27.08 62.11
CA GLU C 192 -18.76 27.60 63.27
C GLU C 192 -17.94 26.50 63.95
N THR C 193 -18.50 25.26 64.02
CA THR C 193 -17.82 24.08 64.58
C THR C 193 -16.52 23.84 63.79
N LEU C 194 -16.60 23.93 62.44
CA LEU C 194 -15.45 23.78 61.52
C LEU C 194 -14.45 24.93 61.73
N LYS C 195 -14.93 26.19 61.86
CA LYS C 195 -14.08 27.37 62.12
C LYS C 195 -13.33 27.23 63.47
N LYS C 196 -14.01 26.62 64.48
CA LYS C 196 -13.51 26.38 65.83
C LYS C 196 -12.34 25.38 65.85
N PHE C 197 -12.43 24.29 65.05
CA PHE C 197 -11.37 23.27 64.99
C PHE C 197 -10.40 23.46 63.81
N ASP C 198 -10.47 24.65 63.15
CA ASP C 198 -9.66 25.08 61.99
C ASP C 198 -9.78 24.10 60.78
N LYS C 199 -11.01 23.62 60.55
CA LYS C 199 -11.37 22.69 59.48
C LYS C 199 -12.34 23.38 58.52
N GLU C 200 -12.09 24.67 58.23
CA GLU C 200 -12.91 25.52 57.34
C GLU C 200 -12.86 25.04 55.89
N ASN C 201 -11.65 24.64 55.44
CA ASN C 201 -11.35 24.14 54.10
C ASN C 201 -11.81 22.68 53.85
N SER C 202 -12.41 22.01 54.87
CA SER C 202 -12.95 20.64 54.79
C SER C 202 -14.14 20.51 53.85
N VAL C 203 -14.79 21.64 53.53
CA VAL C 203 -15.96 21.71 52.64
C VAL C 203 -15.89 22.93 51.73
N LEU C 204 -16.56 22.80 50.57
CA LEU C 204 -16.71 23.83 49.56
C LEU C 204 -18.20 24.14 49.58
N THR C 205 -18.56 25.32 50.10
CA THR C 205 -19.97 25.70 50.28
C THR C 205 -20.37 26.92 49.49
N GLU C 206 -21.64 26.95 49.11
CA GLU C 206 -22.29 28.03 48.37
C GLU C 206 -23.49 28.44 49.25
N ARG C 207 -23.38 29.59 49.96
CA ARG C 207 -24.45 30.04 50.88
C ARG C 207 -25.71 30.52 50.14
N THR C 208 -26.86 30.05 50.65
CA THR C 208 -28.22 30.26 50.14
C THR C 208 -29.17 30.59 51.34
N VAL C 209 -30.24 31.38 51.10
CA VAL C 209 -31.20 31.74 52.16
C VAL C 209 -32.54 31.06 51.89
N GLU C 214 -30.16 30.77 56.81
CA GLU C 214 -29.06 30.68 55.86
C GLU C 214 -28.46 29.26 55.81
N ARG C 215 -28.68 28.58 54.65
CA ARG C 215 -28.23 27.22 54.31
C ARG C 215 -26.93 27.27 53.46
N PHE C 216 -25.81 26.71 54.00
CA PHE C 216 -24.52 26.64 53.32
C PHE C 216 -24.46 25.32 52.52
N VAL C 217 -24.93 25.35 51.26
CA VAL C 217 -25.01 24.20 50.34
C VAL C 217 -23.61 23.55 50.14
N ILE C 218 -23.50 22.22 50.43
CA ILE C 218 -22.25 21.47 50.27
C ILE C 218 -22.06 21.16 48.78
N LYS C 219 -21.06 21.79 48.19
CA LYS C 219 -20.75 21.61 46.76
C LYS C 219 -19.67 20.52 46.59
N THR C 220 -18.73 20.42 47.55
CA THR C 220 -17.68 19.41 47.60
C THR C 220 -17.20 19.18 49.05
N ILE C 221 -17.03 17.90 49.42
CA ILE C 221 -16.44 17.50 50.69
C ILE C 221 -14.96 17.20 50.40
N ILE C 222 -14.04 17.88 51.10
CA ILE C 222 -12.60 17.71 50.93
C ILE C 222 -12.01 16.89 52.09
N GLY C 223 -12.41 17.20 53.33
CA GLY C 223 -11.88 16.55 54.51
C GLY C 223 -10.61 17.21 54.99
N SER C 224 -10.30 17.05 56.29
CA SER C 224 -9.11 17.63 56.92
C SER C 224 -7.98 16.60 56.98
N GLU C 225 -8.35 15.32 57.08
CA GLU C 225 -7.42 14.20 57.12
C GLU C 225 -6.99 13.81 55.68
N ASP C 226 -5.68 13.64 55.49
CA ASP C 226 -5.04 13.21 54.24
C ASP C 226 -4.99 11.67 54.21
N GLY C 227 -5.33 11.08 53.06
CA GLY C 227 -5.35 9.64 52.88
C GLY C 227 -6.73 9.08 52.75
N LEU C 228 -7.62 9.86 52.10
CA LEU C 228 -9.04 9.57 51.92
C LEU C 228 -9.41 8.98 50.56
N GLY C 229 -8.86 9.54 49.49
CA GLY C 229 -9.18 9.12 48.13
C GLY C 229 -8.10 9.24 47.07
N VAL C 230 -8.27 10.22 46.16
CA VAL C 230 -7.43 10.42 44.97
C VAL C 230 -5.93 10.70 45.31
N GLU C 231 -5.61 11.18 46.52
CA GLU C 231 -4.22 11.40 46.98
C GLU C 231 -3.53 10.03 47.19
N CYS C 232 -4.31 8.99 47.53
CA CYS C 232 -3.85 7.60 47.67
C CYS C 232 -3.63 7.05 46.26
N LEU C 233 -4.51 7.42 45.31
CA LEU C 233 -4.42 6.98 43.92
C LEU C 233 -3.17 7.52 43.23
N ARG C 234 -2.82 8.79 43.48
CA ARG C 234 -1.62 9.44 42.96
C ARG C 234 -0.36 8.73 43.48
N GLY C 235 -0.32 8.41 44.78
CA GLY C 235 0.77 7.69 45.40
C GLY C 235 0.92 6.28 44.84
N SER C 236 -0.21 5.65 44.46
CA SER C 236 -0.26 4.31 43.84
C SER C 236 0.44 4.34 42.48
N GLY C 237 0.10 5.31 41.64
CA GLY C 237 0.71 5.51 40.33
C GLY C 237 2.19 5.79 40.42
N LEU C 238 2.60 6.54 41.43
CA LEU C 238 3.99 6.86 41.69
C LEU C 238 4.82 5.60 41.93
N ILE C 239 4.33 4.71 42.80
CA ILE C 239 5.03 3.48 43.16
C ILE C 239 4.91 2.43 42.05
N ALA C 240 3.84 2.49 41.23
CA ALA C 240 3.69 1.60 40.07
C ALA C 240 4.80 1.93 39.03
N GLY C 241 5.00 3.23 38.77
CA GLY C 241 6.03 3.71 37.86
C GLY C 241 7.43 3.46 38.36
N ALA C 242 7.64 3.62 39.67
CA ALA C 242 8.91 3.40 40.35
C ALA C 242 9.34 1.94 40.25
N THR C 243 8.39 1.00 40.36
CA THR C 243 8.61 -0.45 40.32
C THR C 243 8.90 -0.91 38.87
N SER C 244 8.22 -0.34 37.89
CA SER C 244 8.46 -0.57 36.46
C SER C 244 9.91 -0.22 36.14
N ARG C 245 10.40 0.93 36.67
CA ARG C 245 11.76 1.42 36.50
C ARG C 245 12.77 0.56 37.23
N ALA C 246 12.47 0.16 38.47
CA ALA C 246 13.31 -0.67 39.33
C ALA C 246 13.61 -2.01 38.65
N TYR C 247 12.60 -2.61 38.01
CA TYR C 247 12.77 -3.87 37.30
C TYR C 247 13.86 -3.82 36.18
N HIS C 248 14.03 -2.67 35.50
CA HIS C 248 15.04 -2.57 34.45
C HIS C 248 16.41 -2.22 35.00
N ASP C 249 16.48 -1.91 36.28
CA ASP C 249 17.66 -1.37 36.93
C ASP C 249 18.31 -2.27 37.96
N ILE C 250 17.51 -2.89 38.84
CA ILE C 250 18.02 -3.70 39.95
C ILE C 250 17.28 -5.03 40.00
N PHE C 251 17.75 -5.98 40.80
CA PHE C 251 17.02 -7.23 40.98
C PHE C 251 15.79 -6.95 41.88
N THR C 252 14.58 -7.23 41.37
CA THR C 252 13.34 -7.03 42.11
C THR C 252 12.64 -8.39 42.28
N ILE C 253 12.15 -8.66 43.48
CA ILE C 253 11.43 -9.88 43.83
C ILE C 253 10.38 -9.53 44.87
N THR C 254 9.24 -10.22 44.83
CA THR C 254 8.16 -10.03 45.79
C THR C 254 7.78 -11.37 46.42
N LEU C 255 7.55 -11.33 47.73
CA LEU C 255 6.99 -12.47 48.43
C LEU C 255 5.59 -12.06 48.86
N VAL C 256 4.57 -12.72 48.30
CA VAL C 256 3.17 -12.45 48.63
C VAL C 256 2.91 -13.28 49.91
N THR C 257 3.03 -12.62 51.08
CA THR C 257 3.01 -13.22 52.41
C THR C 257 1.63 -13.20 53.04
N CYS C 258 0.76 -12.39 52.50
CA CYS C 258 -0.62 -12.21 52.89
C CYS C 258 -1.30 -11.60 51.66
N ARG C 259 -2.62 -11.44 51.68
CA ARG C 259 -3.36 -10.88 50.56
C ARG C 259 -2.71 -9.57 50.02
N SER C 260 -2.67 -9.45 48.69
CA SER C 260 -2.13 -8.30 47.96
C SER C 260 -3.23 -7.78 47.07
N VAL C 261 -3.73 -6.59 47.42
CA VAL C 261 -4.91 -6.03 46.77
C VAL C 261 -4.61 -4.75 45.97
N GLY C 262 -5.29 -4.60 44.82
CA GLY C 262 -5.23 -3.42 43.95
C GLY C 262 -3.82 -3.01 43.54
N ILE C 263 -3.34 -1.87 44.05
CA ILE C 263 -1.96 -1.42 43.80
C ILE C 263 -0.98 -2.54 44.25
N GLY C 264 -1.30 -3.24 45.36
CA GLY C 264 -0.52 -4.36 45.87
C GLY C 264 -0.37 -5.47 44.85
N ALA C 265 -1.44 -5.79 44.09
CA ALA C 265 -1.44 -6.81 43.03
C ALA C 265 -0.58 -6.35 41.82
N TYR C 266 -0.67 -5.07 41.46
CA TYR C 266 0.12 -4.47 40.39
C TYR C 266 1.59 -4.44 40.69
N LEU C 267 1.97 -4.16 41.96
CA LEU C 267 3.35 -4.15 42.42
C LEU C 267 4.00 -5.53 42.32
N VAL C 268 3.19 -6.58 42.53
CA VAL C 268 3.64 -7.97 42.41
C VAL C 268 4.04 -8.20 40.94
N ARG C 269 3.17 -7.83 40.00
CA ARG C 269 3.46 -7.98 38.57
C ARG C 269 4.58 -7.07 38.11
N LEU C 270 4.57 -5.77 38.46
CA LEU C 270 5.58 -4.80 37.99
C LEU C 270 7.01 -5.12 38.41
N GLY C 271 7.16 -5.76 39.58
CA GLY C 271 8.45 -6.23 40.09
C GLY C 271 8.86 -7.54 39.43
N GLN C 272 7.91 -8.13 38.67
CA GLN C 272 8.00 -9.35 37.82
C GLN C 272 8.20 -10.63 38.59
N ARG C 273 9.29 -10.75 39.33
CA ARG C 273 9.63 -11.95 40.05
C ARG C 273 8.82 -12.06 41.33
N ALA C 274 8.01 -13.13 41.44
CA ALA C 274 7.07 -13.30 42.55
C ALA C 274 6.97 -14.72 43.08
N ILE C 275 6.95 -14.83 44.41
CA ILE C 275 6.78 -16.07 45.17
C ILE C 275 5.50 -15.90 45.98
N GLN C 276 4.52 -16.77 45.72
CA GLN C 276 3.23 -16.68 46.39
C GLN C 276 3.09 -17.75 47.48
N VAL C 277 2.84 -17.34 48.73
CA VAL C 277 2.64 -18.29 49.83
C VAL C 277 1.24 -18.89 49.61
N GLU C 278 1.12 -20.24 49.71
CA GLU C 278 -0.17 -20.92 49.51
C GLU C 278 -1.26 -20.39 50.44
N GLY C 279 -2.44 -20.17 49.87
CA GLY C 279 -3.58 -19.58 50.58
C GLY C 279 -3.56 -18.08 50.72
N GLN C 280 -2.56 -17.37 50.12
CA GLN C 280 -2.48 -15.90 50.18
C GLN C 280 -2.86 -15.33 48.80
N PRO C 281 -4.00 -14.62 48.64
CA PRO C 281 -4.38 -14.17 47.30
C PRO C 281 -3.77 -12.86 46.79
N ILE C 282 -3.64 -12.79 45.44
CA ILE C 282 -3.22 -11.60 44.69
C ILE C 282 -4.50 -11.18 43.95
N ILE C 283 -5.20 -10.14 44.43
CA ILE C 283 -6.47 -9.77 43.80
C ILE C 283 -6.57 -8.30 43.41
N LEU C 284 -7.49 -8.02 42.48
CA LEU C 284 -7.79 -6.66 42.07
C LEU C 284 -9.00 -6.21 42.87
N THR C 285 -10.16 -6.84 42.63
CA THR C 285 -11.38 -6.57 43.39
C THR C 285 -11.73 -7.86 44.12
N GLY C 286 -12.18 -7.73 45.37
CA GLY C 286 -12.62 -8.85 46.20
C GLY C 286 -13.89 -9.50 45.66
N ALA C 287 -14.08 -10.77 45.99
CA ALA C 287 -15.23 -11.59 45.62
C ALA C 287 -16.58 -10.93 45.98
N SER C 288 -16.71 -10.40 47.22
CA SER C 288 -17.98 -9.79 47.65
C SER C 288 -18.33 -8.56 46.82
N ALA C 289 -17.35 -7.69 46.51
CA ALA C 289 -17.59 -6.51 45.65
C ALA C 289 -17.98 -6.91 44.24
N LEU C 290 -17.38 -8.00 43.73
CA LEU C 290 -17.69 -8.54 42.40
C LEU C 290 -19.12 -9.08 42.39
N ASN C 291 -19.52 -9.72 43.50
CA ASN C 291 -20.87 -10.25 43.71
C ASN C 291 -21.93 -9.14 43.71
N LYS C 292 -21.64 -7.99 44.36
CA LYS C 292 -22.54 -6.82 44.36
C LYS C 292 -22.76 -6.30 42.94
N VAL C 293 -21.67 -6.16 42.15
CA VAL C 293 -21.70 -5.67 40.75
C VAL C 293 -22.40 -6.67 39.82
N LEU C 294 -22.24 -7.98 40.06
CA LEU C 294 -22.86 -9.02 39.24
C LEU C 294 -24.33 -9.33 39.65
N GLY C 295 -24.72 -8.88 40.84
CA GLY C 295 -26.05 -9.03 41.41
C GLY C 295 -26.45 -10.47 41.69
N ARG C 296 -25.45 -11.31 42.00
CA ARG C 296 -25.58 -12.75 42.28
C ARG C 296 -24.40 -13.13 43.15
N GLU C 297 -24.51 -14.22 43.92
CA GLU C 297 -23.38 -14.69 44.72
C GLU C 297 -22.63 -15.71 43.85
N VAL C 298 -21.81 -15.21 42.91
CA VAL C 298 -21.07 -16.06 41.97
C VAL C 298 -19.73 -16.53 42.58
N TYR C 299 -19.03 -15.70 43.41
CA TYR C 299 -17.77 -16.12 44.03
C TYR C 299 -17.89 -16.35 45.52
N THR C 300 -17.28 -17.44 45.99
CA THR C 300 -17.27 -17.86 47.38
C THR C 300 -16.07 -17.32 48.15
N SER C 301 -14.89 -17.22 47.49
CA SER C 301 -13.68 -16.69 48.14
C SER C 301 -12.76 -15.88 47.22
N ASN C 302 -11.84 -15.12 47.82
CA ASN C 302 -10.81 -14.36 47.12
C ASN C 302 -9.78 -15.28 46.51
N LEU C 303 -9.62 -16.50 47.05
CA LEU C 303 -8.71 -17.53 46.52
C LEU C 303 -9.15 -18.04 45.17
N GLN C 304 -10.44 -17.98 44.87
CA GLN C 304 -10.95 -18.39 43.55
C GLN C 304 -10.46 -17.41 42.47
N LEU C 305 -10.27 -16.14 42.86
CA LEU C 305 -9.85 -15.04 42.00
C LEU C 305 -8.32 -14.90 41.87
N GLY C 306 -7.61 -15.00 43.00
CA GLY C 306 -6.17 -14.80 42.99
C GLY C 306 -5.30 -15.72 43.81
N GLY C 307 -5.75 -16.96 44.01
CA GLY C 307 -4.96 -17.98 44.71
C GLY C 307 -3.91 -18.54 43.78
N THR C 308 -3.01 -19.41 44.30
CA THR C 308 -1.92 -20.03 43.52
C THR C 308 -2.44 -20.83 42.33
N GLN C 309 -3.66 -21.36 42.42
CA GLN C 309 -4.25 -22.13 41.32
C GLN C 309 -4.63 -21.21 40.12
N ILE C 310 -4.58 -19.88 40.34
CA ILE C 310 -4.79 -18.87 39.31
C ILE C 310 -3.40 -18.32 38.91
N MET C 311 -2.71 -17.70 39.87
CA MET C 311 -1.48 -16.95 39.70
C MET C 311 -0.24 -17.80 39.39
N TYR C 312 -0.11 -18.97 39.99
CA TYR C 312 1.01 -19.85 39.69
C TYR C 312 0.77 -20.51 38.34
N ASN C 313 -0.49 -20.85 38.05
CA ASN C 313 -0.88 -21.45 36.78
C ASN C 313 -0.79 -20.52 35.57
N ASN C 314 -0.89 -19.17 35.78
CA ASN C 314 -0.87 -18.24 34.65
C ASN C 314 0.47 -17.51 34.49
N GLY C 315 1.42 -17.80 35.38
CA GLY C 315 2.75 -17.23 35.34
C GLY C 315 2.94 -15.92 36.06
N VAL C 316 1.95 -15.48 36.84
CA VAL C 316 2.11 -14.26 37.62
C VAL C 316 3.03 -14.59 38.81
N SER C 317 2.87 -15.80 39.34
CA SER C 317 3.73 -16.26 40.43
C SER C 317 4.72 -17.23 39.83
N HIS C 318 6.00 -16.92 39.98
CA HIS C 318 7.09 -17.73 39.45
C HIS C 318 7.23 -18.99 40.26
N LEU C 319 7.00 -18.87 41.55
CA LEU C 319 7.09 -19.96 42.53
C LEU C 319 5.99 -19.87 43.54
N THR C 320 5.80 -20.97 44.22
CA THR C 320 4.85 -21.18 45.30
C THR C 320 5.65 -21.57 46.57
N ALA C 321 5.18 -21.19 47.78
CA ALA C 321 5.83 -21.54 49.05
C ALA C 321 4.76 -21.99 50.09
N VAL C 322 5.08 -23.01 50.90
CA VAL C 322 4.13 -23.54 51.91
C VAL C 322 3.92 -22.58 53.04
N ASP C 323 4.97 -21.82 53.41
CA ASP C 323 4.93 -20.82 54.48
C ASP C 323 5.95 -19.68 54.21
N ASP C 324 5.99 -18.65 55.09
CA ASP C 324 6.87 -17.50 54.95
C ASP C 324 8.34 -17.86 54.91
N LEU C 325 8.80 -18.77 55.79
CA LEU C 325 10.19 -19.20 55.79
C LEU C 325 10.57 -19.92 54.49
N ALA C 326 9.67 -20.75 53.95
CA ALA C 326 9.92 -21.45 52.67
C ALA C 326 10.09 -20.40 51.53
N GLY C 327 9.29 -19.33 51.57
CA GLY C 327 9.31 -18.21 50.66
C GLY C 327 10.60 -17.41 50.72
N VAL C 328 11.03 -17.08 51.95
CA VAL C 328 12.28 -16.37 52.23
C VAL C 328 13.49 -17.20 51.77
N GLU C 329 13.43 -18.53 51.94
CA GLU C 329 14.47 -19.47 51.52
C GLU C 329 14.62 -19.44 50.00
N LYS C 330 13.46 -19.40 49.28
CA LYS C 330 13.42 -19.33 47.83
C LYS C 330 14.01 -18.00 47.30
N ILE C 331 13.76 -16.88 48.00
CA ILE C 331 14.33 -15.56 47.67
C ILE C 331 15.89 -15.62 47.72
N VAL C 332 16.39 -16.08 48.85
CA VAL C 332 17.81 -16.25 49.18
C VAL C 332 18.50 -17.17 48.15
N GLU C 333 17.82 -18.27 47.77
CA GLU C 333 18.30 -19.20 46.76
C GLU C 333 18.31 -18.55 45.36
N TRP C 334 17.27 -17.79 45.00
CA TRP C 334 17.18 -17.09 43.73
C TRP C 334 18.31 -16.06 43.64
N MET C 335 18.54 -15.33 44.73
CA MET C 335 19.59 -14.30 44.84
C MET C 335 21.01 -14.85 44.73
N SER C 336 21.22 -16.15 45.02
CA SER C 336 22.54 -16.75 44.96
C SER C 336 23.10 -16.79 43.54
N TYR C 337 22.25 -16.59 42.50
CA TYR C 337 22.65 -16.56 41.09
C TYR C 337 22.87 -15.16 40.58
N VAL C 338 22.45 -14.16 41.36
CA VAL C 338 22.41 -12.74 41.01
C VAL C 338 23.63 -11.94 41.52
N PRO C 339 24.23 -11.02 40.72
CA PRO C 339 25.33 -10.18 41.24
C PRO C 339 24.95 -9.42 42.51
N ALA C 340 25.93 -9.06 43.37
CA ALA C 340 25.71 -8.34 44.63
C ALA C 340 25.03 -6.97 44.43
N LYS C 341 25.33 -6.34 43.29
CA LYS C 341 24.78 -5.06 42.88
C LYS C 341 24.90 -4.93 41.36
N ARG C 342 24.12 -4.04 40.76
CA ARG C 342 24.12 -3.74 39.33
C ARG C 342 25.53 -3.50 38.80
N ASN C 343 25.83 -4.17 37.67
CA ASN C 343 27.06 -4.16 36.89
C ASN C 343 28.22 -4.85 37.57
N MET C 344 27.99 -5.53 38.67
CA MET C 344 29.05 -6.32 39.26
C MET C 344 29.08 -7.66 38.50
N PRO C 345 30.20 -8.39 38.45
CA PRO C 345 30.19 -9.66 37.68
C PRO C 345 29.25 -10.70 38.27
N VAL C 346 28.80 -11.67 37.47
CA VAL C 346 27.94 -12.76 37.97
C VAL C 346 28.68 -13.58 39.04
N PRO C 347 28.02 -13.98 40.15
CA PRO C 347 28.76 -14.62 41.25
C PRO C 347 29.16 -16.08 41.00
N ILE C 348 30.46 -16.32 40.80
CA ILE C 348 30.97 -17.68 40.60
C ILE C 348 30.89 -18.46 41.91
N LEU C 349 30.39 -19.69 41.86
CA LEU C 349 30.31 -20.56 43.02
C LEU C 349 30.59 -22.00 42.61
N GLU C 350 31.88 -22.35 42.63
CA GLU C 350 32.31 -23.71 42.32
C GLU C 350 31.89 -24.63 43.48
N THR C 351 31.39 -25.80 43.12
CA THR C 351 30.98 -26.83 44.09
C THR C 351 31.80 -28.11 43.80
N LYS C 352 31.37 -29.28 44.32
CA LYS C 352 32.05 -30.56 44.12
C LYS C 352 32.05 -30.95 42.65
N ASP C 353 30.95 -30.65 41.95
CA ASP C 353 30.81 -30.97 40.54
C ASP C 353 31.59 -29.94 39.70
N THR C 354 32.86 -30.28 39.37
CA THR C 354 33.74 -29.39 38.60
C THR C 354 33.48 -29.51 37.10
N TRP C 355 34.04 -28.56 36.31
CA TRP C 355 33.90 -28.50 34.86
C TRP C 355 34.44 -29.68 34.11
N ASP C 356 35.51 -30.30 34.64
CA ASP C 356 36.28 -31.32 33.95
C ASP C 356 35.73 -32.70 34.13
N ARG C 357 34.71 -33.00 33.33
CA ARG C 357 34.01 -34.28 33.32
C ARG C 357 33.16 -34.37 32.06
N PRO C 358 32.88 -35.61 31.56
CA PRO C 358 31.95 -35.71 30.43
C PRO C 358 30.49 -35.55 30.88
N VAL C 359 29.55 -35.41 29.94
CA VAL C 359 28.12 -35.34 30.26
C VAL C 359 27.62 -36.80 30.14
N ASP C 360 27.04 -37.34 31.22
CA ASP C 360 26.54 -38.72 31.28
C ASP C 360 25.19 -38.93 30.62
N PHE C 361 24.11 -38.31 31.15
CA PHE C 361 22.78 -38.51 30.56
C PHE C 361 22.74 -38.08 29.10
N THR C 362 22.37 -39.02 28.21
CA THR C 362 22.27 -38.72 26.78
C THR C 362 20.87 -39.03 26.27
N PRO C 363 20.18 -38.07 25.61
CA PRO C 363 18.85 -38.39 25.07
C PRO C 363 18.97 -39.29 23.83
N THR C 364 17.98 -40.18 23.63
CA THR C 364 17.94 -41.04 22.44
C THR C 364 16.61 -40.79 21.76
N ASN C 365 16.54 -41.01 20.43
CA ASN C 365 15.31 -40.78 19.67
C ASN C 365 14.18 -41.79 20.02
N ASP C 366 14.57 -42.99 20.45
CA ASP C 366 13.64 -44.07 20.84
C ASP C 366 12.95 -43.79 22.20
N GLU C 367 13.74 -43.57 23.26
CA GLU C 367 13.27 -43.33 24.64
C GLU C 367 12.80 -41.88 24.93
N THR C 368 11.66 -41.76 25.64
CA THR C 368 11.10 -40.50 26.12
C THR C 368 12.00 -40.03 27.26
N TYR C 369 12.33 -38.73 27.28
CA TYR C 369 13.17 -38.18 28.34
C TYR C 369 12.58 -36.89 28.92
N ASP C 370 13.00 -36.56 30.14
CA ASP C 370 12.69 -35.29 30.80
C ASP C 370 13.91 -34.40 30.54
N VAL C 371 13.70 -33.23 29.88
CA VAL C 371 14.79 -32.28 29.56
C VAL C 371 15.62 -31.91 30.79
N ARG C 372 15.01 -31.96 31.99
CA ARG C 372 15.69 -31.67 33.26
C ARG C 372 16.85 -32.62 33.51
N TRP C 373 16.80 -33.85 32.95
CA TRP C 373 17.88 -34.84 33.08
C TRP C 373 19.09 -34.36 32.30
N MET C 374 18.87 -33.78 31.10
CA MET C 374 19.94 -33.22 30.30
C MET C 374 20.59 -32.01 31.00
N ILE C 375 19.78 -31.22 31.72
CA ILE C 375 20.20 -30.01 32.41
C ILE C 375 20.96 -30.34 33.71
N GLU C 376 20.28 -31.03 34.63
CA GLU C 376 20.79 -31.29 35.97
C GLU C 376 21.22 -32.74 36.27
N GLY C 377 20.97 -33.64 35.32
CA GLY C 377 21.27 -35.06 35.48
C GLY C 377 20.13 -35.82 36.14
N ARG C 378 20.30 -37.14 36.31
CA ARG C 378 19.29 -37.96 36.99
C ARG C 378 19.86 -39.10 37.81
N GLU C 379 19.13 -39.45 38.87
CA GLU C 379 19.46 -40.58 39.72
C GLU C 379 18.94 -41.86 39.05
N THR C 380 19.84 -42.86 38.90
CA THR C 380 19.56 -44.19 38.34
C THR C 380 20.07 -45.24 39.35
N GLU C 381 19.63 -46.51 39.23
CA GLU C 381 20.06 -47.58 40.14
C GLU C 381 21.58 -47.78 40.15
N SER C 382 22.24 -47.56 38.99
CA SER C 382 23.67 -47.68 38.78
C SER C 382 24.47 -46.43 39.20
N GLY C 383 23.80 -45.48 39.86
CA GLY C 383 24.37 -44.21 40.31
C GLY C 383 23.78 -42.98 39.63
N PHE C 384 24.37 -41.82 39.90
CA PHE C 384 23.93 -40.56 39.32
C PHE C 384 24.54 -40.32 37.95
N GLU C 385 23.67 -40.06 36.94
CA GLU C 385 24.08 -39.70 35.58
C GLU C 385 24.09 -38.17 35.55
N TYR C 386 25.28 -37.57 35.44
CA TYR C 386 25.47 -36.12 35.38
C TYR C 386 24.94 -35.51 34.09
N GLY C 387 24.31 -34.33 34.23
CA GLY C 387 23.81 -33.55 33.11
C GLY C 387 24.85 -32.51 32.72
N LEU C 388 24.43 -31.55 31.86
CA LEU C 388 25.31 -30.49 31.33
C LEU C 388 25.74 -29.51 32.45
N PHE C 389 24.84 -29.23 33.39
CA PHE C 389 25.11 -28.26 34.43
C PHE C 389 25.47 -28.92 35.76
N ASP C 390 25.98 -28.14 36.71
CA ASP C 390 26.39 -28.61 38.03
C ASP C 390 25.27 -29.33 38.75
N LYS C 391 25.57 -30.47 39.37
CA LYS C 391 24.66 -31.28 40.17
C LYS C 391 24.09 -30.40 41.28
N GLY C 392 22.76 -30.40 41.39
CA GLY C 392 22.01 -29.61 42.37
C GLY C 392 21.92 -28.13 42.12
N SER C 393 22.36 -27.64 40.93
CA SER C 393 22.38 -26.21 40.65
C SER C 393 21.14 -25.68 39.93
N PHE C 394 20.28 -26.56 39.39
CA PHE C 394 19.10 -26.13 38.67
C PHE C 394 17.99 -25.64 39.58
N PHE C 395 17.64 -24.36 39.43
CA PHE C 395 16.60 -23.66 40.16
C PHE C 395 15.50 -23.25 39.13
N GLU C 396 14.48 -24.10 38.98
CA GLU C 396 13.38 -23.90 38.04
C GLU C 396 12.42 -22.82 38.50
N THR C 397 11.99 -21.93 37.56
CA THR C 397 11.05 -20.86 37.89
C THR C 397 9.96 -20.90 36.85
N LEU C 398 8.79 -20.29 37.15
CA LEU C 398 7.60 -20.27 36.27
C LEU C 398 7.18 -21.70 35.93
N SER C 399 7.34 -22.58 36.92
CA SER C 399 7.10 -24.02 36.84
C SER C 399 5.62 -24.40 36.79
N GLY C 400 4.72 -23.49 37.14
CA GLY C 400 3.29 -23.81 37.10
C GLY C 400 2.58 -23.45 35.80
N TRP C 401 3.29 -22.73 34.93
CA TRP C 401 2.76 -22.17 33.70
C TRP C 401 3.53 -22.60 32.49
N ALA C 402 2.80 -22.80 31.36
CA ALA C 402 3.35 -23.14 30.05
C ALA C 402 4.51 -24.16 30.16
N LYS C 403 4.18 -25.33 30.68
CA LYS C 403 5.12 -26.43 31.00
C LYS C 403 5.83 -27.04 29.77
N GLY C 404 5.49 -26.60 28.56
CA GLY C 404 6.16 -27.01 27.32
C GLY C 404 7.57 -26.43 27.19
N VAL C 405 7.86 -25.40 28.00
CA VAL C 405 9.17 -24.79 28.05
C VAL C 405 9.65 -24.81 29.51
N VAL C 406 10.91 -25.20 29.70
CA VAL C 406 11.49 -25.32 31.03
C VAL C 406 12.49 -24.20 31.21
N VAL C 407 12.27 -23.34 32.22
CA VAL C 407 13.13 -22.19 32.49
C VAL C 407 13.67 -22.24 33.90
N GLY C 408 14.91 -21.85 34.06
CA GLY C 408 15.50 -21.77 35.39
C GLY C 408 16.89 -21.21 35.38
N ARG C 409 17.51 -21.16 36.56
CA ARG C 409 18.89 -20.76 36.73
C ARG C 409 19.70 -22.05 36.99
N ALA C 410 20.94 -22.09 36.53
CA ALA C 410 21.82 -23.22 36.77
C ALA C 410 23.26 -22.68 36.90
N ARG C 411 24.24 -23.57 37.15
CA ARG C 411 25.66 -23.22 37.24
C ARG C 411 26.43 -24.17 36.36
N LEU C 412 27.38 -23.64 35.61
CA LEU C 412 28.23 -24.39 34.72
C LEU C 412 29.65 -24.20 35.24
N GLY C 413 30.17 -25.20 35.96
CA GLY C 413 31.47 -25.12 36.63
C GLY C 413 31.53 -23.96 37.61
N GLY C 414 30.37 -23.61 38.18
CA GLY C 414 30.25 -22.48 39.09
C GLY C 414 29.72 -21.19 38.47
N ILE C 415 29.72 -21.08 37.12
CA ILE C 415 29.25 -19.86 36.47
C ILE C 415 27.71 -19.87 36.46
N PRO C 416 27.01 -18.88 37.10
CA PRO C 416 25.53 -18.88 37.03
C PRO C 416 25.06 -18.40 35.64
N LEU C 417 23.90 -18.93 35.23
CA LEU C 417 23.32 -18.59 33.94
C LEU C 417 21.85 -18.97 33.93
N GLY C 418 21.09 -18.32 33.07
CA GLY C 418 19.70 -18.68 32.83
C GLY C 418 19.67 -19.81 31.80
N VAL C 419 18.77 -20.75 31.96
CA VAL C 419 18.64 -21.89 31.04
C VAL C 419 17.22 -21.99 30.53
N ILE C 420 17.07 -22.23 29.24
CA ILE C 420 15.79 -22.48 28.61
C ILE C 420 15.92 -23.81 27.88
N GLY C 421 15.03 -24.73 28.21
CA GLY C 421 14.94 -26.06 27.61
C GLY C 421 13.54 -26.37 27.12
N VAL C 422 13.42 -27.37 26.25
CA VAL C 422 12.15 -27.76 25.64
C VAL C 422 11.64 -29.06 26.19
N GLU C 423 10.44 -29.05 26.77
CA GLU C 423 9.77 -30.24 27.26
C GLU C 423 9.27 -31.02 26.00
N THR C 424 9.79 -32.24 25.81
CA THR C 424 9.46 -33.10 24.66
C THR C 424 8.11 -33.81 24.83
N ARG C 425 7.68 -34.05 26.07
CA ARG C 425 6.42 -34.70 26.41
C ARG C 425 5.22 -33.77 26.18
N THR C 426 4.05 -34.35 25.82
CA THR C 426 2.80 -33.61 25.61
C THR C 426 2.36 -32.99 26.93
N VAL C 427 1.94 -31.73 26.89
CA VAL C 427 1.55 -30.98 28.08
C VAL C 427 0.06 -30.73 28.06
N GLU C 428 -0.59 -31.01 29.20
CA GLU C 428 -2.02 -30.78 29.41
C GLU C 428 -2.18 -29.71 30.47
N ASN C 429 -3.02 -28.72 30.18
CA ASN C 429 -3.36 -27.68 31.13
C ASN C 429 -4.87 -27.56 31.19
N LEU C 430 -5.40 -27.34 32.39
CA LEU C 430 -6.83 -27.29 32.57
C LEU C 430 -7.33 -25.87 32.78
N ILE C 431 -8.14 -25.39 31.82
CA ILE C 431 -8.74 -24.07 31.95
C ILE C 431 -9.93 -24.25 32.89
N PRO C 432 -9.97 -23.53 34.03
CA PRO C 432 -11.11 -23.70 34.96
C PRO C 432 -12.41 -23.12 34.39
N ALA C 433 -13.55 -23.69 34.85
CA ALA C 433 -14.89 -23.23 34.45
C ALA C 433 -15.13 -21.84 35.06
N ASP C 434 -15.62 -20.88 34.25
CA ASP C 434 -15.94 -19.51 34.69
C ASP C 434 -17.16 -19.52 35.65
N PRO C 435 -17.03 -19.16 36.95
CA PRO C 435 -18.21 -19.16 37.84
C PRO C 435 -19.30 -18.17 37.45
N ALA C 436 -18.92 -17.09 36.74
CA ALA C 436 -19.82 -16.04 36.26
C ALA C 436 -20.70 -16.49 35.07
N ASN C 437 -20.32 -17.58 34.38
CA ASN C 437 -21.10 -18.10 33.26
C ASN C 437 -21.67 -19.49 33.58
N PRO C 438 -23.01 -19.67 33.50
CA PRO C 438 -23.60 -20.99 33.82
C PRO C 438 -23.37 -22.04 32.72
N ASN C 439 -23.18 -21.59 31.47
CA ASN C 439 -22.93 -22.40 30.28
C ASN C 439 -21.40 -22.64 30.08
N SER C 440 -20.62 -22.59 31.19
CA SER C 440 -19.17 -22.76 31.18
C SER C 440 -18.74 -23.97 32.00
N ALA C 441 -17.95 -24.85 31.36
CA ALA C 441 -17.37 -26.06 31.94
C ALA C 441 -15.85 -26.03 31.73
N GLU C 442 -15.11 -26.72 32.61
CA GLU C 442 -13.65 -26.79 32.52
C GLU C 442 -13.18 -27.46 31.21
N THR C 443 -12.18 -26.84 30.55
CA THR C 443 -11.58 -27.30 29.30
C THR C 443 -10.20 -27.86 29.58
N LEU C 444 -9.83 -28.92 28.86
CA LEU C 444 -8.51 -29.50 28.95
C LEU C 444 -7.82 -29.20 27.62
N ILE C 445 -6.66 -28.55 27.69
CA ILE C 445 -5.89 -28.22 26.50
C ILE C 445 -4.68 -29.10 26.46
N GLN C 446 -4.47 -29.73 25.33
CA GLN C 446 -3.30 -30.55 25.10
C GLN C 446 -2.41 -29.80 24.11
N GLN C 447 -1.10 -29.77 24.38
CA GLN C 447 -0.13 -29.10 23.52
C GLN C 447 1.02 -30.04 23.23
N ALA C 448 1.27 -30.28 21.95
CA ALA C 448 2.35 -31.17 21.52
C ALA C 448 3.72 -30.61 21.93
N GLY C 449 4.66 -31.49 22.29
CA GLY C 449 6.01 -31.12 22.67
C GLY C 449 6.77 -30.60 21.46
N GLN C 450 7.81 -29.80 21.72
CA GLN C 450 8.70 -29.21 20.71
C GLN C 450 8.02 -28.24 19.74
N VAL C 451 6.87 -27.69 20.12
CA VAL C 451 6.10 -26.73 19.34
C VAL C 451 5.88 -25.53 20.26
N TRP C 452 6.16 -24.32 19.76
CA TRP C 452 5.93 -23.11 20.53
C TRP C 452 4.48 -22.73 20.39
N PHE C 453 3.78 -22.60 21.52
CA PHE C 453 2.39 -22.17 21.55
C PHE C 453 2.37 -20.74 22.12
N PRO C 454 1.24 -19.99 22.04
CA PRO C 454 1.24 -18.64 22.63
C PRO C 454 1.80 -18.54 24.05
N ASN C 455 1.37 -19.43 24.99
CA ASN C 455 1.79 -19.38 26.39
C ASN C 455 3.29 -19.71 26.57
N SER C 456 3.81 -20.72 25.85
CA SER C 456 5.23 -21.11 25.94
C SER C 456 6.16 -20.11 25.21
N ALA C 457 5.67 -19.43 24.16
CA ALA C 457 6.42 -18.38 23.48
C ALA C 457 6.49 -17.15 24.45
N PHE C 458 5.40 -16.84 25.15
CA PHE C 458 5.33 -15.77 26.15
C PHE C 458 6.30 -16.07 27.31
N LYS C 459 6.27 -17.31 27.85
CA LYS C 459 7.15 -17.76 28.91
C LYS C 459 8.63 -17.64 28.52
N THR C 460 8.99 -18.04 27.27
CA THR C 460 10.33 -17.90 26.72
C THR C 460 10.80 -16.43 26.70
N ALA C 461 10.00 -15.51 26.16
CA ALA C 461 10.30 -14.07 26.11
C ALA C 461 10.49 -13.52 27.55
N GLN C 462 9.56 -13.87 28.45
CA GLN C 462 9.57 -13.50 29.86
C GLN C 462 10.83 -13.94 30.53
N ALA C 463 11.23 -15.23 30.36
CA ALA C 463 12.47 -15.79 30.89
C ALA C 463 13.68 -14.99 30.40
N ILE C 464 13.79 -14.72 29.09
CA ILE C 464 14.87 -13.96 28.50
C ILE C 464 14.96 -12.57 29.17
N ASN C 465 13.82 -11.90 29.30
CA ASN C 465 13.78 -10.58 29.92
C ASN C 465 14.17 -10.59 31.39
N ASP C 466 13.71 -11.59 32.17
CA ASP C 466 14.02 -11.73 33.59
C ASP C 466 15.47 -12.11 33.86
N PHE C 467 16.15 -12.84 32.96
CA PHE C 467 17.57 -13.14 33.11
C PHE C 467 18.38 -11.89 32.81
N ASN C 468 17.92 -11.07 31.87
CA ASN C 468 18.62 -9.90 31.38
C ASN C 468 18.52 -8.73 32.39
N ASN C 469 17.30 -8.35 32.71
CA ASN C 469 17.03 -7.24 33.64
C ASN C 469 17.24 -7.68 35.06
N GLY C 470 18.00 -6.89 35.80
CA GLY C 470 18.28 -7.14 37.22
C GLY C 470 19.20 -8.28 37.53
N GLU C 471 18.89 -9.48 37.02
CA GLU C 471 19.73 -10.67 37.20
C GLU C 471 21.06 -10.55 36.45
N GLN C 472 21.06 -9.87 35.24
CA GLN C 472 22.24 -9.65 34.38
C GLN C 472 23.07 -10.89 34.14
N LEU C 473 22.37 -11.99 33.87
CA LEU C 473 22.92 -13.30 33.57
C LEU C 473 23.22 -13.62 32.12
N PRO C 474 24.27 -14.45 31.88
CA PRO C 474 24.41 -15.06 30.55
C PRO C 474 23.28 -16.12 30.44
N MET C 475 23.05 -16.59 29.22
CA MET C 475 21.94 -17.51 29.02
C MET C 475 22.31 -18.59 28.05
N MET C 476 21.75 -19.77 28.28
CA MET C 476 21.84 -20.86 27.31
C MET C 476 20.44 -21.34 26.94
N ILE C 477 20.19 -21.43 25.64
CA ILE C 477 18.93 -21.97 25.14
C ILE C 477 19.27 -23.31 24.49
N LEU C 478 18.71 -24.42 25.03
CA LEU C 478 18.86 -25.76 24.44
C LEU C 478 17.72 -25.87 23.44
N ALA C 479 17.87 -25.19 22.30
CA ALA C 479 16.89 -25.01 21.22
C ALA C 479 16.47 -26.34 20.59
N ASN C 480 15.19 -26.67 20.74
CA ASN C 480 14.65 -27.91 20.25
C ASN C 480 13.16 -27.73 19.90
N TRP C 481 12.87 -26.89 18.91
CA TRP C 481 11.50 -26.61 18.49
C TRP C 481 11.33 -26.88 17.04
N ARG C 482 10.22 -27.50 16.68
CA ARG C 482 9.83 -27.83 15.30
C ARG C 482 9.31 -26.57 14.62
N GLY C 483 8.81 -25.64 15.43
CA GLY C 483 8.28 -24.36 14.99
C GLY C 483 7.20 -23.85 15.93
N PHE C 484 6.45 -22.87 15.45
CA PHE C 484 5.33 -22.28 16.19
C PHE C 484 4.06 -23.02 15.76
N SER C 485 3.06 -23.06 16.61
CA SER C 485 1.78 -23.66 16.23
C SER C 485 1.04 -22.71 15.27
N GLY C 486 0.94 -23.09 14.00
CA GLY C 486 0.30 -22.31 12.95
C GLY C 486 -1.18 -22.56 12.77
N GLY C 487 -1.75 -23.37 13.67
CA GLY C 487 -3.17 -23.73 13.68
C GLY C 487 -4.09 -22.57 13.97
N GLN C 488 -5.37 -22.68 13.59
CA GLN C 488 -6.35 -21.60 13.74
C GLN C 488 -6.46 -21.05 15.15
N ARG C 489 -6.61 -21.92 16.17
CA ARG C 489 -6.79 -21.49 17.56
C ARG C 489 -5.57 -20.70 18.06
N ASP C 490 -4.36 -21.21 17.81
CA ASP C 490 -3.12 -20.55 18.23
C ASP C 490 -2.84 -19.26 17.43
N MET C 491 -3.26 -19.19 16.15
CA MET C 491 -3.14 -17.99 15.33
C MET C 491 -4.10 -16.92 15.83
N PHE C 492 -5.33 -17.33 16.17
CA PHE C 492 -6.33 -16.46 16.76
C PHE C 492 -5.85 -15.98 18.11
N ASN C 493 -5.24 -16.87 18.92
CA ASN C 493 -4.69 -16.55 20.26
C ASN C 493 -3.33 -15.82 20.22
N GLU C 494 -2.98 -15.27 19.05
CA GLU C 494 -1.91 -14.34 18.79
C GLU C 494 -0.48 -14.88 18.98
N VAL C 495 -0.21 -16.11 18.52
CA VAL C 495 1.10 -16.71 18.60
C VAL C 495 2.20 -15.81 17.95
N LEU C 496 1.86 -15.03 16.88
CA LEU C 496 2.78 -14.12 16.19
C LEU C 496 3.28 -12.99 17.10
N LYS C 497 2.39 -12.48 17.98
CA LYS C 497 2.70 -11.43 18.93
C LYS C 497 3.72 -11.91 19.95
N TYR C 498 3.49 -13.12 20.50
CA TYR C 498 4.33 -13.73 21.53
C TYR C 498 5.65 -14.18 20.99
N GLY C 499 5.64 -14.68 19.74
CA GLY C 499 6.85 -15.07 19.04
C GLY C 499 7.74 -13.85 18.81
N SER C 500 7.14 -12.72 18.45
CA SER C 500 7.84 -11.45 18.23
C SER C 500 8.47 -10.89 19.51
N PHE C 501 7.85 -11.14 20.68
CA PHE C 501 8.40 -10.73 21.97
C PHE C 501 9.76 -11.41 22.20
N ILE C 502 9.96 -12.66 21.69
CA ILE C 502 11.21 -13.42 21.82
C ILE C 502 12.33 -12.66 21.14
N VAL C 503 12.07 -12.22 19.88
CA VAL C 503 13.00 -11.43 19.07
C VAL C 503 13.37 -10.16 19.81
N ASP C 504 12.36 -9.42 20.30
CA ASP C 504 12.58 -8.17 21.03
C ASP C 504 13.40 -8.39 22.30
N ALA C 505 13.17 -9.52 23.02
CA ALA C 505 13.88 -9.86 24.26
C ALA C 505 15.38 -10.16 23.97
N LEU C 506 15.68 -10.82 22.83
CA LEU C 506 17.05 -11.13 22.38
C LEU C 506 17.80 -9.89 21.91
N VAL C 507 17.12 -8.98 21.17
CA VAL C 507 17.69 -7.71 20.70
C VAL C 507 18.21 -6.89 21.92
N ASP C 508 17.48 -6.95 23.04
CA ASP C 508 17.80 -6.22 24.26
C ASP C 508 18.85 -6.89 25.23
N TYR C 509 19.21 -8.16 24.97
CA TYR C 509 20.10 -8.96 25.80
C TYR C 509 21.51 -8.39 25.89
N LYS C 510 22.03 -8.18 27.12
CA LYS C 510 23.33 -7.53 27.29
C LYS C 510 24.47 -8.43 27.80
N GLN C 511 24.24 -9.73 27.91
CA GLN C 511 25.24 -10.68 28.40
C GLN C 511 25.37 -11.79 27.39
N PRO C 512 26.48 -12.60 27.40
CA PRO C 512 26.60 -13.69 26.42
C PRO C 512 25.41 -14.66 26.38
N ILE C 513 25.11 -15.17 25.19
CA ILE C 513 24.04 -16.13 24.95
C ILE C 513 24.63 -17.24 24.18
N ILE C 514 24.23 -18.45 24.50
CA ILE C 514 24.63 -19.64 23.74
C ILE C 514 23.35 -20.31 23.30
N ILE C 515 23.21 -20.50 22.01
CA ILE C 515 22.10 -21.29 21.43
C ILE C 515 22.74 -22.60 21.05
N TYR C 516 22.21 -23.70 21.57
CA TYR C 516 22.74 -25.03 21.30
C TYR C 516 21.63 -25.99 20.88
N ILE C 517 21.64 -26.50 19.64
CA ILE C 517 20.65 -27.53 19.24
C ILE C 517 21.22 -28.85 19.83
N PRO C 518 20.57 -29.44 20.85
CA PRO C 518 21.17 -30.62 21.49
C PRO C 518 21.04 -31.96 20.70
N PRO C 519 21.69 -33.08 21.14
CA PRO C 519 21.49 -34.37 20.43
C PRO C 519 20.00 -34.72 20.44
N THR C 520 19.48 -35.25 19.30
CA THR C 520 18.06 -35.60 19.07
C THR C 520 17.22 -34.33 18.88
N GLY C 521 17.85 -33.18 18.93
CA GLY C 521 17.18 -31.90 18.82
C GLY C 521 17.00 -31.40 17.42
N GLU C 522 16.11 -30.45 17.26
CA GLU C 522 15.85 -29.84 15.96
C GLU C 522 15.51 -28.38 16.05
N LEU C 523 15.78 -27.69 14.98
CA LEU C 523 15.40 -26.31 14.86
C LEU C 523 14.95 -26.15 13.43
N ARG C 524 13.66 -25.82 13.21
CA ARG C 524 13.08 -25.67 11.86
C ARG C 524 12.72 -24.23 11.54
N GLY C 525 12.25 -23.99 10.32
CA GLY C 525 11.84 -22.69 9.79
C GLY C 525 11.45 -21.60 10.77
N GLY C 526 10.29 -21.74 11.36
CA GLY C 526 9.75 -20.76 12.31
C GLY C 526 10.53 -20.59 13.58
N SER C 527 11.00 -21.69 14.15
CA SER C 527 11.74 -21.68 15.40
C SER C 527 13.16 -21.14 15.26
N TRP C 528 13.84 -21.39 14.12
CA TRP C 528 15.20 -20.89 13.89
C TRP C 528 15.21 -19.36 13.81
N VAL C 529 14.27 -18.77 13.04
CA VAL C 529 14.17 -17.33 12.83
C VAL C 529 14.22 -16.53 14.17
N VAL C 530 13.50 -16.96 15.23
CA VAL C 530 13.44 -16.20 16.48
C VAL C 530 14.65 -16.43 17.38
N VAL C 531 15.56 -17.40 17.06
CA VAL C 531 16.76 -17.62 17.89
C VAL C 531 18.06 -17.47 17.13
N ASP C 532 18.04 -17.03 15.87
CA ASP C 532 19.25 -16.90 15.07
C ASP C 532 20.24 -15.89 15.69
N PRO C 533 21.56 -16.21 15.78
CA PRO C 533 22.51 -15.23 16.38
C PRO C 533 22.65 -13.89 15.65
N THR C 534 22.14 -13.75 14.43
CA THR C 534 22.19 -12.45 13.73
C THR C 534 21.18 -11.44 14.30
N ILE C 535 20.24 -11.91 15.14
CA ILE C 535 19.30 -11.04 15.85
C ILE C 535 20.10 -10.12 16.80
N ASN C 536 21.15 -10.68 17.45
CA ASN C 536 22.02 -9.96 18.35
C ASN C 536 23.42 -10.55 18.24
N ALA C 537 24.13 -10.17 17.17
CA ALA C 537 25.48 -10.62 16.84
C ALA C 537 26.50 -10.32 17.94
N ASP C 538 26.34 -9.21 18.66
CA ASP C 538 27.22 -8.80 19.76
C ASP C 538 27.23 -9.78 20.92
N GLN C 539 26.09 -10.50 21.17
CA GLN C 539 25.94 -11.40 22.32
C GLN C 539 25.69 -12.87 22.01
N MET C 540 25.10 -13.18 20.84
CA MET C 540 24.64 -14.52 20.52
C MET C 540 25.58 -15.36 19.69
N GLU C 541 25.63 -16.67 20.02
CA GLU C 541 26.43 -17.68 19.32
C GLU C 541 25.59 -18.92 19.20
N MET C 542 25.68 -19.57 18.06
CA MET C 542 24.95 -20.81 17.86
C MET C 542 25.87 -22.02 17.64
N TYR C 543 25.48 -23.14 18.22
CA TYR C 543 26.17 -24.43 18.15
C TYR C 543 25.14 -25.50 17.88
N ALA C 544 25.55 -26.56 17.18
CA ALA C 544 24.65 -27.69 16.93
C ALA C 544 25.37 -28.96 17.24
N ASP C 545 24.68 -29.89 17.89
CA ASP C 545 25.23 -31.19 18.16
C ASP C 545 25.44 -31.94 16.83
N VAL C 546 26.34 -32.91 16.83
CA VAL C 546 26.60 -33.81 15.68
C VAL C 546 25.31 -34.59 15.34
N ASN C 547 24.47 -34.86 16.37
CA ASN C 547 23.19 -35.57 16.25
C ASN C 547 21.94 -34.66 16.28
N ALA C 548 22.11 -33.40 15.86
CA ALA C 548 21.02 -32.44 15.76
C ALA C 548 20.56 -32.32 14.29
N ARG C 549 19.37 -31.74 14.08
CA ARG C 549 18.86 -31.51 12.73
C ARG C 549 18.34 -30.08 12.60
N ALA C 550 18.47 -29.51 11.41
CA ALA C 550 17.94 -28.18 11.11
C ALA C 550 17.73 -27.99 9.60
N GLY C 551 16.59 -27.43 9.25
CA GLY C 551 16.25 -27.09 7.88
C GLY C 551 15.00 -26.23 7.87
N VAL C 552 14.65 -25.64 6.72
CA VAL C 552 13.43 -24.81 6.60
C VAL C 552 12.20 -25.67 7.01
N LEU C 553 12.05 -26.85 6.39
CA LEU C 553 10.94 -27.75 6.71
C LEU C 553 11.52 -29.03 7.25
N GLU C 554 10.64 -29.88 7.84
CA GLU C 554 11.00 -31.23 8.26
C GLU C 554 11.16 -32.07 6.94
N PRO C 555 11.87 -33.24 6.93
CA PRO C 555 12.08 -33.97 5.66
C PRO C 555 10.82 -34.26 4.85
N GLU C 556 9.69 -34.63 5.52
CA GLU C 556 8.39 -34.91 4.94
C GLU C 556 7.91 -33.70 4.15
N GLY C 557 8.14 -32.51 4.72
CA GLY C 557 7.78 -31.25 4.11
C GLY C 557 8.54 -30.95 2.84
N THR C 558 9.87 -31.09 2.89
CA THR C 558 10.74 -30.78 1.73
C THR C 558 10.57 -31.81 0.59
N VAL C 559 10.29 -33.10 0.88
CA VAL C 559 10.04 -34.09 -0.19
C VAL C 559 8.72 -33.72 -0.90
N GLU C 560 7.69 -33.33 -0.12
CA GLU C 560 6.38 -32.90 -0.60
C GLU C 560 6.46 -31.72 -1.60
N ILE C 561 7.48 -30.85 -1.50
CA ILE C 561 7.51 -29.73 -2.44
C ILE C 561 8.71 -29.83 -3.41
N LYS C 562 9.80 -30.52 -3.03
CA LYS C 562 11.01 -30.62 -3.85
C LYS C 562 11.33 -32.03 -4.45
N PHE C 563 10.74 -33.12 -3.93
CA PHE C 563 10.96 -34.49 -4.44
C PHE C 563 9.59 -35.17 -4.72
N ARG C 564 8.84 -34.61 -5.69
CA ARG C 564 7.49 -35.06 -6.09
C ARG C 564 7.50 -36.42 -6.86
N ARG C 565 6.31 -36.84 -7.37
CA ARG C 565 6.10 -38.10 -8.12
C ARG C 565 7.01 -38.22 -9.34
N GLU C 566 7.02 -37.18 -10.19
CA GLU C 566 7.87 -37.11 -11.39
C GLU C 566 9.35 -37.38 -11.07
N LYS C 567 9.90 -36.73 -10.03
CA LYS C 567 11.29 -36.90 -9.56
C LYS C 567 11.53 -38.31 -9.00
N LEU C 568 10.52 -38.90 -8.31
CA LEU C 568 10.58 -40.25 -7.76
C LEU C 568 10.62 -41.27 -8.90
N LEU C 569 9.78 -41.05 -9.95
CA LEU C 569 9.68 -41.90 -11.14
C LEU C 569 10.97 -41.88 -11.96
N ASP C 570 11.61 -40.70 -12.09
CA ASP C 570 12.90 -40.56 -12.78
C ASP C 570 13.99 -41.31 -12.00
N THR C 571 13.81 -41.46 -10.67
CA THR C 571 14.71 -42.15 -9.74
C THR C 571 14.43 -43.67 -9.77
N MET C 572 13.22 -44.08 -10.22
CA MET C 572 12.85 -45.50 -10.38
C MET C 572 13.77 -46.16 -11.43
N ASN C 573 14.20 -45.39 -12.48
CA ASN C 573 15.11 -45.72 -13.60
C ASN C 573 15.67 -47.16 -13.54
N LEU C 586 14.61 -53.08 -13.56
CA LEU C 586 13.27 -53.64 -13.70
C LEU C 586 12.27 -52.63 -14.24
N SER C 587 12.05 -51.50 -13.51
CA SER C 587 11.11 -50.42 -13.90
C SER C 587 11.62 -49.67 -15.15
N ASN C 588 12.97 -49.69 -15.37
CA ASN C 588 13.63 -49.08 -16.52
C ASN C 588 13.22 -49.78 -17.80
N LYS C 589 13.06 -51.13 -17.74
CA LYS C 589 12.64 -51.98 -18.85
C LYS C 589 11.21 -51.65 -19.27
N SER C 590 10.25 -51.62 -18.31
CA SER C 590 8.83 -51.30 -18.55
C SER C 590 8.63 -49.91 -19.19
N LEU C 591 9.42 -48.90 -18.76
CA LEU C 591 9.34 -47.55 -19.31
C LEU C 591 10.02 -47.48 -20.69
N ALA C 592 11.08 -48.31 -20.92
CA ALA C 592 11.81 -48.38 -22.19
C ALA C 592 10.93 -49.04 -23.26
N PRO C 593 10.31 -50.20 -22.92
CA PRO C 593 9.41 -50.96 -23.79
C PRO C 593 8.12 -50.19 -24.12
N GLU C 594 7.60 -49.36 -23.17
CA GLU C 594 6.41 -48.54 -23.37
C GLU C 594 6.71 -47.21 -24.09
N VAL C 595 7.96 -47.05 -24.59
CA VAL C 595 8.43 -45.86 -25.33
C VAL C 595 9.17 -46.28 -26.59
N HIS C 596 1.07 -52.65 -25.19
CA HIS C 596 0.84 -51.29 -24.72
C HIS C 596 -0.13 -51.23 -23.52
N GLN C 597 -1.18 -52.09 -23.51
CA GLN C 597 -2.19 -52.16 -22.44
C GLN C 597 -1.74 -53.04 -21.27
N GLN C 598 -0.98 -54.13 -21.56
CA GLN C 598 -0.44 -55.07 -20.56
C GLN C 598 0.89 -54.57 -19.98
N ILE C 599 1.48 -53.52 -20.60
CA ILE C 599 2.73 -52.88 -20.20
C ILE C 599 2.45 -51.70 -19.25
N SER C 600 1.39 -50.89 -19.54
CA SER C 600 0.96 -49.75 -18.74
C SER C 600 0.47 -50.17 -17.34
N LYS C 601 -0.10 -51.38 -17.24
CA LYS C 601 -0.58 -51.98 -15.98
C LYS C 601 0.58 -52.68 -15.26
N GLN C 602 1.64 -53.07 -16.01
CA GLN C 602 2.84 -53.73 -15.50
C GLN C 602 3.82 -52.71 -14.90
N LEU C 603 3.87 -51.48 -15.49
CA LEU C 603 4.70 -50.36 -15.01
C LEU C 603 4.09 -49.84 -13.70
N ALA C 604 2.74 -49.63 -13.70
CA ALA C 604 1.96 -49.19 -12.55
C ALA C 604 1.91 -50.24 -11.42
N ASP C 605 2.31 -51.50 -11.71
CA ASP C 605 2.37 -52.58 -10.73
C ASP C 605 3.66 -52.48 -9.90
N ARG C 606 4.81 -52.19 -10.57
CA ARG C 606 6.12 -52.00 -9.93
C ARG C 606 6.20 -50.62 -9.24
N GLU C 607 5.58 -49.57 -9.85
CA GLU C 607 5.54 -48.22 -9.28
C GLU C 607 4.83 -48.27 -7.93
N ARG C 608 3.67 -48.96 -7.84
CA ARG C 608 2.89 -49.11 -6.60
C ARG C 608 3.60 -49.99 -5.55
N GLU C 609 4.58 -50.80 -5.97
CA GLU C 609 5.34 -51.67 -5.08
C GLU C 609 6.60 -50.95 -4.55
N LEU C 610 7.28 -50.17 -5.44
CA LEU C 610 8.51 -49.44 -5.13
C LEU C 610 8.29 -48.11 -4.38
N LEU C 611 7.08 -47.52 -4.48
CA LEU C 611 6.72 -46.25 -3.87
C LEU C 611 7.00 -46.14 -2.35
N PRO C 612 6.64 -47.12 -1.46
CA PRO C 612 6.94 -46.94 -0.02
C PRO C 612 8.43 -46.86 0.34
N ILE C 613 9.29 -47.61 -0.38
CA ILE C 613 10.73 -47.60 -0.13
C ILE C 613 11.42 -46.43 -0.82
N TYR C 614 10.88 -45.99 -1.98
CA TYR C 614 11.43 -44.84 -2.72
C TYR C 614 11.06 -43.53 -2.00
N GLY C 615 9.99 -43.60 -1.19
CA GLY C 615 9.56 -42.52 -0.32
C GLY C 615 10.57 -42.35 0.79
N GLN C 616 11.05 -43.49 1.35
CA GLN C 616 12.07 -43.52 2.39
C GLN C 616 13.42 -43.02 1.88
N ILE C 617 13.73 -43.30 0.60
CA ILE C 617 14.96 -42.89 -0.07
C ILE C 617 15.01 -41.35 -0.17
N SER C 618 13.89 -40.74 -0.64
CA SER C 618 13.77 -39.29 -0.81
C SER C 618 13.82 -38.57 0.57
N LEU C 619 13.19 -39.18 1.61
CA LEU C 619 13.17 -38.70 3.00
C LEU C 619 14.59 -38.68 3.56
N GLN C 620 15.38 -39.74 3.26
CA GLN C 620 16.79 -39.84 3.67
C GLN C 620 17.66 -38.86 2.88
N PHE C 621 17.32 -38.63 1.61
CA PHE C 621 18.04 -37.70 0.75
C PHE C 621 17.86 -36.26 1.32
N ALA C 622 16.61 -35.94 1.76
CA ALA C 622 16.24 -34.66 2.36
C ALA C 622 16.97 -34.50 3.71
N ASP C 623 16.92 -35.53 4.58
CA ASP C 623 17.56 -35.56 5.89
C ASP C 623 19.07 -35.34 5.84
N LEU C 624 19.72 -35.70 4.71
CA LEU C 624 21.17 -35.54 4.55
C LEU C 624 21.61 -34.09 4.37
N HIS C 625 20.64 -33.19 4.07
CA HIS C 625 20.87 -31.75 3.93
C HIS C 625 20.78 -31.08 5.30
N ASP C 626 19.98 -31.66 6.21
CA ASP C 626 19.63 -31.19 7.55
C ASP C 626 20.67 -31.44 8.66
N ARG C 627 21.93 -31.61 8.31
CA ARG C 627 22.97 -31.96 9.29
C ARG C 627 23.85 -30.79 9.71
N SER C 628 24.47 -30.92 10.89
CA SER C 628 25.37 -29.91 11.47
C SER C 628 26.58 -29.58 10.58
N SER C 629 26.97 -30.53 9.71
CA SER C 629 28.07 -30.39 8.74
C SER C 629 27.73 -29.36 7.67
N ARG C 630 26.46 -29.32 7.22
CA ARG C 630 25.96 -28.32 6.28
C ARG C 630 25.95 -26.96 6.98
N MET C 631 25.47 -26.94 8.26
CA MET C 631 25.40 -25.74 9.10
C MET C 631 26.77 -25.10 9.23
N VAL C 632 27.84 -25.93 9.44
CA VAL C 632 29.24 -25.50 9.51
C VAL C 632 29.71 -24.95 8.16
N ALA C 633 29.48 -25.73 7.07
CA ALA C 633 29.87 -25.36 5.70
C ALA C 633 29.22 -24.05 5.25
N LYS C 634 27.98 -23.83 5.65
CA LYS C 634 27.25 -22.61 5.29
C LYS C 634 27.54 -21.41 6.25
N GLY C 635 28.27 -21.66 7.35
CA GLY C 635 28.66 -20.64 8.33
C GLY C 635 27.55 -20.11 9.21
N VAL C 636 26.49 -20.91 9.47
CA VAL C 636 25.34 -20.51 10.28
C VAL C 636 25.50 -20.89 11.77
N ILE C 637 26.44 -21.79 12.08
CA ILE C 637 26.79 -22.17 13.45
C ILE C 637 28.28 -21.92 13.65
N SER C 638 28.69 -21.67 14.90
CA SER C 638 30.08 -21.43 15.25
C SER C 638 30.90 -22.72 15.21
N LYS C 639 30.30 -23.84 15.65
CA LYS C 639 30.94 -25.16 15.70
C LYS C 639 29.89 -26.24 15.87
N GLU C 640 30.21 -27.46 15.40
CA GLU C 640 29.38 -28.62 15.71
C GLU C 640 30.01 -29.29 16.93
N LEU C 641 29.19 -29.76 17.87
CA LEU C 641 29.72 -30.31 19.10
C LEU C 641 29.23 -31.71 19.38
N GLU C 642 29.91 -32.38 20.32
CA GLU C 642 29.52 -33.69 20.80
C GLU C 642 29.04 -33.46 22.21
N TRP C 643 27.79 -33.84 22.48
CA TRP C 643 27.11 -33.69 23.74
C TRP C 643 27.97 -34.03 24.97
N THR C 644 28.67 -35.17 24.95
CA THR C 644 29.50 -35.63 26.08
C THR C 644 30.60 -34.64 26.43
N GLU C 645 31.09 -33.92 25.41
CA GLU C 645 32.16 -32.95 25.61
C GLU C 645 31.68 -31.48 25.76
N ALA C 646 30.34 -31.24 25.69
CA ALA C 646 29.70 -29.93 25.73
C ALA C 646 29.96 -29.14 27.01
N ARG C 647 29.95 -29.80 28.18
CA ARG C 647 30.23 -29.13 29.46
C ARG C 647 31.65 -28.54 29.53
N ARG C 648 32.65 -29.31 29.09
CA ARG C 648 34.04 -28.87 29.05
C ARG C 648 34.18 -27.73 28.04
N PHE C 649 33.52 -27.87 26.87
CA PHE C 649 33.57 -26.85 25.83
C PHE C 649 32.90 -25.52 26.28
N PHE C 650 31.68 -25.60 26.79
CA PHE C 650 30.88 -24.43 27.20
C PHE C 650 31.44 -23.72 28.41
N PHE C 651 32.03 -24.46 29.36
CA PHE C 651 32.64 -23.84 30.53
C PHE C 651 33.71 -22.83 30.10
N TRP C 652 34.64 -23.25 29.23
CA TRP C 652 35.72 -22.38 28.76
C TRP C 652 35.26 -21.33 27.76
N ARG C 653 34.26 -21.66 26.91
CA ARG C 653 33.73 -20.68 25.98
C ARG C 653 33.07 -19.53 26.78
N LEU C 654 32.26 -19.86 27.79
CA LEU C 654 31.59 -18.88 28.62
C LEU C 654 32.55 -18.06 29.45
N ARG C 655 33.51 -18.72 30.12
CA ARG C 655 34.54 -18.09 30.94
C ARG C 655 35.37 -17.12 30.09
N ARG C 656 35.74 -17.54 28.89
CA ARG C 656 36.48 -16.68 27.95
C ARG C 656 35.62 -15.47 27.52
N ARG C 657 34.32 -15.71 27.16
CA ARG C 657 33.37 -14.68 26.75
C ARG C 657 33.16 -13.65 27.86
N LEU C 658 33.00 -14.11 29.12
CA LEU C 658 32.86 -13.21 30.25
C LEU C 658 34.09 -12.34 30.46
N ASN C 659 35.28 -12.88 30.22
CA ASN C 659 36.53 -12.13 30.37
C ASN C 659 36.66 -11.11 29.28
N GLU C 660 36.42 -11.48 28.01
CA GLU C 660 36.47 -10.55 26.91
C GLU C 660 35.39 -9.44 27.03
N GLU C 661 34.17 -9.81 27.49
CA GLU C 661 33.06 -8.86 27.76
C GLU C 661 33.49 -7.80 28.77
N TYR C 662 34.17 -8.20 29.85
CA TYR C 662 34.72 -7.27 30.85
C TYR C 662 35.68 -6.24 30.20
N LEU C 663 36.58 -6.72 29.34
CA LEU C 663 37.56 -5.90 28.64
C LEU C 663 36.92 -4.92 27.66
N ILE C 664 35.87 -5.37 26.91
CA ILE C 664 35.10 -4.54 25.96
C ILE C 664 34.44 -3.38 26.71
N LYS C 665 33.89 -3.66 27.93
CA LYS C 665 33.25 -2.62 28.74
C LYS C 665 34.25 -1.60 29.24
N ARG C 666 35.41 -2.03 29.75
CA ARG C 666 36.46 -1.13 30.23
C ARG C 666 36.90 -0.21 29.10
N LEU C 667 37.00 -0.73 27.90
CA LEU C 667 37.38 0.03 26.73
C LEU C 667 36.27 1.00 26.27
N SER C 668 34.99 0.63 26.51
CA SER C 668 33.82 1.45 26.20
C SER C 668 33.83 2.76 26.98
N HIS C 669 34.43 2.73 28.20
CA HIS C 669 34.54 3.88 29.10
C HIS C 669 35.53 4.98 28.66
N GLN C 670 36.15 4.86 27.47
CA GLN C 670 37.09 5.86 26.94
C GLN C 670 36.92 6.14 25.46
N ALA C 674 33.69 4.20 19.25
CA ALA C 674 34.16 3.03 18.48
C ALA C 674 33.14 1.88 18.47
N SER C 675 33.10 1.11 17.36
CA SER C 675 32.20 -0.03 17.27
C SER C 675 32.73 -1.21 18.13
N ARG C 676 31.85 -2.19 18.43
CA ARG C 676 32.19 -3.39 19.18
C ARG C 676 33.28 -4.17 18.43
N LEU C 677 33.15 -4.27 17.10
CA LEU C 677 34.10 -4.93 16.20
C LEU C 677 35.50 -4.34 16.34
N GLU C 678 35.60 -3.01 16.48
CA GLU C 678 36.86 -2.29 16.63
C GLU C 678 37.39 -2.54 18.03
N LYS C 679 36.48 -2.60 19.02
CA LYS C 679 36.84 -2.81 20.43
C LYS C 679 37.43 -4.21 20.69
N ILE C 680 36.82 -5.31 20.18
CA ILE C 680 37.42 -6.65 20.37
C ILE C 680 38.71 -6.77 19.67
N ALA C 681 38.77 -6.30 18.41
CA ALA C 681 39.99 -6.33 17.60
C ALA C 681 41.17 -5.64 18.31
N ARG C 682 40.93 -4.55 19.04
CA ARG C 682 41.96 -3.86 19.81
C ARG C 682 42.39 -4.72 21.02
N ILE C 683 41.42 -5.29 21.76
CA ILE C 683 41.65 -6.16 22.93
C ILE C 683 42.50 -7.38 22.53
N ARG C 684 42.14 -8.02 21.41
CA ARG C 684 42.80 -9.20 20.88
C ARG C 684 44.19 -8.90 20.31
N SER C 685 44.44 -7.65 19.89
CA SER C 685 45.74 -7.23 19.40
C SER C 685 46.75 -7.14 20.58
N TRP C 686 46.26 -7.11 21.83
CA TRP C 686 47.05 -7.08 23.06
C TRP C 686 47.52 -8.47 23.51
N TYR C 687 46.83 -9.52 23.02
CA TYR C 687 47.17 -10.90 23.36
C TYR C 687 48.54 -11.20 22.77
N PRO C 688 49.42 -11.94 23.48
CA PRO C 688 50.72 -12.33 22.87
C PRO C 688 50.50 -13.05 21.54
N ALA C 689 51.43 -12.86 20.58
CA ALA C 689 51.39 -13.47 19.24
C ALA C 689 51.18 -14.98 19.27
N SER C 690 51.68 -15.63 20.33
CA SER C 690 51.56 -17.05 20.48
C SER C 690 50.18 -17.53 20.92
N VAL C 691 49.36 -16.64 21.53
CA VAL C 691 48.01 -17.02 21.96
C VAL C 691 47.10 -17.25 20.73
N ASP C 692 46.46 -18.42 20.65
CA ASP C 692 45.49 -18.77 19.63
C ASP C 692 44.15 -18.13 20.09
N HIS C 693 43.64 -17.18 19.29
CA HIS C 693 42.40 -16.43 19.55
C HIS C 693 41.19 -17.33 19.62
N GLU C 694 41.28 -18.47 18.96
CA GLU C 694 40.25 -19.49 18.93
C GLU C 694 40.30 -20.45 20.13
N ASP C 695 41.36 -20.41 20.97
CA ASP C 695 41.46 -21.29 22.15
C ASP C 695 40.94 -20.54 23.36
N ASP C 696 39.73 -20.94 23.80
CA ASP C 696 38.99 -20.32 24.90
C ASP C 696 39.72 -20.38 26.21
N ARG C 697 40.23 -21.57 26.57
CA ARG C 697 40.97 -21.78 27.83
C ARG C 697 42.22 -20.93 27.88
N GLN C 698 42.99 -20.91 26.78
CA GLN C 698 44.21 -20.15 26.67
C GLN C 698 43.93 -18.65 26.79
N VAL C 699 42.91 -18.16 26.05
CA VAL C 699 42.50 -16.75 26.10
C VAL C 699 42.05 -16.37 27.52
N ALA C 700 41.15 -17.17 28.14
CA ALA C 700 40.64 -16.91 29.50
C ALA C 700 41.79 -16.89 30.49
N THR C 701 42.69 -17.89 30.44
CA THR C 701 43.87 -18.02 31.30
C THR C 701 44.79 -16.80 31.17
N TRP C 702 45.08 -16.39 29.94
CA TRP C 702 45.92 -15.22 29.74
C TRP C 702 45.33 -13.96 30.37
N ILE C 703 44.02 -13.70 30.11
CA ILE C 703 43.34 -12.52 30.66
C ILE C 703 43.40 -12.54 32.17
N GLU C 704 43.02 -13.65 32.81
CA GLU C 704 42.99 -13.74 34.29
C GLU C 704 44.36 -13.61 34.96
N GLU C 705 45.43 -14.01 34.27
CA GLU C 705 46.82 -13.87 34.75
C GLU C 705 47.29 -12.41 34.59
N ASN C 706 46.63 -11.64 33.71
CA ASN C 706 47.00 -10.29 33.32
C ASN C 706 46.00 -9.17 33.55
N TYR C 707 45.01 -9.35 34.43
CA TYR C 707 44.01 -8.30 34.68
C TYR C 707 44.61 -6.94 35.05
N LYS C 708 45.57 -6.93 35.97
CA LYS C 708 46.23 -5.73 36.49
C LYS C 708 47.18 -5.12 35.47
N THR C 709 47.77 -5.95 34.59
CA THR C 709 48.61 -5.49 33.48
C THR C 709 47.73 -4.82 32.42
N LEU C 710 46.57 -5.43 32.11
CA LEU C 710 45.58 -4.91 31.14
C LEU C 710 44.98 -3.61 31.67
N ASP C 711 44.76 -3.53 32.97
CA ASP C 711 44.30 -2.35 33.68
C ASP C 711 45.35 -1.21 33.55
N ASP C 712 46.67 -1.52 33.59
CA ASP C 712 47.75 -0.53 33.37
C ASP C 712 47.66 0.01 31.96
N LYS C 713 47.42 -0.87 30.95
CA LYS C 713 47.31 -0.47 29.56
C LYS C 713 46.05 0.40 29.34
N LEU C 714 44.92 0.02 29.98
CA LEU C 714 43.64 0.72 29.94
C LEU C 714 43.81 2.14 30.53
N LYS C 715 44.25 2.24 31.81
CA LYS C 715 44.49 3.49 32.54
C LYS C 715 45.48 4.43 31.84
N GLY C 716 46.42 3.87 31.09
CA GLY C 716 47.41 4.62 30.33
C GLY C 716 46.84 5.13 29.03
N LEU C 717 45.97 4.31 28.40
CA LEU C 717 45.28 4.62 27.14
C LEU C 717 44.39 5.84 27.38
N LYS C 718 43.65 5.86 28.52
CA LYS C 718 42.75 6.93 28.96
C LYS C 718 43.56 8.14 29.51
N LEU C 719 44.58 8.59 28.74
CA LEU C 719 45.44 9.73 29.10
C LEU C 719 45.98 10.45 27.85
N GLU C 720 45.28 11.56 27.49
CA GLU C 720 45.59 12.46 26.36
C GLU C 720 45.66 13.92 26.82
N3 57J D . -27.11 37.18 -33.00
C4 57J D . -28.78 38.55 -31.81
N2 57J D . -29.95 42.96 -31.36
C7 57J D . -30.40 40.73 -31.46
C6 57J D . -29.01 40.90 -31.62
C9 57J D . -27.95 37.32 -31.91
C13 57J D . -27.55 37.18 -35.45
C20 57J D . -23.41 38.28 -38.29
C21 57J D . -23.82 37.76 -37.06
C8 57J D . -28.78 42.32 -31.54
C18 57J D . -25.28 37.21 -39.39
C16 57J D . -26.87 35.83 -38.09
C19 57J D . -24.13 37.99 -39.46
C1 57J D . -32.46 39.34 -31.19
C2 57J D . -31.01 39.46 -31.44
C3 57J D . -30.17 38.38 -31.62
C5 57J D . -28.18 39.79 -31.79
N1 57J D . -30.92 42.00 -31.31
O1 57J D . -27.95 36.49 -31.00
C10 57J D . -26.18 36.04 -33.12
C11 57J D . -26.54 35.16 -34.32
C12 57J D . -26.60 35.99 -35.61
C14 57J D . -27.19 38.01 -34.21
C15 57J D . -27.04 35.11 -36.79
O2 57J D . -27.65 35.66 -39.02
C17 57J D . -25.71 36.69 -38.17
C22 57J D . -24.97 36.97 -37.02
O3 57J D . -25.27 36.46 -35.80
C23 57J D . -22.21 39.14 -38.35
C24 57J D . -23.65 38.50 -40.77
H13 57J D . -28.59 36.81 -35.38
H12 57J D . -27.54 37.83 -36.35
H19 57J D . -23.26 37.97 -36.15
H7 57J D . -27.83 42.84 -31.62
H18 57J D . -25.86 36.99 -40.30
H3 57J D . -32.84 38.32 -31.38
H4 57J D . -32.70 39.56 -30.14
H2 57J D . -33.05 40.02 -31.81
H5 57J D . -30.58 37.35 -31.60
H6 57J D . -27.09 39.91 -31.89
H1 57J D . -31.90 42.26 -31.15
H9 57J D . -26.18 35.42 -32.19
H8 57J D . -25.15 36.43 -33.21
H11 57J D . -27.51 34.65 -34.17
H10 57J D . -25.79 34.34 -34.42
H14 57J D . -27.93 38.84 -34.11
H15 57J D . -26.20 38.51 -34.37
H17 57J D . -28.08 34.75 -36.64
H16 57J D . -26.42 34.18 -36.83
H21 57J D . -21.74 39.31 -37.37
H20 57J D . -22.44 40.13 -38.76
H22 57J D . -21.43 38.69 -38.99
H23 57J D . -23.62 39.60 -40.79
H25 57J D . -24.30 38.20 -41.61
H24 57J D . -22.64 38.15 -41.01
S SO4 E . -19.70 -9.62 -14.20
O1 SO4 E . -18.52 -10.42 -13.89
O2 SO4 E . -20.16 -9.96 -15.53
O3 SO4 E . -20.76 -9.89 -13.24
O4 SO4 E . -19.36 -8.19 -14.16
S SO4 F . -4.05 24.83 -61.99
O1 SO4 F . -4.48 23.43 -62.01
O2 SO4 F . -3.83 25.31 -63.35
O3 SO4 F . -5.10 25.64 -61.40
O4 SO4 F . -2.83 24.96 -61.18
N3 57J G . -16.22 -1.04 41.57
C4 57J G . -16.93 -1.19 43.93
N2 57J G . -20.45 -2.67 46.48
C7 57J G . -18.25 -2.25 46.09
C6 57J G . -18.97 -1.86 44.93
C9 57J G . -16.16 -0.53 42.85
C13 57J G . -15.67 -3.31 40.71
C20 57J G . -17.84 -4.39 36.25
C21 57J G . -17.36 -3.34 37.01
C8 57J G . -20.35 -2.14 45.25
C18 57J G . -16.02 -5.80 37.01
C16 57J G . -14.28 -4.89 38.52
C19 57J G . -17.17 -5.63 36.24
C1 57J G . -16.15 -2.45 47.43
C2 57J G . -16.85 -2.10 46.18
C3 57J G . -16.22 -1.56 45.09
C5 57J G . -18.30 -1.33 43.83
N1 57J G . -19.18 -2.73 47.00
O1 57J G . -15.52 0.49 43.10
C10 57J G . -15.50 -0.40 40.45
C11 57J G . -14.37 -1.32 39.95
C12 57J G . -14.90 -2.69 39.54
C14 57J G . -16.77 -2.37 41.23
C15 57J G . -13.75 -3.60 39.10
O2 57J G . -13.68 -5.94 38.63
C17 57J G . -15.53 -4.75 37.77
C22 57J G . -16.20 -3.53 37.78
O3 57J G . -15.78 -2.43 38.46
C23 57J G . -19.08 -4.21 35.47
C24 57J G . -17.68 -6.75 35.40
H13 57J G . -14.96 -3.57 41.53
H12 57J G . -16.13 -4.28 40.42
H19 57J G . -17.85 -2.36 37.02
H7 57J G . -21.22 -1.97 44.61
H18 57J G . -15.49 -6.76 37.00
H3 57J G . -16.39 -1.74 48.24
H4 57J G . -16.42 -3.45 47.80
H2 57J G . -15.06 -2.44 47.33
H5 57J G . -15.13 -1.40 45.11
H6 57J G . -18.86 -1.00 42.96
H1 57J G . -19.03 -3.09 47.93
H9 57J G . -15.08 0.59 40.74
H8 57J G . -16.22 -0.18 39.63
H11 57J G . -13.59 -1.44 40.73
H10 57J G . -13.85 -0.83 39.10
H14 57J G . -17.27 -2.84 42.10
H15 57J G . -17.55 -2.24 40.45
H17 57J G . -13.06 -3.80 39.94
H16 57J G . -13.13 -3.11 38.33
H21 57J G . -19.60 -3.26 35.66
H20 57J G . -19.82 -5.01 35.67
H22 57J G . -18.89 -4.23 34.39
H23 57J G . -18.65 -7.11 35.78
H25 57J G . -17.00 -7.62 35.38
H24 57J G . -17.82 -6.45 34.36
N3 57J H . 6.51 -29.02 10.14
C4 57J H . 6.26 -29.44 7.72
N2 57J H . 4.09 -32.49 5.09
C7 57J H . 4.97 -30.43 5.53
C6 57J H . 5.23 -31.27 6.64
C9 57J H . 7.02 -28.86 8.86
C13 57J H . 4.37 -28.07 10.95
C20 57J H . 2.73 -30.09 15.38
C21 57J H . 3.85 -29.86 14.60
C8 57J H . 4.66 -32.55 6.31
C18 57J H . 1.78 -27.98 14.70
C16 57J H . 3.05 -26.46 13.21
C19 57J H . 1.70 -29.16 15.44
C1 57J H . 5.16 -28.29 4.27
C2 57J H . 5.39 -29.10 5.49
C3 57J H . 6.03 -28.61 6.61
C5 57J H . 5.91 -30.77 7.76
N1 57J H . 4.28 -31.22 4.61
O1 57J H . 8.12 -28.31 8.68
C10 57J H . 7.23 -28.52 11.32
C11 57J H . 6.57 -27.26 11.88
C12 57J H . 5.08 -27.50 12.18
C14 57J H . 5.09 -29.30 10.40
C15 57J H . 4.42 -26.20 12.65
O2 57J H . 2.15 -25.63 13.11
C17 57J H . 2.90 -27.72 13.92
C22 57J H . 3.93 -28.67 13.88
O3 57J H . 5.09 -28.49 13.20
C23 57J H . 2.64 -31.35 16.17
C24 57J H . 0.50 -29.41 16.28
H13 57J H . 4.30 -27.28 10.16
H12 57J H . 3.31 -28.32 11.20
H19 57J H . 4.68 -30.58 14.55
H7 57J H . 4.65 -33.45 6.92
H18 57J H . 0.97 -27.24 14.74
H3 57J H . 5.85 -28.58 3.46
H4 57J H . 4.14 -28.40 3.87
H2 57J H . 5.30 -27.21 4.43
H5 57J H . 6.37 -27.57 6.64
H6 57J H . 6.15 -31.42 8.60
H1 57J H . 3.94 -30.95 3.70
H9 57J H . 8.30 -28.31 11.09
H8 57J H . 7.25 -29.32 12.09
H11 57J H . 6.66 -26.41 11.16
H10 57J H . 7.10 -26.92 12.79
H14 57J H . 4.55 -29.67 9.51
H15 57J H . 5.03 -30.14 11.14
H17 57J H . 4.40 -25.45 11.84
H16 57J H . 5.03 -25.72 13.45
H21 57J H . 3.45 -32.06 15.95
H20 57J H . 1.69 -31.89 15.98
H22 57J H . 2.68 -31.15 17.25
H23 57J H . -0.08 -30.26 15.90
H25 57J H . -0.19 -28.56 16.34
H24 57J H . 0.77 -29.65 17.32
S SO4 I . 36.43 -16.24 18.64
O1 SO4 I . 37.70 -15.69 18.16
O2 SO4 I . 36.25 -17.60 18.13
O3 SO4 I . 35.30 -15.42 18.18
O4 SO4 I . 36.42 -16.29 20.09
S SO4 J . 46.96 -0.05 21.59
O1 SO4 J . 48.02 -0.61 20.74
O2 SO4 J . 45.73 -0.81 21.41
O3 SO4 J . 47.35 -0.09 23.00
O4 SO4 J . 46.73 1.35 21.20
S SO4 K . -4.13 -21.51 47.00
O1 SO4 K . -3.45 -22.42 47.93
O2 SO4 K . -4.17 -22.12 45.69
O3 SO4 K . -5.50 -21.27 47.45
O4 SO4 K . -3.40 -20.24 46.96
#